data_6O7H
#
_entry.id   6O7H
#
loop_
_entity.id
_entity.type
_entity.pdbx_description
1 polymer 'CRISPR system single-strand-specific deoxyribonuclease Cas10/Csm1 (subtype III-A)'
2 polymer Csm2
3 polymer Csm3
4 polymer Csm4
5 polymer 'RNA (38-MER)'
6 polymer 'RNA (40-MER)'
7 polymer Csm5
8 polymer 'Cyclic DNA cA4'
9 non-polymer 'ZINC ION'
10 non-polymer "GUANOSINE-5'-MONOPHOSPHATE"
#
loop_
_entity_poly.entity_id
_entity_poly.type
_entity_poly.pdbx_seq_one_letter_code
_entity_poly.pdbx_strand_id
1 'polypeptide(L)'
;MGSSHHHHHHSQDPMEIDELTALGGLLHDIGKPVQRAGLYSGDHSTQGARFLRDLAENTGRAEYELLSLFSEFHHKGHMK
NDELMIRRIKELSPERFGLTMEDVLNALWIVYEADNLASGEREEGQPQASRPLYSVFNPGKAYPWAELDFEKELPVPGDV
FSIRSQDYRELVKRLWEELSKAKLRSDRLLPVLEKYLTFVSSVTSEGNIISLYDHMRMTSAIALAMLRAGCTAEDVRSGR
CRKEKRFLLIEGDFSGIQDFIYRVSGKGTLKYLRARSAYLELIGWDVVLEILSRLGLTRANVVFNAGGHFMIIAQNTPDA
VKELEEIRAKAVEWLYREFESDLYLAIEWEPVSGREFGREGGKNLFAEARKRLKHKLTVRKLKRFGEIKGLFEHGHTERL
AECPVCGRELPEGKLEPSASDPETKVCPTCNRLVSLGGNLPKLLGFGRTAKNDAGVLVEGPFSGFVPYLQGGRPVGEQIL
VKNTLNPGEIPESAQFVPYFVADYFKKDPKGGVATFEELSMASTGTRRLGVMKGDVDRLGEFFSSMDSPSKLATASRFMD
YFFKGYIGAIIEGKFGYIIGDVPSLRDWPEEPDIVVVYAGGDDFFIVGAWDQIFELAFRVRRAFNAYTGGKLTLSVGLGY
FDERTPIYRMADVVSERLDTAKDEGRNRVFVVGRSRPLDGKHKLSYEWNHYEELWRTYAPRIYAGNGRLKGKLESKKGLL
WKLLEIRELYVRDPNDVRWAYLTAYLLGRHGLSDLFPELVGIDTKAVERKEPQPVYWVDGVLKIVLMAVRR
;
A
2 'polypeptide(L)'
;GSVAYHQKHGGYGRGGYGRQDRPQVDASRLFGESPDVVGIKKMLEGKGKQWEAIQPYFDNVVREAKNFLEWSPNKRLANA
VTVAAYLTSQGLKTNQVRKILDMARTTELKVKRGEGDIKDDLVKMRYLLAYTVGKATGQSKYSLDAFHRILDPMLEVLMG
SPKKENFEKFYDFLQAVVAYHKFFGGGD
;
B
3 'polypeptide(L)'
;GSMDRRFYGKIVIKGKIKAVTGLHIGSQRDISEIGGIANPVIKDPHTGLPYIPGSSLKGRLRSLFEILVNSRLGEWREKY
PSLANYSPGSCRPDNQENCGKFFNRKINRGWIHVCPDYETALACPVCRLFGASGKESNFPSRIIVRDAFLTKEWEEKWRA
GEAITEAKIEVGIDRVTSQANPRTNERVVAGAEFEFEIIYNVENTTHWRDDIKNLLTAMALLEDSYLGGSGSRGYGKVKF
IFDSFEFRPLDYYRTGKDEDIVSIDAREKSVSDILSGFDSLFSEVEGKLEAG
;
C,D
4 'polypeptide(L)'
;MPKFIAVKLIPKGPFRDIPRADTLFGAIGNAISAIHGQSAVEELVDAFVGGARISSAFPYSGDTYYLPKPLSVEPALEGI
LTGLDEEERYTTAKRLRKAKYLDLKNFELALRLRPFTIPEEIPYARVDVPRVVLDRVTQDSSIYFWEEIRFREKSGVYFL
YSGPREVFDGYIAPAMRFLGDTGIGGKSTWGAGLFEVEFHEMKIDAPGSEYSVTLSNALPTKTPVLWRLLRKGGWSFGRR
KPRMTFIAEGSIVKNDPGGMERLELGLSHEVYVYGLTFPLGVELPEGLE
;
E
5 'polyribonucleotide' GUGGAAAGGCGGGCAGAGGCGGUUUGCGUAUUGGGCGC G
6 'polyribonucleotide' CCCUGGCGCCCAAUACGCAAACCGCCUCUGCCCGCGGGCG H
7 'polypeptide(L)'
;MTERTLKVLSPLHIGTGNELTPVDIYPRENIIHVLDTER(UNK)(UNK)(UNK)(UNK)(UNK)(UNK)(UNK)(UNK)
(UNK)(UNK)(UNK)(UNK)(UNK)(UNK)(UNK)(UNK)(UNK)(UNK)(UNK)(UNK)(UNK)(UNK)(UNK)(UNK)
(UNK)(UNK)(UNK)(UNK)(UNK)(UNK)(UNK)(UNK)(UNK)(UNK)(UNK)(UNK)(UNK)(UNK)(UNK)(UNK)
(UNK)(UNK)(UNK)(UNK)(UNK)(UNK)(UNK)(UNK)(UNK)RKSMQIKEFIKLNGRPYIPGSSLKGAIRTAVLYKA
LKEC(UNK)(UNK)(UNK)(UNK)(UNK)(UNK)(UNK)(UNK)(UNK)(UNK)(UNK)(UNK)(UNK)(UNK)(UNK)
(UNK)(UNK)(UNK)(UNK)(UNK)(UNK)(UNK)(UNK)(UNK)(UNK)(UNK)(UNK)(UNK)(UNK)(UNK)(UNK)
(UNK)(UNK)(UNK)(UNK)(UNK)(UNK)(UNK)(UNK)(UNK)(UNK)(UNK)(UNK)(UNK)IRYEPKRDPMKALIV
RDSKPVGRKHLAVYHVEVIGNPQPIPIWVEAIEPGAATDVEIHVDTEALRLNADYFNGLLWECLKERGEPGEVFEDFLWE
AVDEFYTAVMKYETIEVQKFGRYTSQVRSFYASLEDHSGHVLRLGWGSGWLAMTIGLLLVEKGYKWENVRKKLGLGKKPG
GSGFSREFPKTRRLADGMPMGWVVLEHHHHHH
;
F
8 'polyribonucleotide' AAAA K
#
# COMPACT_ATOMS: atom_id res chain seq x y z
N GLU A 16 -26.42 -23.25 -59.99
CA GLU A 16 -25.04 -23.73 -59.92
C GLU A 16 -24.92 -24.84 -58.90
N ILE A 17 -23.98 -25.77 -59.15
CA ILE A 17 -23.82 -26.91 -58.26
C ILE A 17 -23.08 -26.51 -56.98
N ASP A 18 -22.38 -25.37 -56.99
CA ASP A 18 -21.70 -24.88 -55.80
C ASP A 18 -22.69 -24.43 -54.74
N GLU A 19 -23.72 -23.69 -55.15
CA GLU A 19 -24.73 -23.22 -54.21
C GLU A 19 -25.71 -24.33 -53.85
N LEU A 20 -25.88 -25.28 -54.77
CA LEU A 20 -26.87 -26.34 -54.57
C LEU A 20 -26.38 -27.44 -53.63
N THR A 21 -25.09 -27.77 -53.67
CA THR A 21 -24.55 -28.76 -52.74
C THR A 21 -24.46 -28.20 -51.32
N ALA A 22 -24.10 -26.93 -51.19
CA ALA A 22 -24.01 -26.29 -49.87
C ALA A 22 -25.39 -26.10 -49.25
N LEU A 23 -26.34 -25.56 -50.01
CA LEU A 23 -27.69 -25.39 -49.46
C LEU A 23 -28.46 -26.69 -49.37
N GLY A 24 -27.99 -27.76 -50.01
CA GLY A 24 -28.62 -29.06 -49.80
C GLY A 24 -28.23 -29.66 -48.46
N GLY A 25 -26.95 -29.59 -48.11
CA GLY A 25 -26.49 -30.14 -46.85
C GLY A 25 -26.89 -29.33 -45.64
N LEU A 26 -27.03 -28.01 -45.83
CA LEU A 26 -27.47 -27.09 -44.75
C LEU A 26 -28.92 -27.37 -44.38
N LEU A 27 -29.76 -27.63 -45.40
CA LEU A 27 -31.22 -27.86 -45.22
C LEU A 27 -31.57 -29.34 -45.29
N HIS A 28 -30.58 -30.23 -45.28
CA HIS A 28 -30.85 -31.69 -45.37
C HIS A 28 -31.68 -32.17 -44.17
N ASP A 29 -31.43 -31.61 -42.98
CA ASP A 29 -32.13 -32.03 -41.73
C ASP A 29 -33.37 -31.17 -41.51
N ILE A 30 -33.71 -30.29 -42.47
CA ILE A 30 -34.94 -29.46 -42.31
C ILE A 30 -36.14 -30.41 -42.23
N GLY A 31 -37.11 -30.06 -41.39
CA GLY A 31 -38.28 -30.93 -41.17
C GLY A 31 -38.10 -31.74 -39.91
N LYS A 32 -36.88 -31.74 -39.36
CA LYS A 32 -36.66 -32.41 -38.06
C LYS A 32 -37.50 -31.62 -37.04
N PRO A 33 -37.49 -30.27 -37.08
CA PRO A 33 -38.30 -29.44 -36.17
C PRO A 33 -39.78 -29.41 -36.50
N VAL A 34 -40.19 -29.90 -37.67
CA VAL A 34 -41.61 -30.05 -37.94
C VAL A 34 -42.10 -31.45 -37.59
N GLN A 35 -41.19 -32.38 -37.27
CA GLN A 35 -41.59 -33.70 -36.82
C GLN A 35 -41.59 -33.79 -35.30
N ARG A 36 -40.71 -33.01 -34.65
CA ARG A 36 -40.88 -32.76 -33.23
C ARG A 36 -42.10 -31.91 -32.95
N ALA A 37 -42.56 -31.13 -33.93
CA ALA A 37 -43.82 -30.41 -33.82
C ALA A 37 -45.00 -31.29 -34.21
N GLY A 38 -44.92 -31.92 -35.38
CA GLY A 38 -45.99 -32.79 -35.82
C GLY A 38 -47.02 -32.12 -36.70
N LEU A 39 -46.59 -31.50 -37.80
CA LEU A 39 -47.53 -30.87 -38.73
C LEU A 39 -48.07 -31.87 -39.74
N TYR A 40 -47.31 -32.90 -40.04
CA TYR A 40 -47.65 -33.87 -41.07
C TYR A 40 -47.57 -35.29 -40.49
N SER A 41 -47.61 -36.28 -41.37
CA SER A 41 -47.42 -37.66 -40.97
C SER A 41 -45.95 -37.93 -40.65
N GLY A 42 -45.66 -39.12 -40.13
CA GLY A 42 -44.34 -39.44 -39.59
C GLY A 42 -43.20 -39.53 -40.58
N ASP A 43 -42.04 -40.01 -40.10
CA ASP A 43 -40.81 -40.19 -40.89
C ASP A 43 -40.32 -38.89 -41.51
N HIS A 44 -39.67 -38.04 -40.68
CA HIS A 44 -39.31 -36.65 -40.97
C HIS A 44 -38.68 -36.38 -42.33
N SER A 45 -38.10 -37.38 -42.99
CA SER A 45 -37.66 -37.21 -44.38
C SER A 45 -38.84 -36.96 -45.31
N THR A 46 -40.03 -37.46 -44.96
CA THR A 46 -41.21 -37.15 -45.75
C THR A 46 -41.68 -35.72 -45.50
N GLN A 47 -41.51 -35.21 -44.28
CA GLN A 47 -42.06 -33.90 -43.95
C GLN A 47 -41.20 -32.77 -44.50
N GLY A 48 -39.88 -32.92 -44.44
CA GLY A 48 -38.99 -31.96 -45.05
C GLY A 48 -39.12 -31.86 -46.56
N ALA A 49 -39.60 -32.93 -47.21
CA ALA A 49 -39.99 -32.81 -48.61
C ALA A 49 -41.26 -31.99 -48.75
N ARG A 50 -42.21 -32.16 -47.82
CA ARG A 50 -43.46 -31.41 -47.89
C ARG A 50 -43.31 -30.00 -47.34
N PHE A 51 -42.44 -29.81 -46.35
CA PHE A 51 -42.24 -28.47 -45.79
C PHE A 51 -41.53 -27.57 -46.78
N LEU A 52 -40.70 -28.13 -47.65
CA LEU A 52 -40.02 -27.36 -48.67
C LEU A 52 -40.80 -27.27 -49.97
N ARG A 53 -41.72 -28.21 -50.21
CA ARG A 53 -42.61 -28.10 -51.36
C ARG A 53 -43.62 -26.98 -51.15
N ASP A 54 -44.20 -26.91 -49.95
CA ASP A 54 -45.09 -25.82 -49.60
C ASP A 54 -44.35 -24.49 -49.52
N LEU A 55 -43.07 -24.51 -49.15
CA LEU A 55 -42.30 -23.26 -49.08
C LEU A 55 -41.95 -22.75 -50.47
N ALA A 56 -41.91 -23.64 -51.47
CA ALA A 56 -41.73 -23.21 -52.85
C ALA A 56 -42.99 -22.62 -53.44
N GLU A 57 -44.14 -22.83 -52.80
CA GLU A 57 -45.40 -22.35 -53.36
C GLU A 57 -45.57 -20.85 -53.12
N ASN A 58 -45.60 -20.43 -51.86
CA ASN A 58 -45.81 -19.03 -51.51
C ASN A 58 -44.55 -18.43 -50.90
N THR A 59 -44.25 -17.19 -51.30
CA THR A 59 -43.17 -16.34 -50.79
C THR A 59 -41.82 -17.06 -50.92
N GLY A 60 -41.59 -17.55 -52.13
CA GLY A 60 -40.36 -18.28 -52.41
C GLY A 60 -40.19 -18.59 -53.88
N ARG A 61 -38.99 -18.93 -54.29
CA ARG A 61 -38.72 -19.28 -55.68
C ARG A 61 -38.97 -20.78 -55.90
N ALA A 62 -38.61 -21.25 -57.08
CA ALA A 62 -38.82 -22.66 -57.43
C ALA A 62 -37.63 -23.54 -57.06
N GLU A 63 -36.57 -22.96 -56.49
CA GLU A 63 -35.42 -23.76 -56.12
C GLU A 63 -35.67 -24.51 -54.80
N TYR A 64 -36.59 -24.00 -53.97
CA TYR A 64 -37.06 -24.74 -52.80
C TYR A 64 -37.76 -26.03 -53.18
N GLU A 65 -38.34 -26.10 -54.37
CA GLU A 65 -38.95 -27.34 -54.84
C GLU A 65 -37.91 -28.40 -55.12
N LEU A 66 -36.74 -28.00 -55.62
CA LEU A 66 -35.69 -28.96 -55.95
C LEU A 66 -34.82 -29.26 -54.73
N LEU A 67 -34.80 -28.37 -53.73
CA LEU A 67 -34.11 -28.65 -52.48
C LEU A 67 -34.87 -29.60 -51.57
N SER A 68 -36.11 -29.95 -51.92
CA SER A 68 -36.82 -31.00 -51.20
C SER A 68 -36.32 -32.39 -51.57
N LEU A 69 -35.54 -32.51 -52.65
CA LEU A 69 -34.90 -33.77 -52.98
C LEU A 69 -33.81 -34.12 -51.97
N PHE A 70 -33.15 -33.10 -51.41
CA PHE A 70 -32.10 -33.34 -50.43
C PHE A 70 -32.65 -33.78 -49.08
N SER A 71 -33.88 -33.39 -48.75
CA SER A 71 -34.46 -33.74 -47.46
C SER A 71 -35.32 -34.99 -47.51
N GLU A 72 -35.41 -35.67 -48.65
CA GLU A 72 -36.21 -36.88 -48.76
C GLU A 72 -35.37 -38.10 -49.12
N PHE A 73 -34.16 -37.89 -49.64
CA PHE A 73 -33.27 -38.99 -50.02
C PHE A 73 -31.99 -39.02 -49.19
N HIS A 74 -32.10 -38.96 -47.88
CA HIS A 74 -30.97 -39.17 -46.98
C HIS A 74 -31.35 -40.15 -45.88
N HIS A 75 -30.36 -40.46 -45.03
CA HIS A 75 -30.30 -41.52 -44.01
C HIS A 75 -30.33 -42.93 -44.59
N LYS A 76 -30.30 -43.09 -45.92
CA LYS A 76 -30.39 -44.38 -46.63
C LYS A 76 -31.64 -45.16 -46.21
N GLY A 77 -32.82 -44.58 -46.44
CA GLY A 77 -34.08 -45.25 -46.20
C GLY A 77 -35.04 -45.23 -47.37
N HIS A 78 -34.90 -44.26 -48.26
CA HIS A 78 -35.80 -44.13 -49.40
C HIS A 78 -35.01 -44.10 -50.69
N MET A 79 -33.68 -43.99 -50.58
CA MET A 79 -32.78 -43.94 -51.73
C MET A 79 -32.29 -45.35 -52.07
N LYS A 80 -33.25 -46.25 -52.21
CA LYS A 80 -32.98 -47.67 -52.38
C LYS A 80 -32.92 -48.03 -53.86
N ASN A 81 -31.89 -48.81 -54.23
CA ASN A 81 -31.76 -49.51 -55.51
C ASN A 81 -31.59 -48.57 -56.72
N ASP A 82 -31.33 -47.28 -56.46
CA ASP A 82 -31.00 -46.26 -57.45
C ASP A 82 -32.05 -46.09 -58.54
N GLU A 83 -33.32 -46.40 -58.21
CA GLU A 83 -34.41 -46.30 -59.22
C GLU A 83 -35.45 -45.20 -58.93
N LEU A 84 -35.82 -44.99 -57.66
CA LEU A 84 -36.81 -43.96 -57.35
C LEU A 84 -36.18 -42.58 -57.31
N MET A 85 -34.86 -42.48 -57.24
CA MET A 85 -34.21 -41.18 -57.29
C MET A 85 -34.26 -40.58 -58.69
N ILE A 86 -34.14 -41.46 -59.70
CA ILE A 86 -34.16 -41.01 -61.12
C ILE A 86 -35.57 -40.54 -61.50
N ARG A 87 -36.60 -41.29 -61.13
CA ARG A 87 -38.00 -40.94 -61.50
C ARG A 87 -38.42 -39.62 -60.85
N ARG A 88 -38.14 -39.46 -59.55
CA ARG A 88 -38.54 -38.22 -58.81
C ARG A 88 -37.83 -36.99 -59.39
N ILE A 89 -36.52 -37.10 -59.69
CA ILE A 89 -35.76 -35.97 -60.27
C ILE A 89 -36.26 -35.68 -61.69
N LYS A 90 -36.62 -36.73 -62.44
CA LYS A 90 -37.12 -36.61 -63.83
C LYS A 90 -38.42 -35.80 -63.86
N GLU A 91 -39.28 -35.96 -62.85
CA GLU A 91 -40.58 -35.23 -62.79
C GLU A 91 -40.30 -33.72 -62.75
N LEU A 92 -39.30 -33.29 -61.97
CA LEU A 92 -38.91 -31.85 -61.86
C LEU A 92 -38.07 -31.45 -63.08
N SER A 93 -37.93 -30.15 -63.35
CA SER A 93 -37.11 -29.75 -64.53
C SER A 93 -35.74 -29.24 -64.09
N PRO A 94 -34.65 -30.02 -64.24
CA PRO A 94 -33.30 -29.57 -63.89
C PRO A 94 -32.87 -28.43 -64.82
N GLU A 95 -33.26 -28.53 -66.09
CA GLU A 95 -32.91 -27.54 -67.15
C GLU A 95 -33.47 -26.16 -66.79
N ARG A 96 -34.65 -26.09 -66.18
CA ARG A 96 -35.22 -24.76 -65.80
C ARG A 96 -34.26 -24.10 -64.81
N PHE A 97 -33.77 -24.87 -63.84
CA PHE A 97 -32.75 -24.41 -62.85
C PHE A 97 -31.40 -24.24 -63.55
N GLY A 98 -31.17 -25.05 -64.60
CA GLY A 98 -29.93 -25.04 -65.39
C GLY A 98 -28.93 -26.07 -64.87
N LEU A 99 -29.25 -26.71 -63.75
CA LEU A 99 -28.39 -27.76 -63.17
C LEU A 99 -28.46 -29.00 -64.08
N THR A 100 -27.33 -29.67 -64.30
CA THR A 100 -27.30 -30.90 -65.13
C THR A 100 -28.14 -31.97 -64.42
N MET A 101 -28.89 -32.77 -65.18
CA MET A 101 -29.75 -33.81 -64.56
C MET A 101 -28.84 -34.78 -63.79
N GLU A 102 -27.72 -35.19 -64.39
CA GLU A 102 -26.74 -36.07 -63.72
C GLU A 102 -26.09 -35.32 -62.56
N ASP A 103 -25.79 -34.04 -62.76
CA ASP A 103 -25.08 -33.24 -61.75
C ASP A 103 -25.93 -33.03 -60.50
N VAL A 104 -27.25 -32.97 -60.65
CA VAL A 104 -28.16 -32.85 -59.46
C VAL A 104 -28.04 -34.13 -58.64
N LEU A 105 -28.06 -35.29 -59.34
CA LEU A 105 -27.97 -36.63 -58.71
C LEU A 105 -26.63 -36.76 -57.98
N ASN A 106 -25.57 -36.23 -58.57
CA ASN A 106 -24.21 -36.29 -57.99
C ASN A 106 -24.21 -35.57 -56.63
N ALA A 107 -24.89 -34.43 -56.54
CA ALA A 107 -24.96 -33.63 -55.29
C ALA A 107 -25.65 -34.41 -54.18
N LEU A 108 -26.74 -35.13 -54.49
CA LEU A 108 -27.51 -35.88 -53.47
C LEU A 108 -26.59 -36.88 -52.74
N TRP A 109 -25.74 -37.59 -53.48
CA TRP A 109 -24.82 -38.57 -52.85
C TRP A 109 -23.83 -37.85 -51.94
N ILE A 110 -23.32 -36.69 -52.36
CA ILE A 110 -22.35 -35.91 -51.54
C ILE A 110 -23.01 -35.47 -50.24
N VAL A 111 -24.27 -35.01 -50.30
CA VAL A 111 -25.00 -34.56 -49.08
C VAL A 111 -25.17 -35.76 -48.15
N TYR A 112 -25.51 -36.92 -48.70
CA TYR A 112 -25.66 -38.16 -47.92
C TYR A 112 -24.36 -38.53 -47.21
N GLU A 113 -23.23 -38.42 -47.91
CA GLU A 113 -21.95 -38.76 -47.30
C GLU A 113 -21.54 -37.79 -46.21
N ALA A 114 -21.78 -36.49 -46.42
CA ALA A 114 -21.39 -35.49 -45.43
C ALA A 114 -22.25 -35.52 -44.18
N ASP A 115 -23.44 -36.13 -44.26
CA ASP A 115 -24.26 -36.30 -43.06
C ASP A 115 -23.65 -37.34 -42.12
N ASN A 116 -23.05 -38.39 -42.68
CA ASN A 116 -22.43 -39.42 -41.85
C ASN A 116 -21.07 -38.99 -41.33
N LEU A 117 -20.39 -38.08 -42.01
CA LEU A 117 -19.06 -37.63 -41.61
C LEU A 117 -19.14 -36.55 -40.53
N ALA A 118 -20.34 -36.04 -40.31
CA ALA A 118 -20.51 -34.92 -39.38
C ALA A 118 -21.04 -35.35 -38.04
N SER A 119 -21.72 -36.49 -37.98
CA SER A 119 -22.28 -36.95 -36.71
C SER A 119 -21.71 -38.30 -36.28
N GLY A 120 -21.73 -39.28 -37.17
CA GLY A 120 -21.42 -40.64 -36.79
C GLY A 120 -22.42 -41.25 -35.83
N GLU A 121 -23.68 -40.83 -35.90
CA GLU A 121 -24.71 -41.29 -34.97
C GLU A 121 -25.73 -42.17 -35.67
N PRO A 127 -34.66 -42.32 -30.17
CA PRO A 127 -35.49 -41.51 -31.05
C PRO A 127 -36.92 -41.45 -30.53
N GLN A 128 -37.83 -40.99 -31.41
CA GLN A 128 -39.28 -41.00 -31.23
C GLN A 128 -39.77 -40.13 -30.08
N ALA A 129 -38.91 -39.27 -29.53
CA ALA A 129 -39.31 -38.42 -28.42
C ALA A 129 -39.06 -36.95 -28.76
N SER A 130 -39.69 -36.06 -27.99
CA SER A 130 -39.34 -34.65 -28.00
C SER A 130 -38.47 -34.37 -26.78
N ARG A 131 -37.21 -34.79 -26.88
CA ARG A 131 -36.16 -34.72 -25.87
C ARG A 131 -35.24 -33.54 -26.15
N PRO A 132 -34.92 -32.72 -25.14
CA PRO A 132 -34.22 -31.44 -25.41
C PRO A 132 -32.75 -31.59 -25.74
N LEU A 133 -32.10 -30.45 -25.93
CA LEU A 133 -30.65 -30.42 -26.10
C LEU A 133 -29.98 -30.51 -24.74
N TYR A 134 -29.00 -31.39 -24.62
CA TYR A 134 -28.25 -31.52 -23.38
C TYR A 134 -26.98 -30.69 -23.45
N SER A 135 -26.50 -30.28 -22.28
CA SER A 135 -25.40 -29.34 -22.21
C SER A 135 -24.07 -30.03 -22.49
N VAL A 136 -23.21 -29.35 -23.25
CA VAL A 136 -21.89 -29.89 -23.55
C VAL A 136 -20.99 -29.88 -22.31
N PHE A 137 -21.36 -29.14 -21.27
CA PHE A 137 -20.58 -29.07 -20.04
C PHE A 137 -21.04 -30.09 -19.00
N ASN A 138 -22.34 -30.12 -18.68
CA ASN A 138 -22.93 -31.31 -18.07
C ASN A 138 -23.82 -32.05 -19.04
N PRO A 139 -23.42 -33.24 -19.52
CA PRO A 139 -24.33 -34.08 -20.30
C PRO A 139 -25.52 -34.61 -19.50
N GLY A 140 -25.50 -34.53 -18.17
CA GLY A 140 -26.65 -34.86 -17.37
C GLY A 140 -27.72 -33.79 -17.33
N LYS A 141 -27.37 -32.53 -17.58
CA LYS A 141 -28.30 -31.42 -17.56
C LYS A 141 -28.65 -31.03 -18.99
N ALA A 142 -29.79 -30.34 -19.14
CA ALA A 142 -30.31 -30.02 -20.46
C ALA A 142 -30.76 -28.57 -20.50
N TYR A 143 -30.81 -28.01 -21.73
CA TYR A 143 -31.25 -26.65 -22.01
C TYR A 143 -32.73 -26.63 -22.35
N PRO A 144 -33.51 -25.71 -21.79
CA PRO A 144 -34.82 -25.42 -22.37
C PRO A 144 -34.64 -24.60 -23.64
N TRP A 145 -35.60 -24.73 -24.55
CA TRP A 145 -35.47 -24.05 -25.84
C TRP A 145 -35.74 -22.56 -25.68
N ALA A 146 -34.79 -21.75 -26.14
CA ALA A 146 -34.95 -20.31 -26.24
C ALA A 146 -34.49 -19.87 -27.62
N GLU A 147 -34.46 -18.56 -27.83
CA GLU A 147 -33.90 -17.96 -29.03
C GLU A 147 -32.43 -17.68 -28.78
N LEU A 148 -31.72 -17.22 -29.80
CA LEU A 148 -30.37 -16.73 -29.60
C LEU A 148 -30.43 -15.20 -29.71
N ASP A 149 -30.64 -14.56 -28.57
CA ASP A 149 -30.85 -13.11 -28.51
C ASP A 149 -29.89 -12.38 -27.58
N PHE A 150 -29.30 -13.06 -26.60
CA PHE A 150 -28.44 -12.51 -25.55
C PHE A 150 -29.11 -11.41 -24.75
N GLU A 151 -30.46 -11.40 -24.73
CA GLU A 151 -31.14 -10.27 -24.04
C GLU A 151 -32.22 -10.75 -23.06
N LYS A 152 -31.97 -10.54 -21.76
CA LYS A 152 -32.86 -10.79 -20.59
C LYS A 152 -33.03 -12.27 -20.24
N GLU A 153 -32.35 -13.18 -20.95
CA GLU A 153 -32.46 -14.63 -20.67
C GLU A 153 -31.07 -15.26 -20.73
N LEU A 154 -30.73 -16.03 -19.70
CA LEU A 154 -29.42 -16.73 -19.67
C LEU A 154 -29.70 -18.21 -19.92
N PRO A 155 -29.03 -18.88 -20.88
CA PRO A 155 -29.32 -20.27 -21.13
C PRO A 155 -28.50 -21.03 -20.09
N VAL A 156 -29.17 -21.47 -19.04
CA VAL A 156 -28.50 -22.21 -17.92
C VAL A 156 -29.04 -23.64 -17.95
N PRO A 157 -28.19 -24.68 -18.07
CA PRO A 157 -28.67 -26.06 -18.12
C PRO A 157 -29.41 -26.43 -16.83
N GLY A 158 -30.53 -27.12 -16.97
CA GLY A 158 -31.37 -27.55 -15.83
C GLY A 158 -31.84 -28.98 -16.01
N ASP A 159 -32.27 -29.64 -14.93
CA ASP A 159 -32.75 -31.05 -15.03
C ASP A 159 -34.25 -31.07 -15.40
N VAL A 160 -34.57 -30.62 -16.62
CA VAL A 160 -35.97 -30.63 -17.15
C VAL A 160 -35.93 -31.20 -18.57
N PHE A 161 -35.77 -32.52 -18.69
CA PHE A 161 -35.62 -33.18 -20.01
C PHE A 161 -36.98 -33.47 -20.66
N SER A 162 -37.74 -32.40 -20.98
CA SER A 162 -39.05 -32.55 -21.66
C SER A 162 -39.30 -31.31 -22.53
N ILE A 163 -39.81 -31.52 -23.75
CA ILE A 163 -40.13 -30.38 -24.67
C ILE A 163 -41.60 -30.53 -25.11
N ARG A 164 -42.39 -29.47 -24.91
CA ARG A 164 -43.81 -29.46 -25.32
C ARG A 164 -43.88 -29.34 -26.85
N SER A 165 -44.83 -30.04 -27.47
CA SER A 165 -45.01 -29.98 -28.95
C SER A 165 -45.40 -28.56 -29.39
N GLN A 166 -46.20 -27.88 -28.57
CA GLN A 166 -46.66 -26.49 -28.88
C GLN A 166 -45.45 -25.56 -28.99
N ASP A 167 -44.46 -25.73 -28.11
CA ASP A 167 -43.24 -24.87 -28.17
C ASP A 167 -42.56 -25.11 -29.52
N TYR A 168 -42.46 -26.36 -29.96
CA TYR A 168 -41.86 -26.70 -31.28
C TYR A 168 -42.74 -26.12 -32.39
N ARG A 169 -44.05 -26.20 -32.22
CA ARG A 169 -45.02 -25.68 -33.22
C ARG A 169 -44.82 -24.17 -33.37
N GLU A 170 -44.61 -23.47 -32.25
CA GLU A 170 -44.37 -22.00 -32.28
C GLU A 170 -43.07 -21.73 -33.05
N LEU A 171 -42.04 -22.55 -32.81
CA LEU A 171 -40.72 -22.39 -33.47
C LEU A 171 -40.86 -22.57 -34.99
N VAL A 172 -41.63 -23.57 -35.41
CA VAL A 172 -41.82 -23.86 -36.86
C VAL A 172 -42.50 -22.65 -37.52
N LYS A 173 -43.51 -22.07 -36.87
CA LYS A 173 -44.23 -20.91 -37.44
C LYS A 173 -43.25 -19.73 -37.61
N ARG A 174 -42.43 -19.46 -36.60
CA ARG A 174 -41.43 -18.35 -36.69
C ARG A 174 -40.41 -18.69 -37.79
N LEU A 175 -39.97 -19.95 -37.84
CA LEU A 175 -38.98 -20.40 -38.85
C LEU A 175 -39.57 -20.27 -40.25
N TRP A 176 -40.84 -20.66 -40.42
CA TRP A 176 -41.51 -20.57 -41.74
C TRP A 176 -41.58 -19.11 -42.18
N GLU A 177 -41.92 -18.21 -41.25
CA GLU A 177 -42.01 -16.79 -41.54
C GLU A 177 -40.66 -16.22 -41.95
N GLU A 178 -39.57 -16.66 -41.31
CA GLU A 178 -38.26 -16.09 -41.60
C GLU A 178 -37.60 -16.73 -42.81
N LEU A 179 -37.90 -17.99 -43.12
CA LEU A 179 -37.36 -18.59 -44.35
C LEU A 179 -38.07 -18.09 -45.58
N SER A 180 -39.27 -17.53 -45.44
CA SER A 180 -39.99 -16.99 -46.60
C SER A 180 -39.50 -15.59 -46.96
N LYS A 181 -39.07 -14.82 -45.95
CA LYS A 181 -38.60 -13.43 -46.17
C LYS A 181 -37.08 -13.41 -46.32
N ALA A 182 -36.44 -14.58 -46.34
CA ALA A 182 -34.96 -14.66 -46.42
C ALA A 182 -34.51 -15.11 -47.81
N LYS A 183 -33.47 -14.44 -48.34
CA LYS A 183 -32.89 -14.77 -49.68
C LYS A 183 -32.29 -16.17 -49.61
N LEU A 184 -32.37 -16.93 -50.72
CA LEU A 184 -31.88 -18.34 -50.73
C LEU A 184 -30.36 -18.37 -50.96
N ARG A 185 -29.58 -18.02 -49.94
CA ARG A 185 -28.10 -18.03 -49.99
C ARG A 185 -27.58 -18.64 -48.68
N SER A 186 -26.36 -19.19 -48.67
CA SER A 186 -25.80 -19.81 -47.44
C SER A 186 -25.68 -18.76 -46.33
N ASP A 187 -25.17 -17.57 -46.64
CA ASP A 187 -24.99 -16.53 -45.59
C ASP A 187 -26.34 -16.08 -45.01
N ARG A 188 -27.36 -15.94 -45.87
CA ARG A 188 -28.71 -15.50 -45.38
C ARG A 188 -29.37 -16.58 -44.51
N LEU A 189 -29.32 -17.85 -44.94
CA LEU A 189 -29.96 -18.97 -44.20
C LEU A 189 -29.28 -19.22 -42.84
N LEU A 190 -27.96 -19.20 -42.80
CA LEU A 190 -27.20 -19.46 -41.57
C LEU A 190 -27.62 -18.58 -40.38
N PRO A 191 -27.91 -17.27 -40.50
CA PRO A 191 -28.45 -16.57 -39.33
C PRO A 191 -29.91 -16.90 -39.04
N VAL A 192 -30.67 -17.30 -40.05
CA VAL A 192 -32.08 -17.70 -39.81
C VAL A 192 -32.08 -19.01 -39.01
N LEU A 193 -31.31 -20.00 -39.46
CA LEU A 193 -31.20 -21.34 -38.81
C LEU A 193 -30.58 -21.19 -37.42
N GLU A 194 -29.57 -20.33 -37.26
CA GLU A 194 -28.90 -20.15 -35.96
C GLU A 194 -29.88 -19.63 -34.90
N LYS A 195 -30.76 -18.69 -35.29
CA LYS A 195 -31.72 -18.08 -34.34
C LYS A 195 -32.63 -19.12 -33.69
N TYR A 196 -33.13 -20.10 -34.44
CA TYR A 196 -34.11 -21.07 -33.86
C TYR A 196 -33.57 -22.51 -33.69
N LEU A 197 -32.45 -22.86 -34.35
CA LEU A 197 -31.98 -24.28 -34.21
C LEU A 197 -30.81 -24.39 -33.23
N THR A 198 -30.41 -23.29 -32.57
CA THR A 198 -29.28 -23.34 -31.61
C THR A 198 -29.60 -24.24 -30.41
N PHE A 199 -30.83 -24.18 -29.89
CA PHE A 199 -31.19 -24.95 -28.67
C PHE A 199 -32.05 -26.19 -28.98
N VAL A 200 -32.01 -26.67 -30.22
CA VAL A 200 -32.73 -27.87 -30.63
C VAL A 200 -31.71 -28.98 -30.81
N SER A 201 -32.00 -30.14 -30.24
CA SER A 201 -31.08 -31.27 -30.36
C SER A 201 -31.18 -31.88 -31.74
N SER A 202 -30.06 -32.39 -32.24
CA SER A 202 -30.02 -32.89 -33.61
C SER A 202 -30.65 -34.28 -33.69
N VAL A 203 -30.05 -35.25 -33.02
CA VAL A 203 -30.58 -36.61 -32.94
C VAL A 203 -31.18 -36.79 -31.56
N THR A 204 -32.44 -37.24 -31.50
CA THR A 204 -33.12 -37.44 -30.22
C THR A 204 -32.54 -38.67 -29.52
N SER A 205 -31.73 -38.42 -28.50
CA SER A 205 -31.16 -39.49 -27.68
C SER A 205 -30.84 -38.91 -26.31
N GLU A 206 -30.67 -39.79 -25.32
CA GLU A 206 -30.33 -39.37 -23.96
C GLU A 206 -28.87 -38.90 -23.96
N GLY A 207 -28.66 -37.65 -23.57
CA GLY A 207 -27.32 -37.11 -23.49
C GLY A 207 -26.73 -36.70 -24.83
N ASN A 208 -27.58 -36.29 -25.76
CA ASN A 208 -27.09 -35.72 -27.02
C ASN A 208 -26.72 -34.26 -26.78
N ILE A 209 -25.47 -33.92 -27.06
CA ILE A 209 -24.95 -32.61 -26.70
C ILE A 209 -24.51 -31.85 -27.94
N ILE A 210 -25.02 -32.25 -29.10
CA ILE A 210 -24.74 -31.59 -30.37
C ILE A 210 -25.97 -30.81 -30.80
N SER A 211 -25.81 -29.52 -31.02
CA SER A 211 -26.86 -28.64 -31.52
C SER A 211 -27.24 -29.03 -32.95
N LEU A 212 -28.51 -28.78 -33.29
CA LEU A 212 -28.98 -29.06 -34.64
C LEU A 212 -28.43 -28.08 -35.66
N TYR A 213 -28.22 -26.83 -35.26
CA TYR A 213 -27.60 -25.85 -36.15
C TYR A 213 -26.17 -26.24 -36.50
N ASP A 214 -25.42 -26.68 -35.48
CA ASP A 214 -24.00 -27.08 -35.67
C ASP A 214 -23.93 -28.29 -36.62
N HIS A 215 -24.82 -29.27 -36.44
CA HIS A 215 -24.81 -30.46 -37.33
C HIS A 215 -25.13 -30.05 -38.77
N MET A 216 -26.13 -29.20 -38.96
CA MET A 216 -26.51 -28.74 -40.32
C MET A 216 -25.37 -27.89 -40.90
N ARG A 217 -24.79 -27.03 -40.08
CA ARG A 217 -23.69 -26.14 -40.52
C ARG A 217 -22.45 -26.95 -40.93
N MET A 218 -22.11 -27.98 -40.15
CA MET A 218 -20.92 -28.83 -40.46
C MET A 218 -21.22 -29.77 -41.63
N THR A 219 -22.49 -29.92 -42.02
CA THR A 219 -22.82 -30.80 -43.13
C THR A 219 -22.69 -30.05 -44.45
N SER A 220 -23.06 -28.77 -44.45
CA SER A 220 -22.79 -27.91 -45.60
C SER A 220 -21.30 -27.62 -45.75
N ALA A 221 -20.55 -27.68 -44.65
CA ALA A 221 -19.11 -27.50 -44.73
C ALA A 221 -18.43 -28.68 -45.42
N ILE A 222 -18.80 -29.89 -45.03
CA ILE A 222 -18.13 -31.08 -45.56
C ILE A 222 -18.61 -31.40 -46.98
N ALA A 223 -19.89 -31.16 -47.27
CA ALA A 223 -20.40 -31.41 -48.61
C ALA A 223 -19.84 -30.44 -49.63
N LEU A 224 -19.51 -29.22 -49.22
CA LEU A 224 -18.90 -28.28 -50.15
C LEU A 224 -17.41 -28.52 -50.28
N ALA A 225 -16.77 -29.03 -49.23
CA ALA A 225 -15.37 -29.43 -49.35
C ALA A 225 -15.21 -30.68 -50.20
N MET A 226 -16.22 -31.56 -50.21
CA MET A 226 -16.18 -32.73 -51.08
C MET A 226 -16.34 -32.34 -52.54
N LEU A 227 -17.17 -31.32 -52.82
CA LEU A 227 -17.41 -30.92 -54.19
C LEU A 227 -16.19 -30.23 -54.78
N ARG A 228 -15.50 -29.42 -53.98
CA ARG A 228 -14.25 -28.81 -54.42
C ARG A 228 -13.15 -29.84 -54.60
N ALA A 229 -13.19 -30.93 -53.82
CA ALA A 229 -12.20 -32.00 -53.95
C ALA A 229 -12.39 -32.83 -55.22
N GLY A 230 -13.54 -32.73 -55.87
CA GLY A 230 -13.72 -33.37 -57.15
C GLY A 230 -14.31 -34.76 -57.12
N CYS A 231 -14.69 -35.27 -55.95
CA CYS A 231 -15.27 -36.60 -55.88
C CYS A 231 -16.71 -36.58 -56.39
N THR A 232 -17.05 -37.60 -57.18
CA THR A 232 -18.32 -37.68 -57.87
C THR A 232 -19.26 -38.64 -57.13
N ALA A 233 -20.40 -38.93 -57.77
CA ALA A 233 -21.43 -39.77 -57.14
C ALA A 233 -20.99 -41.21 -56.99
N GLU A 234 -20.28 -41.76 -57.98
CA GLU A 234 -19.79 -43.13 -57.86
C GLU A 234 -18.57 -43.24 -56.96
N ASP A 235 -17.91 -42.13 -56.62
CA ASP A 235 -16.88 -42.17 -55.60
C ASP A 235 -17.49 -42.34 -54.21
N VAL A 236 -18.70 -41.84 -54.01
CA VAL A 236 -19.40 -42.04 -52.74
C VAL A 236 -20.07 -43.42 -52.71
N ARG A 237 -20.56 -43.87 -53.86
CA ARG A 237 -21.21 -45.17 -53.97
C ARG A 237 -20.22 -46.31 -53.70
N SER A 238 -18.96 -46.13 -54.10
CA SER A 238 -17.91 -47.10 -53.82
C SER A 238 -17.17 -46.82 -52.51
N GLY A 239 -17.46 -45.70 -51.84
CA GLY A 239 -16.78 -45.37 -50.62
C GLY A 239 -15.35 -44.92 -50.79
N ARG A 240 -15.07 -44.08 -51.80
CA ARG A 240 -13.71 -43.69 -52.10
C ARG A 240 -13.32 -42.38 -51.45
N CYS A 241 -14.29 -41.48 -51.22
CA CYS A 241 -14.01 -40.25 -50.49
C CYS A 241 -13.64 -40.53 -49.03
N ARG A 242 -14.21 -41.61 -48.51
CA ARG A 242 -13.88 -42.16 -47.16
C ARG A 242 -12.64 -43.04 -47.32
N LYS A 243 -11.69 -42.91 -46.39
CA LYS A 243 -10.41 -43.64 -46.40
C LYS A 243 -9.46 -43.13 -47.49
N GLU A 244 -9.47 -41.83 -47.72
CA GLU A 244 -8.56 -41.17 -48.64
C GLU A 244 -8.47 -39.71 -48.24
N LYS A 245 -7.25 -39.18 -48.24
CA LYS A 245 -7.08 -37.81 -47.70
C LYS A 245 -7.58 -36.80 -48.73
N ARG A 246 -8.80 -36.33 -48.49
CA ARG A 246 -9.43 -35.33 -49.33
C ARG A 246 -9.80 -34.05 -48.59
N PHE A 247 -9.68 -34.02 -47.27
CA PHE A 247 -9.99 -32.84 -46.49
C PHE A 247 -8.70 -32.24 -45.95
N LEU A 248 -8.82 -31.05 -45.37
CA LEU A 248 -7.64 -30.29 -44.97
C LEU A 248 -8.05 -29.30 -43.89
N LEU A 249 -7.57 -29.54 -42.66
CA LEU A 249 -7.93 -28.74 -41.50
C LEU A 249 -6.99 -27.54 -41.41
N ILE A 250 -7.53 -26.35 -41.60
CA ILE A 250 -6.75 -25.12 -41.48
C ILE A 250 -6.87 -24.64 -40.04
N GLU A 251 -5.80 -24.10 -39.48
CA GLU A 251 -5.86 -23.57 -38.13
C GLU A 251 -4.85 -22.43 -38.00
N GLY A 252 -5.29 -21.32 -37.41
CA GLY A 252 -4.44 -20.17 -37.24
C GLY A 252 -4.47 -19.67 -35.81
N ASP A 253 -3.46 -18.88 -35.46
CA ASP A 253 -3.35 -18.32 -34.12
C ASP A 253 -2.49 -17.07 -34.18
N PHE A 254 -2.96 -15.98 -33.57
CA PHE A 254 -2.15 -14.78 -33.43
C PHE A 254 -1.31 -14.88 -32.17
N SER A 255 -0.04 -14.50 -32.28
CA SER A 255 0.94 -14.70 -31.22
C SER A 255 1.62 -13.38 -30.91
N GLY A 256 1.48 -12.92 -29.67
CA GLY A 256 2.00 -11.64 -29.26
C GLY A 256 0.94 -10.60 -29.01
N ILE A 257 -0.24 -11.00 -28.53
CA ILE A 257 -1.36 -10.07 -28.38
C ILE A 257 -1.15 -9.14 -27.20
N GLN A 258 -0.63 -9.70 -26.10
CA GLN A 258 -0.39 -8.91 -24.87
C GLN A 258 0.59 -7.78 -25.18
N ASP A 259 1.60 -8.07 -26.01
CA ASP A 259 2.59 -7.07 -26.39
C ASP A 259 2.10 -6.18 -27.52
N PHE A 260 0.94 -6.48 -28.11
CA PHE A 260 0.37 -5.71 -29.19
C PHE A 260 -0.75 -4.77 -28.74
N ILE A 261 -1.57 -5.18 -27.79
CA ILE A 261 -2.68 -4.32 -27.36
C ILE A 261 -2.33 -3.53 -26.12
N TYR A 262 -1.49 -4.09 -25.23
CA TYR A 262 -1.28 -3.48 -23.94
C TYR A 262 0.07 -2.82 -23.77
N ARG A 263 0.94 -2.90 -24.79
CA ARG A 263 2.26 -2.22 -24.68
C ARG A 263 2.08 -0.78 -25.15
N VAL A 264 1.32 0.01 -24.39
CA VAL A 264 1.05 1.41 -24.69
C VAL A 264 1.22 2.24 -23.41
N SER A 265 1.71 3.46 -23.61
CA SER A 265 2.18 4.33 -22.53
C SER A 265 1.00 5.09 -21.92
N GLY A 266 1.31 6.15 -21.16
CA GLY A 266 0.30 7.00 -20.56
C GLY A 266 -0.41 7.97 -21.49
N LYS A 267 -0.06 7.86 -22.77
CA LYS A 267 -0.65 8.74 -23.82
C LYS A 267 -1.81 8.00 -24.48
N GLY A 268 -2.04 6.75 -24.09
CA GLY A 268 -3.15 5.95 -24.63
C GLY A 268 -4.33 6.05 -23.70
N THR A 269 -5.47 6.48 -24.23
CA THR A 269 -6.72 6.61 -23.44
C THR A 269 -7.47 5.28 -23.46
N LEU A 270 -8.58 5.19 -22.73
CA LEU A 270 -9.41 3.96 -22.70
C LEU A 270 -9.95 3.70 -24.12
N LYS A 271 -10.33 4.76 -24.85
CA LYS A 271 -10.86 4.66 -26.23
C LYS A 271 -9.79 4.04 -27.16
N TYR A 272 -8.51 4.40 -26.99
CA TYR A 272 -7.47 3.86 -27.85
C TYR A 272 -7.30 2.36 -27.63
N LEU A 273 -7.35 1.90 -26.37
CA LEU A 273 -7.33 0.46 -26.07
C LEU A 273 -8.49 -0.28 -26.70
N ARG A 274 -9.69 0.26 -26.53
CA ARG A 274 -10.91 -0.36 -27.01
C ARG A 274 -10.96 -0.38 -28.54
N ALA A 275 -10.17 0.46 -29.20
CA ALA A 275 -9.97 0.38 -30.64
C ALA A 275 -8.85 -0.58 -31.03
N ARG A 276 -7.88 -0.84 -30.15
CA ARG A 276 -6.88 -1.86 -30.43
C ARG A 276 -7.49 -3.26 -30.42
N SER A 277 -8.46 -3.50 -29.53
CA SER A 277 -9.11 -4.80 -29.49
C SER A 277 -10.07 -4.98 -30.65
N ALA A 278 -10.61 -3.89 -31.19
CA ALA A 278 -11.45 -3.97 -32.36
C ALA A 278 -10.63 -4.07 -33.64
N TYR A 279 -9.38 -3.64 -33.61
CA TYR A 279 -8.51 -3.71 -34.78
C TYR A 279 -7.80 -5.05 -34.91
N LEU A 280 -7.53 -5.73 -33.79
CA LEU A 280 -6.98 -7.08 -33.88
C LEU A 280 -8.01 -8.06 -34.43
N GLU A 281 -9.28 -7.87 -34.09
CA GLU A 281 -10.31 -8.77 -34.60
C GLU A 281 -10.60 -8.53 -36.07
N LEU A 282 -10.40 -7.32 -36.58
CA LEU A 282 -10.58 -7.08 -38.01
C LEU A 282 -9.43 -7.62 -38.84
N ILE A 283 -8.22 -7.66 -38.25
CA ILE A 283 -7.13 -8.41 -38.87
C ILE A 283 -7.47 -9.89 -38.92
N GLY A 284 -8.10 -10.42 -37.86
CA GLY A 284 -8.46 -11.82 -37.84
C GLY A 284 -9.58 -12.16 -38.82
N TRP A 285 -10.60 -11.29 -38.93
CA TRP A 285 -11.65 -11.53 -39.89
C TRP A 285 -11.20 -11.31 -41.33
N ASP A 286 -10.19 -10.49 -41.56
CA ASP A 286 -9.70 -10.27 -42.92
C ASP A 286 -8.99 -11.51 -43.45
N VAL A 287 -8.33 -12.26 -42.57
CA VAL A 287 -7.63 -13.47 -43.00
C VAL A 287 -8.61 -14.62 -43.21
N VAL A 288 -9.60 -14.76 -42.32
CA VAL A 288 -10.56 -15.86 -42.39
C VAL A 288 -11.47 -15.69 -43.60
N LEU A 289 -11.97 -14.48 -43.83
CA LEU A 289 -12.83 -14.24 -44.98
C LEU A 289 -12.07 -14.25 -46.30
N GLU A 290 -10.75 -14.11 -46.25
CA GLU A 290 -9.95 -14.27 -47.46
C GLU A 290 -9.81 -15.73 -47.85
N ILE A 291 -9.70 -16.62 -46.87
CA ILE A 291 -9.54 -18.05 -47.14
C ILE A 291 -10.82 -18.64 -47.72
N LEU A 292 -11.99 -18.19 -47.24
CA LEU A 292 -13.26 -18.77 -47.67
C LEU A 292 -13.58 -18.39 -49.11
N SER A 293 -13.40 -17.11 -49.46
CA SER A 293 -13.70 -16.62 -50.80
C SER A 293 -12.71 -17.12 -51.85
N ARG A 294 -11.44 -17.27 -51.50
CA ARG A 294 -10.41 -17.64 -52.45
C ARG A 294 -10.33 -19.15 -52.67
N LEU A 295 -11.00 -19.93 -51.82
CA LEU A 295 -11.10 -21.38 -51.99
C LEU A 295 -12.50 -21.85 -52.39
N GLY A 296 -13.48 -20.95 -52.44
CA GLY A 296 -14.81 -21.33 -52.85
C GLY A 296 -15.71 -21.76 -51.72
N LEU A 297 -15.28 -21.54 -50.48
CA LEU A 297 -15.98 -22.02 -49.30
C LEU A 297 -16.98 -20.97 -48.82
N THR A 298 -17.95 -21.42 -48.02
CA THR A 298 -18.86 -20.51 -47.36
C THR A 298 -18.39 -20.24 -45.93
N ARG A 299 -19.22 -19.54 -45.16
CA ARG A 299 -18.90 -19.25 -43.77
C ARG A 299 -19.17 -20.44 -42.86
N ALA A 300 -19.87 -21.46 -43.36
CA ALA A 300 -20.10 -22.67 -42.59
C ALA A 300 -18.86 -23.55 -42.49
N ASN A 301 -17.86 -23.32 -43.35
CA ASN A 301 -16.61 -24.07 -43.26
C ASN A 301 -15.73 -23.62 -42.09
N VAL A 302 -16.07 -22.50 -41.45
CA VAL A 302 -15.35 -22.05 -40.26
C VAL A 302 -15.90 -22.82 -39.06
N VAL A 303 -15.04 -23.61 -38.41
CA VAL A 303 -15.48 -24.36 -37.24
C VAL A 303 -15.66 -23.42 -36.06
N PHE A 304 -14.63 -22.66 -35.73
CA PHE A 304 -14.74 -21.63 -34.72
C PHE A 304 -13.81 -20.48 -35.07
N ASN A 305 -14.09 -19.31 -34.50
CA ASN A 305 -13.21 -18.15 -34.62
C ASN A 305 -13.40 -17.35 -33.32
N ALA A 306 -12.47 -17.55 -32.38
CA ALA A 306 -12.66 -17.10 -31.00
C ALA A 306 -11.31 -16.83 -30.34
N GLY A 307 -10.95 -15.56 -30.20
CA GLY A 307 -9.79 -15.19 -29.43
C GLY A 307 -8.50 -15.14 -30.21
N GLY A 308 -8.57 -14.70 -31.47
CA GLY A 308 -7.39 -14.71 -32.31
C GLY A 308 -6.94 -16.10 -32.69
N HIS A 309 -7.88 -17.03 -32.81
CA HIS A 309 -7.56 -18.44 -33.06
C HIS A 309 -8.76 -19.05 -33.78
N PHE A 310 -8.54 -19.55 -34.99
CA PHE A 310 -9.63 -20.05 -35.83
C PHE A 310 -9.32 -21.45 -36.34
N MET A 311 -10.33 -22.07 -36.95
CA MET A 311 -10.19 -23.39 -37.54
C MET A 311 -11.18 -23.54 -38.70
N ILE A 312 -10.69 -23.97 -39.85
CA ILE A 312 -11.46 -24.03 -41.09
C ILE A 312 -11.30 -25.42 -41.69
N ILE A 313 -12.41 -26.01 -42.16
CA ILE A 313 -12.37 -27.24 -42.92
C ILE A 313 -12.46 -26.91 -44.41
N ALA A 314 -11.48 -27.37 -45.17
CA ALA A 314 -11.39 -27.09 -46.59
C ALA A 314 -11.14 -28.40 -47.33
N GLN A 315 -10.77 -28.27 -48.60
CA GLN A 315 -10.51 -29.42 -49.47
C GLN A 315 -9.01 -29.62 -49.63
N ASN A 316 -8.61 -30.84 -49.93
CA ASN A 316 -7.21 -31.17 -50.17
C ASN A 316 -7.01 -31.35 -51.66
N THR A 317 -6.81 -30.22 -52.34
CA THR A 317 -6.44 -30.18 -53.74
C THR A 317 -5.11 -29.45 -53.87
N PRO A 318 -4.32 -29.74 -54.92
CA PRO A 318 -3.07 -28.98 -55.11
C PRO A 318 -3.29 -27.52 -55.46
N ASP A 319 -4.45 -27.17 -56.01
CA ASP A 319 -4.82 -25.79 -56.25
C ASP A 319 -5.06 -25.03 -54.94
N ALA A 320 -5.59 -25.69 -53.92
CA ALA A 320 -5.86 -25.05 -52.62
C ALA A 320 -4.64 -24.95 -51.74
N VAL A 321 -3.72 -25.92 -51.80
CA VAL A 321 -2.49 -25.84 -51.01
C VAL A 321 -1.59 -24.75 -51.57
N LYS A 322 -1.60 -24.57 -52.91
CA LYS A 322 -0.90 -23.46 -53.53
C LYS A 322 -1.52 -22.13 -53.15
N GLU A 323 -2.84 -22.11 -52.98
CA GLU A 323 -3.57 -20.86 -52.76
C GLU A 323 -3.55 -20.44 -51.30
N LEU A 324 -3.44 -21.39 -50.37
CA LEU A 324 -3.26 -21.07 -48.95
C LEU A 324 -1.84 -20.69 -48.63
N GLU A 325 -0.90 -21.03 -49.50
CA GLU A 325 0.51 -20.71 -49.25
C GLU A 325 0.81 -19.27 -49.66
N GLU A 326 -0.14 -18.62 -50.34
CA GLU A 326 -0.03 -17.20 -50.65
C GLU A 326 -0.72 -16.35 -49.60
N ILE A 327 -1.83 -16.85 -49.03
CA ILE A 327 -2.50 -16.13 -47.95
C ILE A 327 -1.62 -16.09 -46.72
N ARG A 328 -0.87 -17.16 -46.46
CA ARG A 328 0.08 -17.16 -45.36
C ARG A 328 1.28 -16.27 -45.66
N ALA A 329 1.76 -16.27 -46.91
CA ALA A 329 2.94 -15.50 -47.25
C ALA A 329 2.65 -13.99 -47.24
N LYS A 330 1.50 -13.58 -47.77
CA LYS A 330 1.18 -12.16 -47.83
C LYS A 330 0.82 -11.59 -46.48
N ALA A 331 0.13 -12.35 -45.63
CA ALA A 331 -0.33 -11.81 -44.36
C ALA A 331 0.81 -11.67 -43.36
N VAL A 332 1.82 -12.54 -43.42
CA VAL A 332 2.94 -12.43 -42.50
C VAL A 332 3.85 -11.29 -42.93
N GLU A 333 4.04 -11.12 -44.25
CA GLU A 333 4.83 -10.00 -44.75
C GLU A 333 4.11 -8.68 -44.55
N TRP A 334 2.78 -8.68 -44.48
CA TRP A 334 2.07 -7.46 -44.13
C TRP A 334 2.26 -7.12 -42.65
N LEU A 335 2.20 -8.13 -41.78
CA LEU A 335 2.36 -7.89 -40.35
C LEU A 335 3.76 -7.44 -39.99
N TYR A 336 4.76 -7.86 -40.76
CA TYR A 336 6.13 -7.47 -40.46
C TYR A 336 6.43 -6.04 -40.91
N ARG A 337 5.83 -5.58 -42.00
CA ARG A 337 5.99 -4.19 -42.41
C ARG A 337 5.28 -3.25 -41.44
N GLU A 338 4.08 -3.61 -41.01
CA GLU A 338 3.30 -2.75 -40.13
C GLU A 338 3.84 -2.75 -38.71
N PHE A 339 3.91 -3.93 -38.10
CA PHE A 339 4.24 -4.07 -36.69
C PHE A 339 5.53 -4.87 -36.60
N GLU A 340 6.62 -4.19 -36.24
CA GLU A 340 7.94 -4.78 -36.38
C GLU A 340 8.17 -5.88 -35.34
N SER A 341 7.74 -7.10 -35.69
CA SER A 341 7.85 -8.31 -34.87
C SER A 341 7.14 -8.16 -33.53
N ASP A 342 5.89 -7.72 -33.57
CA ASP A 342 5.04 -7.63 -32.39
C ASP A 342 3.83 -8.54 -32.46
N LEU A 343 3.36 -8.85 -33.66
CA LEU A 343 2.19 -9.69 -33.86
C LEU A 343 2.48 -10.64 -35.00
N TYR A 344 2.26 -11.94 -34.79
CA TYR A 344 2.53 -12.94 -35.80
C TYR A 344 1.35 -13.90 -35.91
N LEU A 345 1.03 -14.27 -37.14
CA LEU A 345 -0.06 -15.19 -37.46
C LEU A 345 0.52 -16.48 -38.00
N ALA A 346 0.46 -17.55 -37.21
CA ALA A 346 0.92 -18.86 -37.63
C ALA A 346 -0.24 -19.64 -38.22
N ILE A 347 -0.16 -19.95 -39.51
CA ILE A 347 -1.20 -20.69 -40.21
C ILE A 347 -0.62 -22.03 -40.66
N GLU A 348 -1.26 -23.11 -40.24
CA GLU A 348 -0.85 -24.45 -40.63
C GLU A 348 -2.06 -25.21 -41.15
N TRP A 349 -1.78 -26.27 -41.89
CA TRP A 349 -2.86 -27.15 -42.32
C TRP A 349 -2.37 -28.59 -42.36
N GLU A 350 -3.31 -29.51 -42.11
CA GLU A 350 -3.05 -30.94 -41.97
C GLU A 350 -4.05 -31.73 -42.81
N PRO A 351 -3.59 -32.54 -43.76
CA PRO A 351 -4.52 -33.33 -44.56
C PRO A 351 -5.12 -34.47 -43.76
N VAL A 352 -6.45 -34.55 -43.76
CA VAL A 352 -7.19 -35.59 -43.06
C VAL A 352 -8.12 -36.26 -44.06
N SER A 353 -8.78 -37.31 -43.60
CA SER A 353 -9.70 -38.11 -44.42
C SER A 353 -11.09 -38.10 -43.80
N GLY A 354 -12.01 -38.82 -44.44
CA GLY A 354 -13.38 -38.86 -43.96
C GLY A 354 -13.52 -39.66 -42.67
N ARG A 355 -12.81 -40.78 -42.57
CA ARG A 355 -12.78 -41.57 -41.35
C ARG A 355 -12.07 -40.86 -40.20
N GLU A 356 -11.29 -39.81 -40.50
CA GLU A 356 -10.54 -39.09 -39.48
C GLU A 356 -11.43 -38.08 -38.75
N PHE A 357 -12.62 -37.80 -39.27
CA PHE A 357 -13.51 -36.84 -38.63
C PHE A 357 -14.19 -37.42 -37.40
N GLY A 358 -14.34 -38.73 -37.34
CA GLY A 358 -15.12 -39.37 -36.30
C GLY A 358 -14.30 -40.29 -35.41
N ARG A 359 -15.01 -40.89 -34.46
CA ARG A 359 -14.41 -41.89 -33.56
C ARG A 359 -14.53 -43.26 -34.23
N GLU A 360 -13.39 -43.84 -34.60
CA GLU A 360 -13.36 -45.11 -35.33
C GLU A 360 -13.09 -46.23 -34.34
N GLY A 361 -14.11 -47.05 -34.09
CA GLY A 361 -14.01 -48.09 -33.09
C GLY A 361 -14.05 -47.51 -31.69
N GLY A 362 -12.92 -47.54 -31.00
CA GLY A 362 -12.82 -46.93 -29.69
C GLY A 362 -11.73 -45.88 -29.63
N LYS A 363 -11.15 -45.56 -30.78
CA LYS A 363 -10.04 -44.62 -30.88
C LYS A 363 -10.51 -43.32 -31.50
N ASN A 364 -10.19 -42.21 -30.83
CA ASN A 364 -10.63 -40.88 -31.26
C ASN A 364 -9.65 -40.36 -32.30
N LEU A 365 -10.07 -40.36 -33.57
CA LEU A 365 -9.18 -39.92 -34.64
C LEU A 365 -9.29 -38.42 -34.90
N PHE A 366 -10.36 -37.78 -34.43
CA PHE A 366 -10.46 -36.33 -34.63
C PHE A 366 -9.60 -35.59 -33.62
N ALA A 367 -9.49 -36.10 -32.40
CA ALA A 367 -8.61 -35.49 -31.41
C ALA A 367 -7.14 -35.81 -31.66
N GLU A 368 -6.84 -36.80 -32.48
CA GLU A 368 -5.44 -37.08 -32.80
C GLU A 368 -4.94 -36.25 -33.98
N ALA A 369 -5.78 -36.08 -35.00
CA ALA A 369 -5.46 -35.21 -36.12
C ALA A 369 -5.41 -33.75 -35.72
N ARG A 370 -6.21 -33.38 -34.72
CA ARG A 370 -6.18 -32.00 -34.16
C ARG A 370 -4.83 -31.75 -33.46
N LYS A 371 -4.28 -32.77 -32.80
CA LYS A 371 -3.03 -32.61 -32.07
C LYS A 371 -1.81 -32.96 -32.91
N ARG A 372 -2.06 -33.37 -34.15
CA ARG A 372 -1.01 -33.55 -35.17
C ARG A 372 -0.82 -32.18 -35.83
N LEU A 373 -1.88 -31.35 -35.82
CA LEU A 373 -1.86 -29.98 -36.32
C LEU A 373 -1.42 -29.01 -35.24
N LYS A 374 -1.75 -29.30 -33.98
CA LYS A 374 -1.32 -28.45 -32.87
C LYS A 374 0.17 -28.53 -32.64
N HIS A 375 0.82 -29.64 -33.00
CA HIS A 375 2.28 -29.71 -32.96
C HIS A 375 2.89 -28.91 -34.11
N LYS A 376 2.21 -28.85 -35.25
CA LYS A 376 2.67 -28.03 -36.36
C LYS A 376 2.53 -26.54 -36.07
N LEU A 377 1.53 -26.15 -35.27
CA LEU A 377 1.45 -24.76 -34.81
C LEU A 377 2.58 -24.43 -33.85
N THR A 378 3.02 -25.42 -33.06
CA THR A 378 4.05 -25.17 -32.05
C THR A 378 5.40 -24.88 -32.70
N VAL A 379 5.77 -25.64 -33.72
CA VAL A 379 7.06 -25.45 -34.37
C VAL A 379 7.06 -24.20 -35.26
N ARG A 380 5.89 -23.82 -35.76
CA ARG A 380 5.72 -22.58 -36.55
C ARG A 380 5.97 -21.37 -35.65
N LYS A 381 5.48 -21.42 -34.41
CA LYS A 381 5.64 -20.32 -33.46
C LYS A 381 7.08 -20.17 -32.98
N LEU A 382 7.90 -21.20 -33.11
CA LEU A 382 9.31 -21.07 -32.78
C LEU A 382 10.13 -20.65 -34.00
N LYS A 383 9.58 -20.77 -35.20
CA LYS A 383 10.14 -20.14 -36.39
C LYS A 383 9.29 -18.91 -36.68
N ARG A 384 9.52 -17.86 -35.88
CA ARG A 384 8.51 -16.81 -35.69
C ARG A 384 8.30 -15.93 -36.91
N PHE A 385 9.34 -15.48 -37.59
CA PHE A 385 9.16 -14.75 -38.85
C PHE A 385 10.09 -15.32 -39.91
N GLY A 386 10.07 -16.64 -40.05
CA GLY A 386 10.98 -17.29 -40.98
C GLY A 386 10.61 -17.10 -42.44
N GLU A 387 9.35 -16.78 -42.72
CA GLU A 387 8.90 -16.55 -44.10
C GLU A 387 8.97 -15.07 -44.49
N ILE A 388 10.13 -14.45 -44.23
CA ILE A 388 10.37 -13.04 -44.55
C ILE A 388 11.55 -12.88 -45.51
N LYS A 389 12.63 -13.61 -45.27
CA LYS A 389 13.88 -13.72 -46.05
C LYS A 389 14.77 -12.48 -45.96
N GLY A 390 14.30 -11.41 -45.33
CA GLY A 390 15.15 -10.29 -45.01
C GLY A 390 15.02 -10.03 -43.53
N LEU A 391 14.76 -11.09 -42.78
CA LEU A 391 14.47 -10.98 -41.36
C LEU A 391 15.74 -10.71 -40.57
N PHE A 392 16.75 -11.56 -40.73
CA PHE A 392 18.02 -11.39 -40.05
C PHE A 392 19.04 -10.67 -40.91
N GLU A 393 18.58 -9.81 -41.82
CA GLU A 393 19.46 -9.07 -42.71
C GLU A 393 19.42 -7.60 -42.30
N HIS A 394 20.60 -7.01 -42.15
CA HIS A 394 20.68 -5.63 -41.69
C HIS A 394 20.60 -4.66 -42.87
N GLY A 395 19.88 -3.57 -42.65
CA GLY A 395 19.75 -2.54 -43.67
C GLY A 395 19.75 -1.17 -43.02
N HIS A 396 20.67 -0.33 -43.49
CA HIS A 396 20.93 0.95 -42.87
C HIS A 396 19.97 2.00 -43.41
N THR A 397 19.08 2.47 -42.55
CA THR A 397 18.14 3.54 -42.88
C THR A 397 18.34 4.68 -41.89
N GLU A 398 18.50 5.89 -42.41
CA GLU A 398 18.83 7.03 -41.58
C GLU A 398 17.58 7.61 -40.92
N ARG A 399 17.80 8.29 -39.79
CA ARG A 399 16.82 9.15 -39.11
C ARG A 399 15.55 8.39 -38.69
N LEU A 400 15.72 7.46 -37.75
CA LEU A 400 14.61 6.69 -37.21
C LEU A 400 14.25 7.21 -35.83
N ALA A 401 12.97 7.07 -35.47
CA ALA A 401 12.42 7.60 -34.23
C ALA A 401 11.45 6.59 -33.64
N GLU A 402 10.70 7.00 -32.63
CA GLU A 402 9.75 6.14 -31.93
C GLU A 402 8.45 6.89 -31.68
N CYS A 403 7.34 6.16 -31.71
CA CYS A 403 6.06 6.75 -31.35
C CYS A 403 5.98 6.92 -29.84
N PRO A 404 5.39 8.02 -29.34
CA PRO A 404 5.24 8.14 -27.88
C PRO A 404 4.17 7.22 -27.30
N VAL A 405 3.32 6.63 -28.14
CA VAL A 405 2.17 5.89 -27.63
C VAL A 405 2.46 4.39 -27.60
N CYS A 406 2.68 3.79 -28.76
CA CYS A 406 2.84 2.33 -28.84
C CYS A 406 4.32 1.97 -28.95
N GLY A 407 5.14 2.96 -29.30
CA GLY A 407 6.57 2.79 -29.28
C GLY A 407 7.18 1.98 -30.40
N ARG A 408 6.53 2.03 -31.56
CA ARG A 408 7.06 1.38 -32.80
C ARG A 408 8.15 2.27 -33.39
N GLU A 409 9.05 1.69 -34.18
CA GLU A 409 10.13 2.45 -34.79
C GLU A 409 9.80 2.70 -36.27
N LEU A 410 9.81 3.97 -36.65
CA LEU A 410 9.57 4.42 -38.01
C LEU A 410 10.71 5.32 -38.43
N PRO A 411 10.93 5.52 -39.74
CA PRO A 411 11.74 6.65 -40.17
C PRO A 411 10.98 7.94 -39.92
N GLU A 412 11.68 8.93 -39.35
CA GLU A 412 11.01 10.17 -38.97
C GLU A 412 10.67 10.98 -40.20
N GLY A 413 9.63 11.81 -40.09
CA GLY A 413 8.93 12.31 -41.25
C GLY A 413 7.67 11.52 -41.57
N LYS A 414 7.69 10.21 -41.36
CA LYS A 414 6.44 9.44 -41.40
C LYS A 414 5.61 9.69 -40.15
N LEU A 415 6.24 10.18 -39.08
CA LEU A 415 5.49 10.62 -37.91
C LEU A 415 4.65 11.83 -38.25
N GLU A 416 3.47 11.90 -37.63
CA GLU A 416 2.54 13.00 -37.88
C GLU A 416 1.94 13.45 -36.55
N PRO A 417 1.47 14.69 -36.43
CA PRO A 417 0.98 15.16 -35.13
C PRO A 417 -0.35 14.54 -34.74
N SER A 418 -0.47 14.21 -33.45
CA SER A 418 -1.67 13.61 -32.91
C SER A 418 -2.75 14.68 -32.71
N ALA A 419 -4.01 14.25 -32.84
CA ALA A 419 -5.14 15.16 -32.74
C ALA A 419 -5.41 15.63 -31.33
N SER A 420 -4.93 14.90 -30.31
CA SER A 420 -5.07 15.36 -28.93
C SER A 420 -4.19 16.57 -28.67
N ASP A 421 -2.88 16.40 -28.83
CA ASP A 421 -1.91 17.48 -28.68
C ASP A 421 -0.97 17.45 -29.87
N PRO A 422 -1.03 18.43 -30.78
CA PRO A 422 -0.22 18.34 -32.01
C PRO A 422 1.27 18.58 -31.83
N GLU A 423 1.76 18.79 -30.61
CA GLU A 423 3.19 18.87 -30.39
C GLU A 423 3.86 17.51 -30.55
N THR A 424 3.22 16.44 -30.07
CA THR A 424 3.79 15.10 -30.14
C THR A 424 3.57 14.48 -31.52
N LYS A 425 4.60 13.80 -32.02
CA LYS A 425 4.63 13.23 -33.36
C LYS A 425 4.42 11.73 -33.24
N VAL A 426 3.17 11.29 -33.27
CA VAL A 426 2.84 9.87 -33.20
C VAL A 426 2.95 9.26 -34.59
N CYS A 427 2.94 7.93 -34.63
CA CYS A 427 2.97 7.21 -35.90
C CYS A 427 1.56 7.21 -36.52
N PRO A 428 1.45 7.08 -37.85
CA PRO A 428 0.12 7.22 -38.48
C PRO A 428 -0.87 6.12 -38.16
N THR A 429 -0.42 4.92 -37.79
CA THR A 429 -1.37 3.87 -37.45
C THR A 429 -2.01 4.07 -36.07
N CYS A 430 -1.51 5.00 -35.26
CA CYS A 430 -2.17 5.33 -34.00
C CYS A 430 -3.19 6.44 -34.14
N ASN A 431 -3.12 7.28 -35.18
CA ASN A 431 -4.17 8.27 -35.39
C ASN A 431 -5.38 7.68 -36.08
N ARG A 432 -5.20 6.58 -36.81
CA ARG A 432 -6.34 5.84 -37.34
C ARG A 432 -7.13 5.15 -36.23
N LEU A 433 -6.52 4.90 -35.08
CA LEU A 433 -7.17 4.21 -33.98
C LEU A 433 -7.64 5.15 -32.87
N VAL A 434 -7.13 6.39 -32.85
CA VAL A 434 -7.78 7.42 -32.04
C VAL A 434 -9.08 7.87 -32.72
N SER A 435 -9.06 7.98 -34.05
CA SER A 435 -10.26 8.38 -34.78
C SER A 435 -11.27 7.25 -34.85
N LEU A 436 -10.81 5.99 -34.80
CA LEU A 436 -11.74 4.87 -34.71
C LEU A 436 -12.38 4.80 -33.32
N GLY A 437 -11.62 5.15 -32.28
CA GLY A 437 -12.12 5.10 -30.91
C GLY A 437 -13.24 6.07 -30.63
N GLY A 438 -13.35 7.15 -31.39
CA GLY A 438 -14.50 8.03 -31.29
C GLY A 438 -15.72 7.57 -32.03
N ASN A 439 -15.60 6.63 -32.96
CA ASN A 439 -16.72 6.12 -33.72
C ASN A 439 -17.34 4.84 -33.16
N LEU A 440 -16.64 4.13 -32.27
CA LEU A 440 -17.16 2.87 -31.75
C LEU A 440 -18.48 2.94 -30.99
N PRO A 441 -18.85 4.00 -30.26
CA PRO A 441 -20.26 4.08 -29.83
C PRO A 441 -21.25 4.29 -30.96
N LYS A 442 -20.81 4.81 -32.11
CA LYS A 442 -21.71 5.20 -33.19
C LYS A 442 -21.78 4.12 -34.26
N LEU A 443 -21.01 3.05 -34.06
CA LEU A 443 -20.68 2.11 -35.12
C LEU A 443 -21.62 0.91 -35.10
N LEU A 444 -22.24 0.63 -36.24
CA LEU A 444 -23.09 -0.54 -36.42
C LEU A 444 -22.33 -1.73 -37.01
N GLY A 445 -21.07 -1.56 -37.35
CA GLY A 445 -20.29 -2.60 -37.95
C GLY A 445 -19.31 -2.05 -38.96
N PHE A 446 -18.95 -2.91 -39.93
CA PHE A 446 -17.88 -2.60 -40.88
C PHE A 446 -18.27 -3.12 -42.26
N GLY A 447 -17.55 -2.64 -43.27
CA GLY A 447 -17.67 -3.16 -44.62
C GLY A 447 -16.31 -3.50 -45.19
N ARG A 448 -16.15 -4.69 -45.74
CA ARG A 448 -14.87 -5.18 -46.22
C ARG A 448 -14.74 -4.83 -47.70
N THR A 449 -13.85 -3.89 -48.01
CA THR A 449 -13.69 -3.39 -49.37
C THR A 449 -12.20 -3.38 -49.70
N ALA A 450 -11.84 -2.79 -50.85
CA ALA A 450 -10.48 -2.83 -51.35
C ALA A 450 -9.57 -1.92 -50.52
N LYS A 451 -8.25 -2.09 -50.71
CA LYS A 451 -7.23 -1.35 -49.93
C LYS A 451 -7.33 0.16 -50.19
N ASN A 452 -7.58 0.56 -51.44
CA ASN A 452 -7.60 1.98 -51.79
C ASN A 452 -9.03 2.40 -52.18
N ASP A 453 -9.80 2.74 -51.15
CA ASP A 453 -11.14 3.30 -51.30
C ASP A 453 -11.29 4.48 -50.37
N ALA A 454 -12.38 5.22 -50.58
CA ALA A 454 -12.73 6.35 -49.73
C ALA A 454 -13.55 5.86 -48.54
N GLY A 455 -13.23 6.40 -47.36
CA GLY A 455 -13.88 5.99 -46.14
C GLY A 455 -13.13 4.95 -45.34
N VAL A 456 -12.09 4.35 -45.90
CA VAL A 456 -11.32 3.31 -45.21
C VAL A 456 -10.47 3.96 -44.13
N LEU A 457 -10.69 3.55 -42.88
CA LEU A 457 -9.80 3.94 -41.79
C LEU A 457 -8.57 3.04 -41.71
N VAL A 458 -8.77 1.75 -41.52
CA VAL A 458 -7.69 0.81 -41.24
C VAL A 458 -7.62 -0.22 -42.36
N GLU A 459 -6.40 -0.68 -42.64
CA GLU A 459 -6.17 -1.72 -43.62
C GLU A 459 -5.82 -3.02 -42.91
N GLY A 460 -6.26 -4.13 -43.48
CA GLY A 460 -5.79 -5.43 -43.07
C GLY A 460 -4.70 -5.92 -44.01
N PRO A 461 -4.39 -7.21 -43.96
CA PRO A 461 -3.39 -7.74 -44.89
C PRO A 461 -3.93 -7.94 -46.29
N PHE A 462 -5.24 -7.91 -46.45
CA PHE A 462 -5.86 -8.18 -47.74
C PHE A 462 -6.94 -7.18 -48.13
N SER A 463 -7.36 -6.30 -47.22
CA SER A 463 -8.54 -5.48 -47.48
C SER A 463 -8.48 -4.22 -46.64
N GLY A 464 -9.49 -3.38 -46.83
CA GLY A 464 -9.69 -2.18 -46.03
C GLY A 464 -11.12 -2.16 -45.54
N PHE A 465 -11.33 -1.57 -44.38
CA PHE A 465 -12.60 -1.66 -43.67
C PHE A 465 -13.22 -0.28 -43.54
N VAL A 466 -14.39 -0.10 -44.14
CA VAL A 466 -15.14 1.16 -44.02
C VAL A 466 -16.09 1.03 -42.84
N PRO A 467 -16.12 2.01 -41.93
CA PRO A 467 -17.07 1.96 -40.82
C PRO A 467 -18.50 2.18 -41.29
N TYR A 468 -19.39 1.29 -40.89
CA TYR A 468 -20.82 1.42 -41.17
C TYR A 468 -21.50 2.01 -39.94
N LEU A 469 -21.90 3.28 -40.05
CA LEU A 469 -22.38 4.04 -38.90
C LEU A 469 -23.89 3.87 -38.77
N GLN A 470 -24.50 4.64 -37.87
CA GLN A 470 -25.94 4.58 -37.57
C GLN A 470 -26.81 4.89 -38.77
N GLY A 471 -26.77 6.13 -39.25
CA GLY A 471 -27.48 6.48 -40.46
C GLY A 471 -26.55 6.54 -41.65
N GLY A 472 -26.53 5.48 -42.45
CA GLY A 472 -25.61 5.42 -43.57
C GLY A 472 -25.92 4.24 -44.46
N ARG A 473 -25.12 4.11 -45.52
CA ARG A 473 -25.21 3.00 -46.43
C ARG A 473 -23.89 2.26 -46.45
N PRO A 474 -23.87 0.94 -46.28
CA PRO A 474 -22.62 0.21 -46.30
C PRO A 474 -22.15 -0.10 -47.71
N VAL A 475 -20.83 -0.12 -47.88
CA VAL A 475 -20.22 -0.40 -49.18
C VAL A 475 -19.18 -1.50 -48.99
N GLY A 476 -19.13 -2.43 -49.93
CA GLY A 476 -18.21 -3.55 -49.89
C GLY A 476 -18.93 -4.83 -50.24
N GLU A 477 -18.14 -5.85 -50.57
CA GLU A 477 -18.73 -7.15 -50.93
C GLU A 477 -19.16 -7.92 -49.69
N GLN A 478 -18.42 -7.72 -48.59
CA GLN A 478 -18.70 -8.39 -47.30
C GLN A 478 -18.96 -7.31 -46.25
N ILE A 479 -20.06 -7.45 -45.51
CA ILE A 479 -20.42 -6.46 -44.49
C ILE A 479 -20.45 -7.17 -43.15
N LEU A 480 -19.56 -6.75 -42.25
CA LEU A 480 -19.49 -7.30 -40.91
C LEU A 480 -20.36 -6.50 -39.97
N VAL A 481 -21.46 -7.11 -39.49
CA VAL A 481 -22.46 -6.42 -38.69
C VAL A 481 -22.41 -6.95 -37.27
N LYS A 482 -22.25 -6.05 -36.30
CA LYS A 482 -21.96 -6.52 -34.91
C LYS A 482 -23.17 -6.57 -33.98
N ASN A 483 -23.29 -7.72 -33.31
CA ASN A 483 -24.25 -7.99 -32.23
C ASN A 483 -25.68 -8.21 -32.72
N THR A 484 -25.87 -8.68 -33.95
CA THR A 484 -27.20 -9.06 -34.41
C THR A 484 -27.06 -10.13 -35.48
N LEU A 485 -28.18 -10.80 -35.75
CA LEU A 485 -28.27 -11.84 -36.78
C LEU A 485 -29.33 -11.49 -37.80
N ASN A 486 -29.70 -10.22 -37.91
CA ASN A 486 -30.73 -9.78 -38.84
C ASN A 486 -30.14 -8.77 -39.81
N PRO A 487 -30.13 -9.03 -41.12
CA PRO A 487 -29.63 -8.05 -42.10
C PRO A 487 -30.65 -6.99 -42.51
N GLY A 488 -30.75 -5.95 -41.70
CA GLY A 488 -31.75 -4.91 -41.92
C GLY A 488 -31.55 -4.00 -43.12
N GLU A 489 -30.51 -3.16 -43.08
CA GLU A 489 -30.28 -2.14 -44.10
C GLU A 489 -29.19 -2.53 -45.09
N ILE A 490 -29.09 -3.81 -45.44
CA ILE A 490 -27.94 -4.33 -46.17
C ILE A 490 -28.32 -4.59 -47.63
N PRO A 491 -27.47 -4.19 -48.58
CA PRO A 491 -27.71 -4.52 -49.98
C PRO A 491 -27.69 -6.02 -50.24
N GLU A 492 -28.61 -6.45 -51.11
CA GLU A 492 -28.87 -7.88 -51.28
C GLU A 492 -27.79 -8.60 -52.08
N SER A 493 -26.84 -7.87 -52.66
CA SER A 493 -25.73 -8.50 -53.37
C SER A 493 -24.49 -8.65 -52.51
N ALA A 494 -24.50 -8.11 -51.29
CA ALA A 494 -23.34 -8.17 -50.42
C ALA A 494 -23.44 -9.34 -49.45
N GLN A 495 -22.29 -9.83 -49.01
CA GLN A 495 -22.26 -10.99 -48.12
C GLN A 495 -22.42 -10.55 -46.67
N PHE A 496 -23.36 -11.19 -45.97
CA PHE A 496 -23.64 -10.89 -44.57
C PHE A 496 -22.77 -11.77 -43.68
N VAL A 497 -21.94 -11.15 -42.87
CA VAL A 497 -21.10 -11.87 -41.90
C VAL A 497 -21.38 -11.29 -40.52
N PRO A 498 -22.07 -12.00 -39.65
CA PRO A 498 -22.25 -11.53 -38.28
C PRO A 498 -21.06 -11.84 -37.39
N TYR A 499 -20.75 -10.90 -36.52
CA TYR A 499 -19.74 -11.10 -35.50
C TYR A 499 -20.24 -10.49 -34.21
N PHE A 500 -19.84 -11.07 -33.09
CA PHE A 500 -20.30 -10.63 -31.78
C PHE A 500 -19.12 -10.06 -31.01
N VAL A 501 -19.43 -9.13 -30.11
CA VAL A 501 -18.41 -8.43 -29.34
C VAL A 501 -19.02 -7.99 -28.03
N ALA A 502 -18.27 -8.13 -26.94
CA ALA A 502 -18.68 -7.61 -25.65
C ALA A 502 -18.39 -6.11 -25.61
N ASP A 503 -19.42 -5.30 -25.86
CA ASP A 503 -19.24 -3.88 -26.07
C ASP A 503 -19.96 -3.05 -25.01
N TYR A 504 -19.93 -3.49 -23.76
CA TYR A 504 -20.46 -2.65 -22.70
C TYR A 504 -19.45 -1.57 -22.35
N PHE A 505 -19.95 -0.35 -22.16
CA PHE A 505 -19.12 0.77 -21.73
C PHE A 505 -19.98 1.71 -20.92
N LYS A 506 -19.36 2.40 -19.96
CA LYS A 506 -20.05 3.46 -19.26
C LYS A 506 -19.98 4.74 -20.08
N LYS A 507 -21.13 5.29 -20.42
CA LYS A 507 -21.11 6.49 -21.24
C LYS A 507 -21.02 7.74 -20.38
N ASP A 508 -20.29 8.72 -20.90
CA ASP A 508 -20.03 10.01 -20.27
C ASP A 508 -21.30 10.87 -20.42
N PRO A 509 -21.28 12.14 -19.95
CA PRO A 509 -22.35 13.07 -20.36
C PRO A 509 -22.50 13.25 -21.87
N LYS A 510 -21.45 13.05 -22.66
CA LYS A 510 -21.58 12.95 -24.11
C LYS A 510 -22.02 11.53 -24.49
N GLY A 511 -21.94 11.20 -25.78
CA GLY A 511 -22.28 9.85 -26.18
C GLY A 511 -21.08 8.97 -26.44
N GLY A 512 -20.02 9.15 -25.66
CA GLY A 512 -18.76 8.45 -25.86
C GLY A 512 -18.47 7.47 -24.75
N VAL A 513 -17.21 7.06 -24.69
CA VAL A 513 -16.70 6.12 -23.69
C VAL A 513 -16.05 6.93 -22.58
N ALA A 514 -16.32 6.55 -21.33
CA ALA A 514 -15.74 7.23 -20.18
C ALA A 514 -14.23 6.95 -20.12
N THR A 515 -13.51 7.79 -19.38
CA THR A 515 -12.05 7.74 -19.32
C THR A 515 -11.69 6.89 -18.11
N PHE A 516 -10.40 6.63 -17.90
CA PHE A 516 -9.98 5.99 -16.66
C PHE A 516 -10.22 6.88 -15.46
N GLU A 517 -10.03 8.19 -15.60
CA GLU A 517 -10.28 9.13 -14.51
C GLU A 517 -11.76 9.29 -14.19
N GLU A 518 -12.64 9.11 -15.17
CA GLU A 518 -14.06 9.29 -14.92
C GLU A 518 -14.67 8.05 -14.26
N LEU A 519 -14.13 6.87 -14.56
CA LEU A 519 -14.59 5.65 -13.91
C LEU A 519 -14.14 5.58 -12.45
N SER A 520 -12.89 5.98 -12.18
CA SER A 520 -12.33 5.93 -10.84
C SER A 520 -12.94 6.94 -9.88
N MET A 521 -13.48 8.04 -10.41
CA MET A 521 -14.16 9.08 -9.61
C MET A 521 -15.40 8.47 -8.96
N ALA A 522 -16.10 7.59 -9.70
CA ALA A 522 -17.36 6.93 -9.27
C ALA A 522 -17.14 5.85 -8.21
N SER A 523 -15.90 5.40 -7.99
CA SER A 523 -15.63 4.32 -7.01
C SER A 523 -16.01 4.73 -5.58
N THR A 524 -16.54 3.77 -4.81
CA THR A 524 -16.99 3.95 -3.40
C THR A 524 -15.77 4.12 -2.49
N GLY A 525 -15.84 5.03 -1.51
CA GLY A 525 -14.72 5.24 -0.56
C GLY A 525 -13.46 5.71 -1.28
N THR A 526 -12.34 5.02 -1.07
CA THR A 526 -11.07 5.44 -1.71
C THR A 526 -11.27 5.44 -3.23
N ARG A 527 -10.79 6.48 -3.91
CA ARG A 527 -10.97 6.54 -5.39
C ARG A 527 -9.81 5.82 -6.06
N ARG A 528 -10.10 4.65 -6.62
CA ARG A 528 -9.08 3.81 -7.32
C ARG A 528 -9.72 3.22 -8.57
N LEU A 529 -8.91 2.82 -9.53
CA LEU A 529 -9.37 2.21 -10.76
C LEU A 529 -9.20 0.70 -10.65
N GLY A 530 -10.29 -0.04 -10.77
CA GLY A 530 -10.26 -1.48 -10.66
C GLY A 530 -10.07 -2.11 -12.03
N VAL A 531 -9.14 -3.06 -12.11
CA VAL A 531 -8.78 -3.74 -13.35
C VAL A 531 -8.79 -5.24 -13.07
N MET A 532 -9.55 -6.00 -13.85
CA MET A 532 -9.55 -7.45 -13.71
C MET A 532 -9.29 -8.15 -15.03
N LYS A 533 -8.57 -9.26 -14.94
CA LYS A 533 -8.23 -10.11 -16.08
C LYS A 533 -8.41 -11.55 -15.64
N GLY A 534 -9.41 -12.24 -16.20
CA GLY A 534 -9.68 -13.60 -15.83
C GLY A 534 -9.93 -14.47 -17.05
N ASP A 535 -9.71 -15.77 -16.87
CA ASP A 535 -9.96 -16.71 -17.96
C ASP A 535 -10.34 -18.07 -17.42
N VAL A 536 -10.92 -18.89 -18.30
CA VAL A 536 -11.37 -20.28 -17.97
C VAL A 536 -10.12 -21.15 -17.75
N ASP A 537 -10.22 -22.12 -16.83
CA ASP A 537 -9.08 -22.99 -16.45
C ASP A 537 -9.14 -24.34 -17.17
N ARG A 538 -8.01 -24.74 -17.78
CA ARG A 538 -7.85 -26.04 -18.47
C ARG A 538 -8.90 -26.22 -19.57
N LEU A 539 -9.19 -25.15 -20.32
CA LEU A 539 -10.16 -25.20 -21.45
C LEU A 539 -9.63 -26.12 -22.55
N GLY A 540 -8.32 -26.09 -22.81
CA GLY A 540 -7.75 -26.85 -23.92
C GLY A 540 -7.82 -28.34 -23.72
N GLU A 541 -7.92 -28.79 -22.46
CA GLU A 541 -8.23 -30.20 -22.21
C GLU A 541 -9.68 -30.51 -22.54
N PHE A 542 -10.58 -29.55 -22.34
CA PHE A 542 -12.00 -29.80 -22.56
C PHE A 542 -12.32 -29.91 -24.05
N PHE A 543 -11.60 -29.17 -24.88
CA PHE A 543 -11.80 -29.23 -26.32
C PHE A 543 -11.16 -30.46 -26.96
N SER A 544 -10.27 -31.14 -26.23
CA SER A 544 -9.68 -32.37 -26.74
C SER A 544 -10.58 -33.59 -26.52
N SER A 545 -11.65 -33.43 -25.74
CA SER A 545 -12.60 -34.52 -25.53
C SER A 545 -13.63 -34.60 -26.65
N MET A 546 -13.60 -33.67 -27.60
CA MET A 546 -14.54 -33.69 -28.71
C MET A 546 -14.08 -34.65 -29.79
N ASP A 547 -14.97 -35.54 -30.23
CA ASP A 547 -14.64 -36.58 -31.18
C ASP A 547 -15.22 -36.37 -32.57
N SER A 548 -15.91 -35.26 -32.81
CA SER A 548 -16.48 -34.95 -34.10
C SER A 548 -16.47 -33.45 -34.30
N PRO A 549 -16.41 -32.96 -35.54
CA PRO A 549 -16.39 -31.51 -35.76
C PRO A 549 -17.71 -30.82 -35.48
N SER A 550 -18.83 -31.54 -35.47
CA SER A 550 -20.10 -30.93 -35.05
C SER A 550 -20.17 -30.80 -33.54
N LYS A 551 -19.30 -31.52 -32.83
CA LYS A 551 -19.24 -31.41 -31.37
C LYS A 551 -18.21 -30.37 -30.94
N LEU A 552 -17.14 -30.22 -31.70
CA LEU A 552 -16.19 -29.13 -31.46
C LEU A 552 -16.83 -27.79 -31.75
N ALA A 553 -17.74 -27.74 -32.74
CA ALA A 553 -18.45 -26.51 -33.06
C ALA A 553 -19.37 -26.06 -31.92
N THR A 554 -20.06 -26.98 -31.28
CA THR A 554 -21.02 -26.65 -30.23
C THR A 554 -20.31 -26.25 -28.94
N ALA A 555 -19.23 -26.94 -28.59
CA ALA A 555 -18.47 -26.60 -27.41
C ALA A 555 -17.73 -25.28 -27.55
N SER A 556 -17.45 -24.84 -28.77
CA SER A 556 -16.75 -23.60 -29.00
C SER A 556 -17.69 -22.41 -29.15
N ARG A 557 -18.90 -22.60 -29.70
CA ARG A 557 -19.84 -21.48 -29.75
C ARG A 557 -20.39 -21.13 -28.38
N PHE A 558 -20.78 -22.14 -27.59
CA PHE A 558 -21.39 -21.86 -26.29
C PHE A 558 -20.37 -21.26 -25.32
N MET A 559 -19.12 -21.68 -25.42
CA MET A 559 -18.08 -21.07 -24.61
C MET A 559 -17.76 -19.66 -25.07
N ASP A 560 -17.84 -19.42 -26.39
CA ASP A 560 -17.59 -18.07 -26.89
C ASP A 560 -18.76 -17.15 -26.60
N TYR A 561 -20.00 -17.66 -26.69
CA TYR A 561 -21.18 -16.84 -26.49
C TYR A 561 -21.35 -16.37 -25.07
N PHE A 562 -20.71 -17.01 -24.09
CA PHE A 562 -20.75 -16.51 -22.73
C PHE A 562 -20.02 -15.18 -22.61
N PHE A 563 -18.81 -15.11 -23.16
CA PHE A 563 -17.97 -13.93 -23.08
C PHE A 563 -18.31 -12.89 -24.15
N LYS A 564 -18.80 -13.32 -25.30
CA LYS A 564 -19.31 -12.39 -26.30
C LYS A 564 -20.66 -11.80 -25.93
N GLY A 565 -21.60 -12.62 -25.51
CA GLY A 565 -22.96 -12.13 -25.31
C GLY A 565 -23.47 -12.06 -23.90
N TYR A 566 -23.12 -13.02 -23.04
CA TYR A 566 -23.76 -13.10 -21.74
C TYR A 566 -22.97 -12.42 -20.63
N ILE A 567 -21.72 -12.03 -20.87
CA ILE A 567 -20.99 -11.32 -19.84
C ILE A 567 -21.40 -9.85 -19.80
N GLY A 568 -22.06 -9.36 -20.86
CA GLY A 568 -22.50 -7.98 -20.86
C GLY A 568 -23.89 -7.82 -20.26
N ALA A 569 -24.60 -8.93 -20.09
CA ALA A 569 -25.89 -8.92 -19.41
C ALA A 569 -25.75 -9.25 -17.93
N ILE A 570 -24.60 -9.77 -17.51
CA ILE A 570 -24.28 -9.84 -16.09
C ILE A 570 -24.05 -8.44 -15.54
N ILE A 571 -23.46 -7.57 -16.35
CA ILE A 571 -23.19 -6.19 -15.92
C ILE A 571 -24.48 -5.38 -15.90
N GLU A 572 -25.46 -5.74 -16.72
CA GLU A 572 -26.76 -5.08 -16.73
C GLU A 572 -27.60 -5.36 -15.48
N GLY A 573 -27.12 -6.18 -14.55
CA GLY A 573 -27.86 -6.45 -13.34
C GLY A 573 -28.91 -7.54 -13.46
N LYS A 574 -28.72 -8.48 -14.37
CA LYS A 574 -29.68 -9.56 -14.54
C LYS A 574 -29.23 -10.79 -13.76
N PHE A 575 -30.07 -11.84 -13.83
CA PHE A 575 -29.73 -13.23 -13.49
C PHE A 575 -29.50 -13.36 -11.98
N GLY A 576 -30.19 -12.52 -11.21
CA GLY A 576 -29.91 -12.40 -9.79
C GLY A 576 -30.43 -13.57 -8.97
N TYR A 577 -31.39 -14.33 -9.50
CA TYR A 577 -31.84 -15.53 -8.81
C TYR A 577 -30.86 -16.67 -8.96
N ILE A 578 -29.92 -16.52 -9.89
CA ILE A 578 -28.82 -17.45 -10.07
C ILE A 578 -27.58 -16.98 -9.33
N ILE A 579 -27.36 -15.67 -9.34
CA ILE A 579 -26.16 -15.09 -8.74
C ILE A 579 -26.32 -14.97 -7.23
N GLY A 580 -27.39 -14.33 -6.79
CA GLY A 580 -27.72 -14.30 -5.37
C GLY A 580 -26.98 -13.19 -4.65
N ASP A 581 -26.33 -13.54 -3.55
CA ASP A 581 -25.62 -12.58 -2.71
C ASP A 581 -24.12 -12.81 -2.85
N VAL A 582 -23.46 -11.88 -3.53
CA VAL A 582 -22.01 -11.90 -3.72
C VAL A 582 -21.42 -10.84 -2.81
N PRO A 583 -20.10 -10.91 -2.52
CA PRO A 583 -19.48 -9.81 -1.76
C PRO A 583 -19.50 -8.47 -2.48
N SER A 584 -20.26 -7.54 -1.92
CA SER A 584 -20.51 -6.23 -2.51
C SER A 584 -20.21 -5.14 -1.49
N LEU A 585 -19.81 -3.96 -1.96
CA LEU A 585 -19.60 -2.83 -1.07
C LEU A 585 -20.77 -1.88 -1.11
N ARG A 586 -21.47 -1.83 -2.24
CA ARG A 586 -22.65 -1.01 -2.45
C ARG A 586 -23.68 -1.77 -3.27
N ASP A 587 -24.91 -1.25 -3.27
CA ASP A 587 -25.96 -1.88 -4.03
C ASP A 587 -25.78 -1.61 -5.53
N TRP A 588 -26.19 -2.57 -6.33
CA TRP A 588 -25.79 -2.60 -7.74
C TRP A 588 -26.58 -1.57 -8.53
N PRO A 589 -25.91 -0.65 -9.23
CA PRO A 589 -26.62 0.45 -9.87
C PRO A 589 -27.31 0.03 -11.15
N GLU A 590 -28.13 0.96 -11.67
CA GLU A 590 -28.84 0.69 -12.91
C GLU A 590 -27.91 0.81 -14.11
N GLU A 591 -26.99 1.76 -14.09
CA GLU A 591 -25.95 1.89 -15.11
C GLU A 591 -24.60 1.78 -14.44
N PRO A 592 -24.01 0.58 -14.37
CA PRO A 592 -22.71 0.43 -13.72
C PRO A 592 -21.58 1.06 -14.52
N ASP A 593 -20.65 1.70 -13.81
CA ASP A 593 -19.51 2.34 -14.45
C ASP A 593 -18.43 1.31 -14.72
N ILE A 594 -18.69 0.50 -15.75
CA ILE A 594 -17.87 -0.62 -16.16
C ILE A 594 -17.55 -0.42 -17.64
N VAL A 595 -16.29 -0.61 -18.01
CA VAL A 595 -15.87 -0.60 -19.40
C VAL A 595 -15.18 -1.93 -19.69
N VAL A 596 -15.72 -2.69 -20.63
CA VAL A 596 -15.14 -3.96 -21.04
C VAL A 596 -14.13 -3.65 -22.15
N VAL A 597 -12.86 -4.00 -21.92
CA VAL A 597 -11.86 -3.82 -22.96
C VAL A 597 -11.92 -4.98 -23.95
N TYR A 598 -11.98 -6.22 -23.44
CA TYR A 598 -12.08 -7.39 -24.28
C TYR A 598 -12.75 -8.51 -23.49
N ALA A 599 -13.48 -9.36 -24.22
CA ALA A 599 -14.19 -10.52 -23.65
C ALA A 599 -14.55 -11.44 -24.81
N GLY A 600 -13.87 -12.58 -24.94
CA GLY A 600 -14.14 -13.52 -26.04
C GLY A 600 -13.24 -14.74 -25.95
N GLY A 601 -13.77 -15.91 -26.29
CA GLY A 601 -12.99 -17.15 -26.22
C GLY A 601 -13.11 -17.77 -24.84
N ASP A 602 -12.19 -17.44 -23.93
CA ASP A 602 -12.22 -17.98 -22.55
C ASP A 602 -11.60 -16.96 -21.60
N ASP A 603 -11.37 -15.73 -22.07
CA ASP A 603 -10.75 -14.70 -21.21
C ASP A 603 -11.53 -13.38 -21.34
N PHE A 604 -11.30 -12.47 -20.39
CA PHE A 604 -11.95 -11.14 -20.39
C PHE A 604 -11.03 -10.14 -19.68
N PHE A 605 -11.05 -8.89 -20.12
CA PHE A 605 -10.26 -7.81 -19.54
C PHE A 605 -11.20 -6.63 -19.37
N ILE A 606 -11.46 -6.24 -18.13
CA ILE A 606 -12.52 -5.29 -17.80
C ILE A 606 -11.97 -4.28 -16.80
N VAL A 607 -12.19 -3.00 -17.06
CA VAL A 607 -11.81 -1.93 -16.16
C VAL A 607 -13.06 -1.21 -15.67
N GLY A 608 -12.93 -0.53 -14.54
CA GLY A 608 -14.05 0.21 -14.00
C GLY A 608 -13.74 0.78 -12.64
N ALA A 609 -14.78 1.20 -11.93
CA ALA A 609 -14.65 1.60 -10.54
C ALA A 609 -14.35 0.39 -9.69
N TRP A 610 -13.49 0.56 -8.69
CA TRP A 610 -12.90 -0.59 -7.99
C TRP A 610 -13.92 -1.35 -7.16
N ASP A 611 -15.01 -0.68 -6.77
CA ASP A 611 -16.09 -1.35 -5.99
C ASP A 611 -16.87 -2.36 -6.85
N GLN A 612 -17.06 -2.08 -8.16
CA GLN A 612 -17.84 -2.92 -9.03
C GLN A 612 -16.98 -3.90 -9.82
N ILE A 613 -15.70 -3.60 -10.01
CA ILE A 613 -14.76 -4.60 -10.50
C ILE A 613 -14.58 -5.70 -9.46
N PHE A 614 -14.61 -5.34 -8.18
CA PHE A 614 -14.58 -6.32 -7.11
C PHE A 614 -15.84 -7.19 -7.13
N GLU A 615 -17.01 -6.56 -7.27
CA GLU A 615 -18.26 -7.31 -7.19
C GLU A 615 -18.50 -8.14 -8.44
N LEU A 616 -18.13 -7.62 -9.61
CA LEU A 616 -18.41 -8.32 -10.87
C LEU A 616 -17.56 -9.56 -11.02
N ALA A 617 -16.37 -9.60 -10.38
CA ALA A 617 -15.53 -10.79 -10.43
C ALA A 617 -16.18 -11.97 -9.73
N PHE A 618 -16.94 -11.72 -8.66
CA PHE A 618 -17.71 -12.77 -8.02
C PHE A 618 -19.06 -12.96 -8.70
N ARG A 619 -19.50 -11.98 -9.47
CA ARG A 619 -20.77 -12.03 -10.17
C ARG A 619 -20.65 -12.71 -11.52
N VAL A 620 -19.52 -12.53 -12.21
CA VAL A 620 -19.25 -13.30 -13.42
C VAL A 620 -19.01 -14.77 -13.09
N ARG A 621 -18.24 -15.03 -12.03
CA ARG A 621 -17.89 -16.40 -11.65
C ARG A 621 -19.13 -17.20 -11.22
N ARG A 622 -20.05 -16.56 -10.49
CA ARG A 622 -21.24 -17.26 -10.03
C ARG A 622 -22.17 -17.59 -11.20
N ALA A 623 -22.13 -16.78 -12.25
CA ALA A 623 -22.97 -17.06 -13.41
C ALA A 623 -22.28 -18.00 -14.39
N PHE A 624 -20.95 -17.95 -14.46
CA PHE A 624 -20.21 -18.94 -15.24
C PHE A 624 -20.28 -20.32 -14.60
N ASN A 625 -20.38 -20.38 -13.27
CA ASN A 625 -20.54 -21.64 -12.56
C ASN A 625 -21.85 -22.33 -12.95
N ALA A 626 -22.89 -21.55 -13.22
CA ALA A 626 -24.17 -22.11 -13.62
C ALA A 626 -24.41 -22.08 -15.13
N TYR A 627 -23.64 -21.28 -15.88
CA TYR A 627 -23.69 -21.40 -17.34
C TYR A 627 -23.12 -22.72 -17.80
N THR A 628 -22.04 -23.15 -17.20
CA THR A 628 -21.56 -24.52 -17.35
C THR A 628 -22.31 -25.38 -16.33
N GLY A 629 -21.90 -26.62 -16.17
CA GLY A 629 -22.60 -27.45 -15.23
C GLY A 629 -21.91 -27.56 -13.89
N GLY A 630 -21.19 -26.51 -13.50
CA GLY A 630 -20.33 -26.61 -12.35
C GLY A 630 -19.02 -27.32 -12.62
N LYS A 631 -18.74 -27.66 -13.87
CA LYS A 631 -17.61 -28.50 -14.21
C LYS A 631 -16.38 -27.74 -14.66
N LEU A 632 -16.54 -26.48 -15.08
CA LEU A 632 -15.42 -25.62 -15.46
C LEU A 632 -15.33 -24.45 -14.49
N THR A 633 -14.10 -24.04 -14.21
CA THR A 633 -13.81 -23.03 -13.20
C THR A 633 -13.19 -21.79 -13.86
N LEU A 634 -13.00 -20.76 -13.04
CA LEU A 634 -12.31 -19.55 -13.44
C LEU A 634 -11.13 -19.28 -12.51
N SER A 635 -10.22 -18.43 -13.00
CA SER A 635 -9.23 -17.78 -12.17
C SER A 635 -9.22 -16.32 -12.59
N VAL A 636 -9.29 -15.41 -11.63
CA VAL A 636 -9.37 -13.98 -11.90
C VAL A 636 -8.30 -13.27 -11.08
N GLY A 637 -7.56 -12.38 -11.72
CA GLY A 637 -6.67 -11.49 -11.01
C GLY A 637 -7.24 -10.08 -10.96
N LEU A 638 -7.27 -9.50 -9.77
CA LEU A 638 -7.84 -8.18 -9.55
C LEU A 638 -6.72 -7.21 -9.23
N GLY A 639 -6.87 -5.96 -9.67
CA GLY A 639 -5.90 -4.93 -9.37
C GLY A 639 -6.59 -3.59 -9.19
N TYR A 640 -6.05 -2.80 -8.26
CA TYR A 640 -6.63 -1.51 -7.94
C TYR A 640 -5.54 -0.46 -8.07
N PHE A 641 -5.76 0.52 -8.93
CA PHE A 641 -4.69 1.37 -9.45
C PHE A 641 -5.04 2.84 -9.36
N ASP A 642 -4.00 3.67 -9.38
CA ASP A 642 -4.13 5.09 -9.59
C ASP A 642 -4.58 5.37 -11.01
N GLU A 643 -5.18 6.54 -11.21
CA GLU A 643 -5.69 6.93 -12.53
C GLU A 643 -4.55 7.19 -13.51
N ARG A 644 -3.42 7.67 -13.00
CA ARG A 644 -2.31 8.06 -13.86
C ARG A 644 -1.26 6.97 -13.95
N THR A 645 -1.68 5.75 -13.63
CA THR A 645 -0.84 4.60 -13.90
C THR A 645 -0.97 4.22 -15.37
N PRO A 646 0.15 4.15 -16.09
CA PRO A 646 0.09 3.77 -17.50
C PRO A 646 -0.41 2.35 -17.68
N ILE A 647 -1.13 2.13 -18.78
CA ILE A 647 -1.83 0.86 -18.99
C ILE A 647 -0.86 -0.27 -19.36
N TYR A 648 0.38 0.02 -19.74
CA TYR A 648 1.35 -1.07 -19.81
C TYR A 648 1.74 -1.56 -18.43
N ARG A 649 1.66 -0.66 -17.45
CA ARG A 649 1.83 -0.98 -16.01
C ARG A 649 0.60 -1.72 -15.46
N MET A 650 -0.60 -1.25 -15.79
CA MET A 650 -1.85 -1.83 -15.30
C MET A 650 -2.15 -3.19 -15.91
N ALA A 651 -1.55 -3.52 -17.05
CA ALA A 651 -1.81 -4.83 -17.65
C ALA A 651 -0.72 -5.84 -17.28
N ASP A 652 0.45 -5.37 -16.84
CA ASP A 652 1.49 -6.29 -16.41
C ASP A 652 1.35 -6.71 -14.96
N VAL A 653 0.64 -5.94 -14.14
CA VAL A 653 0.41 -6.34 -12.76
C VAL A 653 -0.70 -7.38 -12.69
N VAL A 654 -1.82 -7.12 -13.39
CA VAL A 654 -2.98 -7.98 -13.33
C VAL A 654 -2.75 -9.28 -14.10
N SER A 655 -1.88 -9.27 -15.11
CA SER A 655 -1.48 -10.53 -15.75
C SER A 655 -0.58 -11.35 -14.83
N GLU A 656 0.31 -10.69 -14.08
CA GLU A 656 1.10 -11.37 -13.06
C GLU A 656 0.22 -11.92 -11.95
N ARG A 657 -0.88 -11.23 -11.64
CA ARG A 657 -1.80 -11.71 -10.62
C ARG A 657 -2.71 -12.81 -11.12
N LEU A 658 -3.01 -12.83 -12.41
CA LEU A 658 -3.74 -13.96 -12.99
C LEU A 658 -2.89 -15.22 -13.03
N ASP A 659 -1.60 -15.08 -13.35
CA ASP A 659 -0.71 -16.23 -13.38
C ASP A 659 -0.35 -16.74 -11.99
N THR A 660 -0.43 -15.88 -10.97
CA THR A 660 -0.20 -16.33 -9.61
C THR A 660 -1.40 -17.10 -9.07
N ALA A 661 -2.60 -16.65 -9.42
CA ALA A 661 -3.81 -17.42 -9.14
C ALA A 661 -3.85 -18.74 -9.91
N LYS A 662 -3.27 -18.79 -11.11
CA LYS A 662 -3.31 -20.04 -11.93
C LYS A 662 -2.24 -21.07 -11.52
N ASP A 663 -0.99 -20.65 -11.36
CA ASP A 663 0.12 -21.57 -11.02
C ASP A 663 -0.10 -22.19 -9.62
N GLU A 664 -0.60 -21.38 -8.68
CA GLU A 664 -0.86 -21.83 -7.28
C GLU A 664 -1.93 -22.92 -7.30
N GLY A 665 -3.06 -22.61 -7.94
CA GLY A 665 -4.17 -23.56 -8.10
C GLY A 665 -5.18 -23.00 -9.08
N ARG A 666 -6.06 -23.85 -9.61
CA ARG A 666 -7.14 -23.33 -10.49
C ARG A 666 -8.35 -22.96 -9.61
N ASN A 667 -9.31 -22.23 -10.16
CA ASN A 667 -10.58 -21.84 -9.47
C ASN A 667 -10.34 -20.96 -8.23
N ARG A 668 -9.33 -20.09 -8.25
CA ARG A 668 -9.08 -19.13 -7.20
C ARG A 668 -8.82 -17.73 -7.75
N VAL A 669 -9.26 -16.73 -6.97
CA VAL A 669 -9.18 -15.32 -7.32
C VAL A 669 -8.05 -14.65 -6.54
N PHE A 670 -7.36 -13.72 -7.18
CA PHE A 670 -6.40 -12.85 -6.52
C PHE A 670 -7.12 -11.56 -6.15
N VAL A 671 -7.52 -11.43 -4.88
CA VAL A 671 -8.38 -10.33 -4.47
C VAL A 671 -7.61 -9.02 -4.37
N VAL A 672 -6.57 -9.01 -3.52
CA VAL A 672 -5.79 -7.75 -3.31
C VAL A 672 -4.34 -8.12 -2.97
N GLY A 673 -3.41 -7.18 -3.13
CA GLY A 673 -2.00 -7.45 -2.79
C GLY A 673 -1.89 -7.70 -1.29
N ARG A 674 -1.14 -8.73 -0.89
CA ARG A 674 -1.00 -9.05 0.56
C ARG A 674 0.45 -9.45 0.87
N SER A 675 0.82 -9.39 2.15
CA SER A 675 2.17 -9.80 2.60
C SER A 675 2.04 -11.19 3.22
N ARG A 676 2.84 -12.15 2.74
CA ARG A 676 2.77 -13.52 3.29
C ARG A 676 4.18 -14.07 3.52
N PRO A 677 4.38 -14.96 4.51
CA PRO A 677 5.69 -15.55 4.81
C PRO A 677 6.22 -16.41 3.67
N LEU A 678 7.54 -16.54 3.62
CA LEU A 678 8.25 -17.20 2.54
C LEU A 678 8.47 -18.69 2.77
N ASP A 679 7.62 -19.37 3.52
CA ASP A 679 7.86 -20.77 3.83
C ASP A 679 7.38 -21.73 2.76
N GLY A 680 6.71 -21.25 1.72
CA GLY A 680 6.13 -22.12 0.72
C GLY A 680 4.83 -22.76 1.13
N LYS A 681 4.28 -22.37 2.28
CA LYS A 681 3.04 -22.94 2.80
C LYS A 681 1.93 -21.91 2.86
N HIS A 682 2.21 -20.66 2.48
CA HIS A 682 1.24 -19.59 2.39
C HIS A 682 1.09 -19.20 0.93
N LYS A 683 -0.07 -18.69 0.55
CA LYS A 683 -0.30 -18.29 -0.83
C LYS A 683 -1.21 -17.07 -0.87
N LEU A 684 -1.10 -16.31 -1.95
CA LEU A 684 -1.61 -14.94 -1.96
C LEU A 684 -3.05 -14.86 -2.43
N SER A 685 -3.55 -15.89 -3.10
CA SER A 685 -4.84 -15.83 -3.77
C SER A 685 -5.86 -16.70 -3.05
N TYR A 686 -7.11 -16.27 -3.10
CA TYR A 686 -8.21 -16.92 -2.40
C TYR A 686 -8.98 -17.82 -3.35
N GLU A 687 -9.28 -19.03 -2.89
CA GLU A 687 -10.31 -19.86 -3.51
C GLU A 687 -11.65 -19.12 -3.45
N TRP A 688 -12.48 -19.35 -4.49
CA TRP A 688 -13.72 -18.60 -4.63
C TRP A 688 -14.69 -18.88 -3.49
N ASN A 689 -14.86 -20.14 -3.12
CA ASN A 689 -15.74 -20.47 -2.00
C ASN A 689 -15.12 -20.13 -0.66
N HIS A 690 -13.79 -20.00 -0.60
CA HIS A 690 -13.13 -19.63 0.65
C HIS A 690 -13.38 -18.17 0.98
N TYR A 691 -13.11 -17.27 0.03
CA TYR A 691 -13.29 -15.84 0.27
C TYR A 691 -14.75 -15.47 0.42
N GLU A 692 -15.63 -16.15 -0.30
CA GLU A 692 -17.05 -15.82 -0.25
C GLU A 692 -17.72 -16.37 1.00
N GLU A 693 -17.03 -17.24 1.74
CA GLU A 693 -17.42 -17.59 3.10
C GLU A 693 -16.82 -16.64 4.12
N LEU A 694 -15.61 -16.12 3.87
CA LEU A 694 -15.03 -15.12 4.77
C LEU A 694 -15.78 -13.80 4.71
N TRP A 695 -16.48 -13.52 3.61
CA TRP A 695 -17.28 -12.31 3.53
C TRP A 695 -18.61 -12.47 4.24
N ARG A 696 -19.11 -13.70 4.37
CA ARG A 696 -20.37 -13.92 5.07
C ARG A 696 -20.25 -13.79 6.58
N THR A 697 -19.04 -13.91 7.13
CA THR A 697 -18.83 -13.94 8.56
C THR A 697 -18.12 -12.69 9.08
N TYR A 698 -17.14 -12.19 8.35
CA TYR A 698 -16.33 -11.07 8.83
C TYR A 698 -16.90 -9.72 8.42
N ALA A 699 -17.51 -9.61 7.25
CA ALA A 699 -18.03 -8.33 6.75
C ALA A 699 -19.35 -7.84 7.37
N PRO A 700 -20.40 -8.65 7.61
CA PRO A 700 -21.62 -8.06 8.19
C PRO A 700 -21.49 -7.64 9.64
N ARG A 701 -20.42 -8.02 10.33
CA ARG A 701 -20.19 -7.55 11.69
C ARG A 701 -19.30 -6.33 11.76
N ILE A 702 -18.75 -5.87 10.64
CA ILE A 702 -17.95 -4.65 10.61
C ILE A 702 -18.46 -3.63 9.60
N TYR A 703 -19.23 -4.03 8.59
CA TYR A 703 -19.58 -3.15 7.49
C TYR A 703 -21.09 -3.06 7.37
N ALA A 704 -21.58 -1.82 7.25
CA ALA A 704 -23.02 -1.58 7.22
C ALA A 704 -23.59 -1.42 5.83
N GLY A 705 -22.81 -0.96 4.87
CA GLY A 705 -23.35 -0.73 3.54
C GLY A 705 -23.06 0.69 3.08
N ASN A 706 -22.62 0.80 1.83
CA ASN A 706 -22.48 2.07 1.10
C ASN A 706 -21.43 2.98 1.73
N GLY A 707 -20.39 2.37 2.29
CA GLY A 707 -19.23 3.13 2.70
C GLY A 707 -19.10 3.43 4.18
N ARG A 708 -20.00 2.92 5.02
CA ARG A 708 -19.99 3.21 6.44
C ARG A 708 -19.88 1.93 7.25
N LEU A 709 -19.34 2.07 8.46
CA LEU A 709 -19.11 0.94 9.36
C LEU A 709 -20.35 0.72 10.22
N LYS A 710 -20.27 -0.23 11.15
CA LYS A 710 -21.39 -0.57 12.02
C LYS A 710 -21.40 0.31 13.26
N GLY A 711 -22.40 0.10 14.11
CA GLY A 711 -22.42 0.72 15.41
C GLY A 711 -21.33 0.16 16.31
N LYS A 712 -20.85 1.03 17.21
CA LYS A 712 -19.72 0.80 18.12
C LYS A 712 -18.41 0.48 17.40
N LEU A 713 -18.30 0.83 16.12
CA LEU A 713 -17.07 0.70 15.37
C LEU A 713 -16.81 1.94 14.53
N GLU A 714 -17.76 2.88 14.48
CA GLU A 714 -17.56 4.18 13.85
C GLU A 714 -16.42 4.93 14.51
N SER A 715 -15.51 5.45 13.67
CA SER A 715 -14.27 6.13 14.06
C SER A 715 -13.41 5.24 14.98
N LYS A 716 -13.40 3.94 14.70
CA LYS A 716 -12.52 3.01 15.37
C LYS A 716 -11.59 2.33 14.38
N LYS A 717 -10.98 3.13 13.50
CA LYS A 717 -9.90 2.64 12.66
C LYS A 717 -8.62 2.40 13.46
N GLY A 718 -8.56 2.90 14.70
CA GLY A 718 -7.55 2.46 15.66
C GLY A 718 -7.75 1.05 16.15
N LEU A 719 -8.87 0.40 15.79
CA LEU A 719 -9.00 -1.03 16.02
C LEU A 719 -8.62 -1.82 14.77
N LEU A 720 -9.14 -1.42 13.61
CA LEU A 720 -9.04 -2.23 12.40
C LEU A 720 -7.65 -2.19 11.78
N TRP A 721 -7.00 -1.02 11.76
CA TRP A 721 -5.64 -0.94 11.23
C TRP A 721 -4.63 -1.61 12.15
N LYS A 722 -4.87 -1.53 13.47
CA LYS A 722 -3.98 -2.19 14.42
C LYS A 722 -4.17 -3.69 14.39
N LEU A 723 -5.38 -4.16 14.04
CA LEU A 723 -5.60 -5.57 13.80
C LEU A 723 -4.80 -6.07 12.60
N LEU A 724 -4.56 -5.19 11.63
CA LEU A 724 -3.65 -5.52 10.54
C LEU A 724 -2.19 -5.32 10.92
N GLU A 725 -1.92 -4.62 12.02
CA GLU A 725 -0.55 -4.52 12.50
C GLU A 725 -0.15 -5.72 13.34
N ILE A 726 -1.09 -6.27 14.10
CA ILE A 726 -0.88 -7.55 14.77
C ILE A 726 -0.73 -8.65 13.74
N ARG A 727 -1.43 -8.53 12.60
CA ARG A 727 -1.31 -9.50 11.52
C ARG A 727 0.07 -9.48 10.88
N GLU A 728 0.76 -8.35 10.93
CA GLU A 728 2.11 -8.29 10.37
C GLU A 728 3.15 -8.92 11.27
N LEU A 729 2.82 -9.19 12.52
CA LEU A 729 3.73 -9.96 13.37
C LEU A 729 3.67 -11.44 13.03
N TYR A 730 2.50 -11.91 12.59
CA TYR A 730 2.38 -13.27 12.06
C TYR A 730 3.18 -13.46 10.79
N VAL A 731 3.32 -12.40 9.98
CA VAL A 731 4.03 -12.52 8.71
C VAL A 731 5.54 -12.63 8.95
N ARG A 732 6.05 -11.95 9.98
CA ARG A 732 7.47 -12.03 10.29
C ARG A 732 7.83 -13.39 10.87
N ASP A 733 7.11 -13.83 11.89
CA ASP A 733 7.31 -15.15 12.47
C ASP A 733 5.97 -15.85 12.62
N PRO A 734 5.66 -16.84 11.78
CA PRO A 734 4.38 -17.54 11.92
C PRO A 734 4.34 -18.49 13.10
N ASN A 735 5.49 -18.85 13.66
CA ASN A 735 5.53 -19.78 14.78
C ASN A 735 5.62 -19.06 16.12
N ASP A 736 5.93 -17.76 16.12
CA ASP A 736 5.81 -16.98 17.33
C ASP A 736 4.33 -16.77 17.65
N VAL A 737 3.99 -16.84 18.92
CA VAL A 737 2.60 -16.86 19.35
C VAL A 737 2.21 -15.50 19.94
N ARG A 738 3.03 -14.48 19.72
CA ARG A 738 2.75 -13.15 20.31
C ARG A 738 1.42 -12.59 19.79
N TRP A 739 1.15 -12.79 18.50
CA TRP A 739 -0.03 -12.19 17.88
C TRP A 739 -1.34 -12.65 18.50
N ALA A 740 -1.33 -13.75 19.26
CA ALA A 740 -2.58 -14.34 19.71
C ALA A 740 -3.18 -13.57 20.89
N TYR A 741 -2.35 -13.16 21.85
CA TYR A 741 -2.87 -12.43 23.00
C TYR A 741 -2.90 -10.92 22.76
N LEU A 742 -2.13 -10.43 21.79
CA LEU A 742 -2.24 -9.01 21.40
C LEU A 742 -3.58 -8.72 20.74
N THR A 743 -4.19 -9.71 20.09
CA THR A 743 -5.52 -9.52 19.54
C THR A 743 -6.56 -9.52 20.66
N ALA A 744 -6.43 -10.42 21.62
CA ALA A 744 -7.40 -10.52 22.71
C ALA A 744 -7.30 -9.34 23.66
N TYR A 745 -6.10 -8.76 23.81
CA TYR A 745 -5.97 -7.53 24.58
C TYR A 745 -6.57 -6.34 23.84
N LEU A 746 -6.36 -6.27 22.52
CA LEU A 746 -6.88 -5.17 21.73
C LEU A 746 -8.40 -5.23 21.63
N LEU A 747 -8.94 -6.43 21.43
CA LEU A 747 -10.41 -6.62 21.37
C LEU A 747 -11.02 -6.33 22.75
N GLY A 748 -10.38 -6.81 23.82
CA GLY A 748 -10.87 -6.65 25.20
C GLY A 748 -10.91 -5.22 25.70
N ARG A 749 -9.86 -4.44 25.45
CA ARG A 749 -9.79 -3.03 25.94
C ARG A 749 -10.89 -2.17 25.29
N HIS A 750 -11.19 -2.42 24.03
CA HIS A 750 -12.20 -1.62 23.28
C HIS A 750 -13.62 -2.12 23.57
N GLY A 751 -13.76 -3.16 24.40
CA GLY A 751 -15.08 -3.70 24.66
C GLY A 751 -15.65 -4.56 23.56
N LEU A 752 -14.97 -4.69 22.43
CA LEU A 752 -15.45 -5.51 21.32
C LEU A 752 -14.79 -6.89 21.36
N SER A 753 -15.07 -7.61 22.44
CA SER A 753 -14.53 -8.96 22.61
C SER A 753 -15.29 -10.00 21.81
N ASP A 754 -16.52 -9.70 21.39
CA ASP A 754 -17.32 -10.67 20.66
C ASP A 754 -17.08 -10.60 19.16
N LEU A 755 -16.65 -9.43 18.67
CA LEU A 755 -16.20 -9.34 17.28
C LEU A 755 -14.90 -10.11 17.11
N PHE A 756 -14.89 -10.99 16.10
CA PHE A 756 -13.77 -11.85 15.75
C PHE A 756 -13.29 -12.73 16.91
N PRO A 757 -14.07 -13.71 17.34
CA PRO A 757 -13.67 -14.54 18.49
C PRO A 757 -12.67 -15.65 18.16
N GLU A 758 -12.32 -15.85 16.90
CA GLU A 758 -11.38 -16.91 16.52
C GLU A 758 -10.01 -16.40 16.12
N LEU A 759 -9.74 -15.11 16.22
CA LEU A 759 -8.40 -14.58 16.03
C LEU A 759 -7.60 -14.52 17.33
N VAL A 760 -8.20 -14.88 18.46
CA VAL A 760 -7.55 -14.71 19.74
C VAL A 760 -6.82 -15.97 20.20
N GLY A 761 -7.21 -17.14 19.71
CA GLY A 761 -6.56 -18.40 20.04
C GLY A 761 -6.03 -19.08 18.80
N ILE A 762 -4.91 -19.78 18.96
CA ILE A 762 -4.30 -20.48 17.83
C ILE A 762 -5.14 -21.71 17.48
N ASP A 763 -5.30 -21.95 16.19
CA ASP A 763 -6.10 -23.08 15.70
C ASP A 763 -5.22 -24.33 15.70
N THR A 764 -5.51 -25.26 16.61
CA THR A 764 -4.72 -26.48 16.71
C THR A 764 -4.98 -27.42 15.54
N LYS A 765 -6.17 -27.35 14.96
CA LYS A 765 -6.47 -28.17 13.79
C LYS A 765 -5.72 -27.66 12.56
N ALA A 766 -5.47 -26.35 12.48
CA ALA A 766 -4.73 -25.79 11.36
C ALA A 766 -3.25 -26.11 11.44
N VAL A 767 -2.74 -26.37 12.65
CA VAL A 767 -1.34 -26.77 12.79
C VAL A 767 -1.14 -28.20 12.28
N GLU A 768 -2.12 -29.08 12.54
CA GLU A 768 -1.99 -30.47 12.11
C GLU A 768 -2.21 -30.60 10.61
N ARG A 769 -3.07 -29.76 10.03
CA ARG A 769 -3.29 -29.75 8.60
C ARG A 769 -2.22 -28.97 7.84
N LYS A 770 -1.33 -28.27 8.56
CA LYS A 770 -0.26 -27.43 8.00
C LYS A 770 -0.82 -26.34 7.08
N GLU A 771 -1.96 -25.81 7.48
CA GLU A 771 -2.64 -24.71 6.80
C GLU A 771 -2.57 -23.49 7.71
N PRO A 772 -2.64 -22.29 7.14
CA PRO A 772 -2.41 -21.07 7.95
C PRO A 772 -3.48 -20.81 8.99
N GLN A 773 -3.14 -19.91 9.91
CA GLN A 773 -4.01 -19.51 11.00
C GLN A 773 -5.14 -18.62 10.47
N PRO A 774 -6.24 -18.49 11.23
CA PRO A 774 -7.32 -17.58 10.80
C PRO A 774 -6.95 -16.10 10.82
N VAL A 775 -5.82 -15.70 11.40
CA VAL A 775 -5.39 -14.32 11.31
C VAL A 775 -4.78 -14.02 9.95
N TYR A 776 -4.40 -15.07 9.20
CA TYR A 776 -3.76 -14.85 7.91
C TYR A 776 -4.76 -14.52 6.82
N TRP A 777 -5.97 -15.05 6.90
CA TRP A 777 -6.94 -14.88 5.83
C TRP A 777 -7.94 -13.75 6.10
N VAL A 778 -7.76 -13.02 7.21
CA VAL A 778 -8.64 -11.88 7.50
C VAL A 778 -8.14 -10.62 6.82
N ASP A 779 -6.98 -10.68 6.15
CA ASP A 779 -6.39 -9.50 5.54
C ASP A 779 -7.19 -9.02 4.33
N GLY A 780 -7.61 -9.94 3.46
CA GLY A 780 -8.27 -9.56 2.24
C GLY A 780 -9.74 -9.21 2.39
N VAL A 781 -10.29 -9.34 3.60
CA VAL A 781 -11.63 -8.88 3.89
C VAL A 781 -11.61 -7.49 4.53
N LEU A 782 -10.69 -7.28 5.48
CA LEU A 782 -10.58 -6.00 6.16
C LEU A 782 -10.10 -4.91 5.21
N LYS A 783 -9.10 -5.23 4.40
CA LYS A 783 -8.48 -4.22 3.49
C LYS A 783 -9.54 -3.70 2.54
N ILE A 784 -10.42 -4.56 2.05
CA ILE A 784 -11.45 -4.11 1.12
C ILE A 784 -12.46 -3.21 1.84
N VAL A 785 -12.80 -3.55 3.09
CA VAL A 785 -13.71 -2.72 3.86
C VAL A 785 -13.03 -1.42 4.28
N LEU A 786 -11.72 -1.46 4.53
CA LEU A 786 -11.01 -0.23 4.86
C LEU A 786 -10.78 0.67 3.66
N MET A 787 -10.91 0.16 2.44
CA MET A 787 -10.88 1.03 1.28
C MET A 787 -12.26 1.51 0.89
N ALA A 788 -13.33 0.85 1.36
CA ALA A 788 -14.67 1.31 1.05
C ALA A 788 -15.07 2.44 1.98
N VAL A 789 -14.42 2.54 3.13
CA VAL A 789 -14.42 3.77 3.93
C VAL A 789 -13.19 4.50 3.39
N ARG A 790 -13.10 5.82 3.57
CA ARG A 790 -12.34 6.67 2.65
C ARG A 790 -10.82 6.50 2.74
N ARG A 791 -10.35 5.57 3.59
CA ARG A 791 -8.94 5.15 3.70
C ARG A 791 -8.00 6.29 4.13
N VAL B 25 -15.95 -30.63 32.08
CA VAL B 25 -16.55 -29.37 31.65
C VAL B 25 -15.52 -28.24 31.72
N ASP B 26 -15.09 -27.91 32.94
CA ASP B 26 -14.07 -26.87 33.11
C ASP B 26 -12.70 -27.37 32.68
N ALA B 27 -12.40 -28.66 32.90
CA ALA B 27 -11.16 -29.22 32.39
C ALA B 27 -11.28 -29.64 30.94
N SER B 28 -12.51 -29.74 30.44
CA SER B 28 -12.72 -30.03 29.02
C SER B 28 -12.61 -28.76 28.18
N ARG B 29 -12.89 -27.60 28.76
CA ARG B 29 -12.73 -26.35 28.04
C ARG B 29 -11.29 -25.84 28.11
N LEU B 30 -10.68 -25.92 29.29
CA LEU B 30 -9.29 -25.49 29.48
C LEU B 30 -8.39 -26.71 29.38
N PHE B 31 -8.15 -27.15 28.15
CA PHE B 31 -7.38 -28.34 27.86
C PHE B 31 -5.89 -28.00 27.79
N GLY B 32 -5.11 -28.93 27.24
CA GLY B 32 -3.65 -28.90 27.28
C GLY B 32 -3.01 -27.71 26.58
N GLU B 33 -3.15 -27.60 25.25
CA GLU B 33 -2.43 -26.58 24.51
C GLU B 33 -3.26 -25.32 24.27
N SER B 34 -4.33 -25.42 23.47
CA SER B 34 -5.27 -24.31 23.25
C SER B 34 -6.59 -24.90 22.76
N PRO B 35 -7.57 -25.00 23.66
CA PRO B 35 -8.86 -25.54 23.26
C PRO B 35 -9.86 -24.43 23.00
N ASP B 36 -10.15 -23.61 24.00
CA ASP B 36 -11.20 -22.61 23.87
C ASP B 36 -10.96 -21.39 24.75
N VAL B 37 -10.45 -20.30 24.15
CA VAL B 37 -10.43 -19.03 24.86
C VAL B 37 -11.79 -18.34 24.78
N VAL B 38 -12.53 -18.61 23.70
CA VAL B 38 -13.89 -18.10 23.56
C VAL B 38 -14.90 -18.92 24.34
N GLY B 39 -14.57 -20.18 24.65
CA GLY B 39 -15.45 -21.01 25.46
C GLY B 39 -15.23 -20.79 26.94
N ILE B 40 -13.99 -20.43 27.30
CA ILE B 40 -13.70 -20.08 28.68
C ILE B 40 -14.22 -18.70 29.03
N LYS B 41 -14.58 -17.88 28.03
CA LYS B 41 -15.18 -16.58 28.29
C LYS B 41 -16.68 -16.67 28.54
N LYS B 42 -17.27 -17.85 28.39
CA LYS B 42 -18.68 -18.01 28.71
C LYS B 42 -18.87 -18.43 30.17
N MET B 43 -18.00 -19.31 30.67
CA MET B 43 -18.11 -19.75 32.06
C MET B 43 -17.58 -18.70 33.03
N LEU B 44 -16.41 -18.13 32.75
CA LEU B 44 -15.81 -17.12 33.63
C LEU B 44 -16.58 -15.80 33.64
N GLU B 45 -17.29 -15.48 32.57
CA GLU B 45 -18.08 -14.26 32.52
C GLU B 45 -19.57 -14.59 32.46
N LYS B 47 -19.43 -21.75 37.62
CA LYS B 47 -18.71 -20.56 37.19
C LYS B 47 -17.66 -20.16 38.23
N GLY B 48 -18.00 -20.33 39.50
CA GLY B 48 -17.11 -19.92 40.58
C GLY B 48 -16.04 -20.97 40.87
N LYS B 49 -16.47 -22.17 41.24
CA LYS B 49 -15.54 -23.17 41.77
C LYS B 49 -15.13 -24.20 40.73
N GLN B 50 -15.75 -24.20 39.55
CA GLN B 50 -15.43 -25.17 38.52
C GLN B 50 -14.03 -24.96 37.94
N TRP B 51 -13.66 -23.71 37.66
CA TRP B 51 -12.31 -23.40 37.24
C TRP B 51 -11.33 -23.35 38.41
N GLU B 52 -11.81 -23.35 39.64
CA GLU B 52 -10.95 -23.24 40.82
C GLU B 52 -10.24 -24.54 41.17
N ALA B 53 -10.45 -25.61 40.40
CA ALA B 53 -9.77 -26.89 40.62
C ALA B 53 -8.83 -27.25 39.48
N ILE B 54 -9.27 -27.12 38.23
CA ILE B 54 -8.42 -27.42 37.09
C ILE B 54 -7.31 -26.40 36.92
N GLN B 55 -7.57 -25.14 37.23
CA GLN B 55 -6.53 -24.13 37.19
C GLN B 55 -5.65 -24.15 38.42
N PRO B 56 -6.20 -24.57 39.57
CA PRO B 56 -5.35 -24.80 40.74
C PRO B 56 -4.44 -26.00 40.54
N TYR B 57 -4.90 -26.99 39.76
CA TYR B 57 -4.01 -28.04 39.29
C TYR B 57 -3.01 -27.47 38.29
N PHE B 58 -3.45 -26.52 37.45
CA PHE B 58 -2.54 -25.84 36.54
C PHE B 58 -1.63 -24.87 37.27
N ASP B 59 -2.10 -24.25 38.37
CA ASP B 59 -1.20 -23.46 39.20
C ASP B 59 -0.22 -24.35 39.94
N ASN B 60 -0.65 -25.56 40.30
CA ASN B 60 0.29 -26.56 40.79
C ASN B 60 1.19 -27.04 39.66
N VAL B 61 0.67 -27.11 38.44
CA VAL B 61 1.52 -27.35 37.28
C VAL B 61 2.39 -26.13 36.99
N VAL B 62 1.90 -24.92 37.30
CA VAL B 62 2.76 -23.75 37.26
C VAL B 62 3.75 -23.77 38.42
N ARG B 63 3.36 -24.34 39.56
CA ARG B 63 4.33 -24.63 40.61
C ARG B 63 5.25 -25.77 40.18
N GLU B 64 4.75 -26.70 39.37
CA GLU B 64 5.62 -27.68 38.73
C GLU B 64 6.39 -27.08 37.55
N ALA B 65 5.98 -25.91 37.08
CA ALA B 65 6.76 -25.14 36.12
C ALA B 65 7.60 -24.12 36.89
N LYS B 66 8.37 -24.63 37.85
CA LYS B 66 9.37 -23.79 38.51
C LYS B 66 10.51 -23.47 37.56
N ASN B 67 10.92 -24.44 36.75
CA ASN B 67 11.81 -24.16 35.64
C ASN B 67 11.06 -23.38 34.57
N PHE B 68 11.37 -22.09 34.46
CA PHE B 68 10.62 -21.22 33.56
C PHE B 68 10.98 -21.48 32.10
N LEU B 69 12.26 -21.53 31.77
CA LEU B 69 12.70 -21.72 30.38
C LEU B 69 12.71 -23.19 29.97
N GLU B 70 11.57 -23.86 30.14
CA GLU B 70 11.36 -25.21 29.63
C GLU B 70 10.14 -25.30 28.74
N TRP B 71 9.54 -24.16 28.37
CA TRP B 71 8.30 -24.14 27.59
C TRP B 71 8.50 -23.20 26.41
N SER B 72 9.04 -23.75 25.32
CA SER B 72 9.15 -22.99 24.07
C SER B 72 7.99 -23.24 23.13
N PRO B 73 7.01 -24.03 23.56
CA PRO B 73 5.82 -24.34 22.80
C PRO B 73 4.72 -23.33 23.14
N ASN B 74 3.46 -23.66 22.82
CA ASN B 74 2.30 -22.87 23.22
C ASN B 74 1.98 -22.99 24.71
N LYS B 75 2.83 -23.61 25.52
CA LYS B 75 2.61 -23.81 26.94
C LYS B 75 2.55 -22.50 27.72
N ARG B 76 3.32 -21.50 27.30
CA ARG B 76 3.20 -20.18 27.93
C ARG B 76 1.86 -19.54 27.62
N LEU B 77 1.36 -19.72 26.40
CA LEU B 77 0.00 -19.31 26.08
C LEU B 77 -1.05 -20.24 26.65
N ALA B 78 -0.70 -21.50 26.92
CA ALA B 78 -1.60 -22.43 27.56
C ALA B 78 -1.80 -22.10 29.04
N ASN B 79 -0.70 -21.83 29.74
CA ASN B 79 -0.78 -21.54 31.16
C ASN B 79 -1.45 -20.20 31.43
N ALA B 80 -1.11 -19.18 30.63
CA ALA B 80 -1.57 -17.82 30.89
C ALA B 80 -3.06 -17.66 30.66
N VAL B 81 -3.67 -18.52 29.84
CA VAL B 81 -5.12 -18.55 29.76
C VAL B 81 -5.70 -19.20 31.01
N THR B 82 -5.09 -20.29 31.47
CA THR B 82 -5.59 -20.97 32.67
C THR B 82 -5.23 -20.22 33.94
N VAL B 83 -4.17 -19.40 33.91
CA VAL B 83 -3.92 -18.48 35.03
C VAL B 83 -4.97 -17.39 35.07
N ALA B 84 -5.24 -16.75 33.93
CA ALA B 84 -6.18 -15.65 33.89
C ALA B 84 -7.63 -16.09 33.96
N ALA B 85 -7.93 -17.37 33.70
CA ALA B 85 -9.29 -17.85 33.92
C ALA B 85 -9.55 -18.09 35.41
N TYR B 86 -8.51 -18.35 36.19
CA TYR B 86 -8.65 -18.46 37.63
C TYR B 86 -8.78 -17.10 38.30
N LEU B 87 -7.91 -16.16 37.90
CA LEU B 87 -7.90 -14.84 38.52
C LEU B 87 -9.08 -13.97 38.08
N THR B 88 -9.79 -14.38 37.02
CA THR B 88 -11.03 -13.71 36.63
C THR B 88 -12.12 -13.88 37.68
N SER B 89 -12.12 -15.02 38.39
CA SER B 89 -13.13 -15.28 39.41
C SER B 89 -12.99 -14.34 40.61
N GLN B 90 -11.84 -13.71 40.78
CA GLN B 90 -11.64 -12.69 41.80
C GLN B 90 -11.29 -11.37 41.11
N GLY B 91 -10.89 -10.36 41.89
CA GLY B 91 -10.68 -9.03 41.35
C GLY B 91 -9.49 -8.85 40.43
N LEU B 92 -8.28 -8.94 40.99
CA LEU B 92 -7.00 -8.77 40.30
C LEU B 92 -6.92 -7.41 39.59
N ILE B 100 4.97 -2.88 39.71
CA ILE B 100 5.79 -4.03 39.36
C ILE B 100 5.87 -4.19 37.84
N LEU B 101 4.75 -3.98 37.14
CA LEU B 101 4.69 -4.18 35.70
C LEU B 101 5.54 -3.14 34.97
N ASP B 102 5.59 -1.92 35.48
CA ASP B 102 6.47 -0.91 34.90
C ASP B 102 7.91 -1.13 35.32
N MET B 103 8.12 -1.69 36.51
CA MET B 103 9.45 -2.12 36.90
C MET B 103 9.92 -3.29 36.04
N ALA B 104 9.00 -4.19 35.68
CA ALA B 104 9.31 -5.21 34.68
C ALA B 104 9.50 -4.61 33.30
N ARG B 105 8.87 -3.46 33.04
CA ARG B 105 9.02 -2.81 31.74
C ARG B 105 10.34 -2.04 31.66
N THR B 106 10.76 -1.42 32.77
CA THR B 106 12.03 -0.71 32.76
C THR B 106 13.22 -1.66 32.79
N THR B 107 13.10 -2.79 33.48
CA THR B 107 14.15 -3.80 33.41
C THR B 107 14.15 -4.53 32.07
N GLU B 108 13.04 -4.47 31.34
CA GLU B 108 13.05 -4.90 29.95
C GLU B 108 13.83 -3.92 29.08
N LEU B 109 13.79 -2.63 29.44
CA LEU B 109 14.57 -1.63 28.72
C LEU B 109 16.05 -1.72 29.06
N LYS B 110 16.39 -2.38 30.18
CA LYS B 110 17.79 -2.53 30.56
C LYS B 110 18.53 -3.56 29.70
N VAL B 111 17.79 -4.34 28.92
CA VAL B 111 18.41 -5.36 28.07
C VAL B 111 19.19 -4.71 26.93
N LYS B 112 18.68 -3.62 26.37
CA LYS B 112 19.28 -2.99 25.19
C LYS B 112 20.56 -2.24 25.53
N ILE B 118 20.63 -7.68 36.14
CA ILE B 118 19.36 -7.27 36.75
C ILE B 118 19.21 -7.86 38.16
N LYS B 119 20.30 -8.43 38.70
CA LYS B 119 20.25 -9.05 40.03
C LYS B 119 20.04 -8.02 41.13
N ASP B 120 20.46 -6.78 40.90
CA ASP B 120 20.24 -5.71 41.87
C ASP B 120 18.79 -5.27 41.95
N ASP B 121 18.00 -5.50 40.91
CA ASP B 121 16.61 -5.04 40.86
C ASP B 121 15.58 -6.15 40.99
N LEU B 122 15.96 -7.42 40.76
CA LEU B 122 15.03 -8.51 41.02
C LEU B 122 14.81 -8.71 42.51
N VAL B 123 15.77 -8.28 43.33
CA VAL B 123 15.54 -8.18 44.77
C VAL B 123 14.45 -7.14 45.04
N LYS B 124 14.53 -5.99 44.37
CA LYS B 124 13.51 -4.96 44.53
C LYS B 124 12.20 -5.37 43.87
N MET B 125 12.27 -6.18 42.81
CA MET B 125 11.04 -6.66 42.16
C MET B 125 10.33 -7.70 43.02
N ARG B 126 11.09 -8.57 43.69
CA ARG B 126 10.49 -9.47 44.68
C ARG B 126 10.07 -8.71 45.92
N TYR B 127 10.70 -7.55 46.19
CA TYR B 127 10.29 -6.75 47.34
C TYR B 127 8.95 -6.05 47.09
N LEU B 128 8.79 -5.46 45.90
CA LEU B 128 7.53 -4.80 45.56
C LEU B 128 6.40 -5.80 45.38
N LEU B 129 6.72 -7.05 45.04
CA LEU B 129 5.70 -8.07 44.97
C LEU B 129 5.35 -8.58 46.36
N ALA B 130 6.31 -8.57 47.27
CA ALA B 130 6.02 -8.81 48.68
C ALA B 130 5.34 -7.61 49.33
N TYR B 131 5.66 -6.40 48.85
CA TYR B 131 5.02 -5.19 49.37
C TYR B 131 3.53 -5.14 49.05
N THR B 132 3.13 -5.70 47.90
CA THR B 132 1.73 -5.67 47.52
C THR B 132 0.91 -6.67 48.32
N VAL B 133 1.42 -7.89 48.47
CA VAL B 133 0.73 -8.88 49.29
C VAL B 133 0.87 -8.58 50.77
N GLY B 134 1.86 -7.76 51.15
CA GLY B 134 1.93 -7.25 52.51
C GLY B 134 1.05 -6.06 52.78
N LYS B 135 0.37 -5.55 51.75
CA LYS B 135 -0.54 -4.42 51.86
C LYS B 135 -2.00 -4.81 51.65
N ALA B 136 -2.28 -5.64 50.65
CA ALA B 136 -3.65 -5.93 50.24
C ALA B 136 -4.37 -6.81 51.25
N THR B 137 -5.10 -6.18 52.17
CA THR B 137 -5.95 -6.88 53.13
C THR B 137 -7.39 -6.55 52.84
N GLY B 138 -8.27 -7.53 53.02
CA GLY B 138 -9.67 -7.37 52.69
C GLY B 138 -10.17 -8.49 51.80
N GLN B 139 -11.05 -8.16 50.86
CA GLN B 139 -11.63 -9.17 49.97
C GLN B 139 -10.65 -9.61 48.88
N SER B 140 -9.53 -8.91 48.70
CA SER B 140 -8.59 -9.20 47.64
C SER B 140 -7.30 -9.83 48.15
N LYS B 141 -7.34 -10.53 49.29
CA LYS B 141 -6.17 -11.28 49.72
C LYS B 141 -5.95 -12.51 48.83
N TYR B 142 -7.03 -13.18 48.44
CA TYR B 142 -6.93 -14.46 47.75
C TYR B 142 -6.45 -14.32 46.32
N SER B 143 -6.91 -13.31 45.58
CA SER B 143 -6.41 -13.05 44.25
C SER B 143 -4.94 -12.66 44.25
N LEU B 144 -4.50 -11.87 45.23
CA LEU B 144 -3.12 -11.49 45.36
C LEU B 144 -2.22 -12.61 45.87
N ASP B 145 -2.78 -13.56 46.63
CA ASP B 145 -1.96 -14.68 47.09
C ASP B 145 -1.79 -15.71 45.99
N ALA B 146 -2.80 -15.88 45.13
CA ALA B 146 -2.65 -16.71 43.95
C ALA B 146 -1.72 -16.07 42.93
N PHE B 147 -1.74 -14.73 42.85
CA PHE B 147 -0.78 -14.01 42.03
C PHE B 147 0.61 -14.06 42.64
N HIS B 148 0.68 -14.22 43.97
CA HIS B 148 1.96 -14.43 44.65
C HIS B 148 2.47 -15.83 44.44
N ARG B 149 1.57 -16.78 44.18
CA ARG B 149 1.93 -18.19 44.13
C ARG B 149 2.68 -18.56 42.85
N ILE B 150 2.49 -17.78 41.79
CA ILE B 150 2.96 -18.16 40.46
C ILE B 150 4.29 -17.49 40.11
N LEU B 151 4.44 -16.20 40.44
CA LEU B 151 5.56 -15.45 39.90
C LEU B 151 6.87 -15.69 40.67
N ASP B 152 6.83 -15.71 42.00
CA ASP B 152 8.03 -15.96 42.80
C ASP B 152 8.71 -17.32 42.60
N PRO B 153 8.02 -18.42 42.25
CA PRO B 153 8.77 -19.56 41.71
C PRO B 153 9.53 -19.26 40.43
N MET B 154 9.00 -18.39 39.56
CA MET B 154 9.76 -17.99 38.38
C MET B 154 10.71 -16.83 38.66
N LEU B 155 10.56 -16.17 39.82
CA LEU B 155 11.51 -15.14 40.21
C LEU B 155 12.68 -15.69 41.02
N GLU B 156 12.70 -16.98 41.32
CA GLU B 156 13.88 -17.58 41.94
C GLU B 156 14.89 -18.03 40.89
N VAL B 157 14.40 -18.53 39.75
CA VAL B 157 15.29 -18.97 38.67
C VAL B 157 15.96 -17.77 38.02
N LEU B 158 15.25 -16.64 37.93
CA LEU B 158 15.79 -15.40 37.38
C LEU B 158 16.93 -14.81 38.20
N MET B 159 17.10 -15.23 39.45
CA MET B 159 18.24 -14.76 40.23
C MET B 159 19.54 -15.38 39.72
N GLY B 160 19.59 -16.71 39.63
CA GLY B 160 20.75 -17.39 39.13
C GLY B 160 20.69 -17.76 37.67
N SER B 161 20.54 -16.77 36.79
CA SER B 161 20.42 -17.00 35.36
C SER B 161 20.90 -15.76 34.62
N PRO B 162 21.28 -15.89 33.35
CA PRO B 162 21.58 -14.71 32.53
C PRO B 162 20.33 -13.88 32.25
N LYS B 163 20.56 -12.73 31.62
CA LYS B 163 19.56 -11.68 31.59
C LYS B 163 18.97 -11.40 30.21
N LYS B 164 19.73 -11.60 29.13
CA LYS B 164 19.14 -11.49 27.79
C LYS B 164 18.13 -12.61 27.53
N GLU B 165 18.52 -13.85 27.82
CA GLU B 165 17.61 -14.98 27.78
C GLU B 165 17.02 -15.21 29.16
N ASN B 166 15.96 -16.02 29.21
CA ASN B 166 15.27 -16.57 30.38
C ASN B 166 14.43 -15.51 31.11
N PHE B 167 14.58 -14.24 30.74
CA PHE B 167 13.68 -13.18 31.18
C PHE B 167 12.77 -12.70 30.06
N GLU B 168 13.26 -12.76 28.82
CA GLU B 168 12.41 -12.56 27.66
C GLU B 168 11.32 -13.62 27.59
N LYS B 169 11.64 -14.85 27.98
CA LYS B 169 10.65 -15.92 28.04
C LYS B 169 9.71 -15.77 29.22
N PHE B 170 10.11 -15.04 30.25
CA PHE B 170 9.22 -14.76 31.38
C PHE B 170 8.35 -13.54 31.10
N TYR B 171 8.91 -12.51 30.47
CA TYR B 171 8.17 -11.29 30.22
C TYR B 171 7.16 -11.46 29.10
N ASP B 172 7.34 -12.48 28.26
CA ASP B 172 6.28 -12.86 27.33
C ASP B 172 5.12 -13.54 28.05
N PHE B 173 5.42 -14.27 29.13
CA PHE B 173 4.36 -14.92 29.89
C PHE B 173 3.58 -13.91 30.72
N LEU B 174 4.28 -12.97 31.34
CA LEU B 174 3.63 -11.97 32.19
C LEU B 174 2.76 -11.00 31.39
N GLN B 175 3.13 -10.71 30.14
CA GLN B 175 2.23 -9.93 29.28
C GLN B 175 1.00 -10.73 28.90
N ALA B 176 1.15 -12.04 28.72
CA ALA B 176 0.03 -12.86 28.25
C ALA B 176 -1.01 -13.09 29.35
N VAL B 177 -0.64 -12.96 30.62
CA VAL B 177 -1.61 -13.11 31.70
C VAL B 177 -2.51 -11.88 31.76
N VAL B 178 -1.92 -10.68 31.66
CA VAL B 178 -2.68 -9.44 31.70
C VAL B 178 -3.51 -9.28 30.44
N ALA B 179 -3.04 -9.81 29.31
CA ALA B 179 -3.73 -9.65 28.03
C ALA B 179 -5.07 -10.38 28.02
N TYR B 180 -5.08 -11.65 28.43
CA TYR B 180 -6.35 -12.38 28.48
C TYR B 180 -7.23 -11.94 29.64
N HIS B 181 -6.64 -11.37 30.70
CA HIS B 181 -7.44 -10.94 31.85
C HIS B 181 -8.34 -9.77 31.50
N LYS B 182 -7.88 -8.87 30.62
CA LYS B 182 -8.78 -7.86 30.06
C LYS B 182 -9.82 -8.48 29.15
N PHE B 183 -9.46 -9.56 28.47
CA PHE B 183 -10.37 -10.20 27.52
C PHE B 183 -11.54 -10.89 28.22
N PHE B 184 -11.31 -11.47 29.40
CA PHE B 184 -12.39 -12.15 30.10
C PHE B 184 -13.28 -11.21 30.90
N GLY B 185 -12.93 -9.93 30.99
CA GLY B 185 -13.78 -8.99 31.70
C GLY B 185 -13.26 -8.59 33.07
N GLY B 186 -11.96 -8.37 33.17
CA GLY B 186 -11.38 -7.93 34.43
C GLY B 186 -10.47 -6.72 34.26
N GLY B 187 -9.92 -6.24 35.37
CA GLY B 187 -9.05 -5.07 35.33
C GLY B 187 -8.18 -4.91 36.57
N ARG C 6 38.85 12.03 -20.90
CA ARG C 6 39.95 11.11 -20.64
C ARG C 6 39.72 10.54 -19.23
N PHE C 7 40.56 9.60 -18.79
CA PHE C 7 40.44 8.98 -17.49
C PHE C 7 41.82 8.91 -16.83
N TYR C 8 41.88 9.29 -15.56
CA TYR C 8 43.11 9.26 -14.78
C TYR C 8 42.99 8.45 -13.50
N GLY C 9 41.84 8.45 -12.87
CA GLY C 9 41.65 7.70 -11.63
C GLY C 9 40.24 7.92 -11.13
N LYS C 10 39.98 7.33 -9.96
CA LYS C 10 38.67 7.46 -9.32
C LYS C 10 38.87 7.68 -7.82
N ILE C 11 38.75 8.94 -7.39
CA ILE C 11 38.80 9.26 -5.97
C ILE C 11 37.57 8.66 -5.30
N VAL C 12 37.81 7.86 -4.26
CA VAL C 12 36.78 7.05 -3.62
C VAL C 12 36.62 7.54 -2.19
N ILE C 13 35.40 7.96 -1.84
CA ILE C 13 35.08 8.49 -0.52
C ILE C 13 34.21 7.46 0.19
N LYS C 14 34.66 7.00 1.34
CA LYS C 14 33.92 6.05 2.15
C LYS C 14 33.68 6.64 3.53
N GLY C 15 32.62 6.16 4.17
CA GLY C 15 32.31 6.61 5.52
C GLY C 15 30.94 6.14 5.97
N LYS C 16 30.45 6.78 7.03
CA LYS C 16 29.16 6.43 7.59
C LYS C 16 28.25 7.64 7.67
N ILE C 17 26.97 7.43 7.39
CA ILE C 17 25.91 8.41 7.58
C ILE C 17 25.21 8.10 8.89
N LYS C 18 25.27 9.04 9.82
CA LYS C 18 24.59 8.97 11.11
C LYS C 18 23.30 9.76 11.01
N ALA C 19 22.19 9.13 11.38
CA ALA C 19 20.90 9.82 11.46
C ALA C 19 20.73 10.28 12.90
N VAL C 20 21.14 11.52 13.18
CA VAL C 20 21.11 12.03 14.54
C VAL C 20 19.67 12.26 15.00
N THR C 21 18.82 12.74 14.10
CA THR C 21 17.37 12.77 14.32
C THR C 21 16.78 11.85 13.27
N GLY C 22 15.58 11.30 13.57
CA GLY C 22 14.97 10.26 12.77
C GLY C 22 14.66 10.60 11.32
N LEU C 23 14.92 9.65 10.43
CA LEU C 23 15.03 9.92 9.00
C LEU C 23 13.80 9.38 8.26
N HIS C 24 13.31 10.13 7.28
CA HIS C 24 12.15 9.75 6.48
C HIS C 24 12.45 9.96 5.01
N ILE C 25 12.27 8.91 4.19
CA ILE C 25 12.29 9.02 2.74
C ILE C 25 11.15 8.16 2.22
N GLY C 26 10.06 8.79 1.79
CA GLY C 26 8.81 8.08 1.60
C GLY C 26 8.71 7.32 0.29
N SER C 27 7.78 6.36 0.27
CA SER C 27 7.48 5.57 -0.93
C SER C 27 6.08 5.85 -1.46
N GLN C 28 5.16 6.15 -0.54
CA GLN C 28 3.72 6.34 -0.80
C GLN C 28 3.13 5.12 -1.52
N ARG C 29 3.15 4.01 -0.79
CA ARG C 29 2.50 2.79 -1.24
C ARG C 29 1.34 2.44 -0.31
N GLY C 36 1.77 -1.84 9.86
CA GLY C 36 1.09 -1.05 8.84
C GLY C 36 0.99 0.43 9.18
N ILE C 37 1.96 1.20 8.69
CA ILE C 37 2.01 2.64 8.94
C ILE C 37 1.63 3.35 7.65
N ALA C 38 0.93 4.48 7.79
CA ALA C 38 0.26 5.12 6.65
C ALA C 38 1.23 5.68 5.61
N ASN C 39 2.27 6.39 6.03
CA ASN C 39 3.31 6.85 5.10
C ASN C 39 4.56 6.01 5.37
N PRO C 40 4.89 5.08 4.48
CA PRO C 40 6.09 4.26 4.72
C PRO C 40 7.35 4.83 4.11
N VAL C 41 8.45 4.70 4.86
CA VAL C 41 9.78 4.93 4.34
C VAL C 41 10.12 3.81 3.36
N ILE C 42 11.02 4.08 2.39
CA ILE C 42 11.30 3.03 1.41
C ILE C 42 12.23 1.99 2.02
N LYS C 43 12.06 0.75 1.57
CA LYS C 43 12.69 -0.39 2.20
C LYS C 43 13.19 -1.34 1.13
N ASP C 44 14.13 -2.20 1.53
CA ASP C 44 14.61 -3.30 0.70
C ASP C 44 13.44 -4.22 0.36
N PRO C 45 13.22 -4.56 -0.91
CA PRO C 45 12.13 -5.48 -1.25
C PRO C 45 12.27 -6.88 -0.68
N HIS C 46 13.50 -7.36 -0.48
CA HIS C 46 13.70 -8.74 -0.04
C HIS C 46 13.83 -8.86 1.47
N THR C 47 14.59 -7.98 2.12
CA THR C 47 14.84 -8.08 3.55
C THR C 47 14.01 -7.12 4.38
N GLY C 48 13.37 -6.14 3.75
CA GLY C 48 12.53 -5.21 4.48
C GLY C 48 13.28 -4.14 5.26
N LEU C 49 14.57 -3.97 5.00
CA LEU C 49 15.34 -2.94 5.70
C LEU C 49 15.29 -1.62 4.93
N PRO C 50 15.19 -0.49 5.62
CA PRO C 50 15.24 0.80 4.95
C PRO C 50 16.65 1.11 4.46
N TYR C 51 16.73 2.05 3.54
CA TYR C 51 18.02 2.49 3.02
C TYR C 51 17.88 3.91 2.52
N ILE C 52 19.03 4.55 2.29
CA ILE C 52 19.08 5.87 1.67
C ILE C 52 19.34 5.66 0.19
N PRO C 53 18.47 6.13 -0.71
CA PRO C 53 18.72 6.01 -2.15
C PRO C 53 19.92 6.82 -2.59
N GLY C 54 20.51 6.38 -3.69
CA GLY C 54 21.58 7.16 -4.28
C GLY C 54 21.12 8.41 -4.99
N SER C 55 19.86 8.45 -5.38
CA SER C 55 19.27 9.62 -6.00
C SER C 55 18.81 10.65 -4.99
N SER C 56 18.25 10.20 -3.85
CA SER C 56 17.84 11.11 -2.80
C SER C 56 19.00 11.82 -2.15
N LEU C 57 20.16 11.18 -2.07
CA LEU C 57 21.33 11.84 -1.51
C LEU C 57 22.02 12.72 -2.55
N LYS C 58 22.05 12.29 -3.82
CA LYS C 58 22.67 13.11 -4.86
C LYS C 58 21.86 14.36 -5.15
N GLY C 59 20.53 14.24 -5.24
CA GLY C 59 19.71 15.38 -5.58
C GLY C 59 19.58 16.39 -4.47
N ARG C 60 19.76 15.97 -3.23
CA ARG C 60 19.82 16.90 -2.12
C ARG C 60 21.15 17.62 -2.06
N LEU C 61 22.26 16.97 -2.43
CA LEU C 61 23.54 17.66 -2.51
C LEU C 61 23.58 18.63 -3.67
N ARG C 62 22.90 18.33 -4.77
CA ARG C 62 22.87 19.25 -5.90
C ARG C 62 22.01 20.47 -5.60
N SER C 63 20.81 20.25 -5.06
CA SER C 63 19.89 21.34 -4.71
C SER C 63 20.51 22.33 -3.71
N LEU C 64 21.26 21.83 -2.74
CA LEU C 64 21.95 22.72 -1.80
C LEU C 64 23.08 23.48 -2.48
N PHE C 65 23.65 22.94 -3.55
CA PHE C 65 24.79 23.59 -4.17
C PHE C 65 24.37 24.47 -5.33
N GLU C 66 23.23 24.19 -5.96
CA GLU C 66 22.71 25.10 -6.98
C GLU C 66 22.25 26.41 -6.36
N ILE C 67 21.77 26.39 -5.12
CA ILE C 67 21.42 27.61 -4.42
C ILE C 67 22.68 28.31 -3.93
N LEU C 68 23.73 27.55 -3.63
CA LEU C 68 25.03 28.13 -3.26
C LEU C 68 25.64 28.90 -4.41
N VAL C 69 25.57 28.33 -5.63
CA VAL C 69 26.17 28.96 -6.79
C VAL C 69 25.32 30.12 -7.29
N ASN C 70 24.00 30.08 -7.02
CA ASN C 70 23.11 31.15 -7.42
C ASN C 70 23.40 32.44 -6.67
N SER C 71 23.95 32.35 -5.46
CA SER C 71 24.32 33.52 -4.70
C SER C 71 25.68 34.08 -5.08
N ARG C 72 26.53 33.27 -5.69
CA ARG C 72 27.88 33.68 -6.06
C ARG C 72 28.08 33.63 -7.58
N LEU C 73 27.08 34.08 -8.34
CA LEU C 73 27.24 34.14 -9.79
C LEU C 73 28.18 35.25 -10.20
N GLY C 74 28.11 36.40 -9.54
CA GLY C 74 28.99 37.51 -9.88
C GLY C 74 30.41 37.31 -9.39
N GLU C 75 30.57 36.68 -8.22
CA GLU C 75 31.88 36.49 -7.63
C GLU C 75 32.67 35.35 -8.25
N TRP C 76 32.03 34.49 -9.06
CA TRP C 76 32.69 33.34 -9.66
C TRP C 76 32.70 33.41 -11.18
N ARG C 77 32.67 34.62 -11.74
CA ARG C 77 32.71 34.78 -13.19
C ARG C 77 34.05 34.39 -13.79
N GLU C 78 35.15 34.49 -13.04
CA GLU C 78 36.48 34.30 -13.58
C GLU C 78 37.06 32.91 -13.32
N LYS C 79 36.84 32.33 -12.15
CA LYS C 79 37.22 30.94 -11.92
C LYS C 79 36.34 29.98 -12.72
N TYR C 80 35.07 30.29 -12.85
CA TYR C 80 34.14 29.48 -13.62
C TYR C 80 33.52 30.32 -14.72
N PRO C 81 34.00 30.22 -15.97
CA PRO C 81 33.25 30.78 -17.09
C PRO C 81 31.93 30.07 -17.30
N SER C 82 31.06 30.66 -18.14
CA SER C 82 29.67 30.28 -18.38
C SER C 82 28.80 30.36 -17.13
N LEU C 83 29.27 31.02 -16.07
CA LEU C 83 28.38 31.64 -15.10
C LEU C 83 28.12 33.10 -15.45
N ALA C 84 28.65 33.55 -16.59
CA ALA C 84 28.32 34.86 -17.13
C ALA C 84 27.17 34.79 -18.11
N ASN C 85 26.67 33.58 -18.34
CA ASN C 85 25.50 33.35 -19.24
C ASN C 85 24.23 33.31 -18.39
N TYR C 86 24.36 33.50 -17.06
CA TYR C 86 23.19 33.38 -16.16
C TYR C 86 23.05 34.59 -15.22
N SER C 87 21.80 34.93 -14.92
CA SER C 87 21.40 36.03 -13.99
C SER C 87 20.66 35.37 -12.83
N PRO C 88 20.83 35.79 -11.56
CA PRO C 88 20.20 35.08 -10.43
C PRO C 88 18.68 35.12 -10.52
N GLY C 89 18.06 33.98 -10.25
CA GLY C 89 16.62 33.85 -10.36
C GLY C 89 16.15 32.59 -11.03
N SER C 90 14.84 32.47 -11.24
CA SER C 90 14.23 31.30 -11.85
C SER C 90 13.48 31.67 -13.12
N CYS C 91 13.35 30.69 -14.02
CA CYS C 91 12.64 30.87 -15.28
C CYS C 91 11.17 30.49 -15.18
N ARG C 92 10.67 30.23 -13.99
CA ARG C 92 9.23 30.00 -13.81
C ARG C 92 8.33 31.19 -14.17
N PRO C 93 8.67 32.50 -13.84
CA PRO C 93 7.79 33.60 -14.29
C PRO C 93 7.61 33.73 -15.79
N ASP C 94 8.68 33.88 -16.55
CA ASP C 94 8.58 33.88 -18.01
C ASP C 94 8.83 32.46 -18.51
N ASN C 95 7.77 31.80 -18.97
CA ASN C 95 7.80 30.36 -19.24
C ASN C 95 8.60 30.02 -20.49
N GLN C 96 9.92 30.26 -20.44
CA GLN C 96 10.83 30.02 -21.55
C GLN C 96 12.08 29.38 -20.98
N GLU C 97 12.45 28.21 -21.49
CA GLU C 97 13.66 27.56 -21.02
C GLU C 97 14.89 28.28 -21.55
N ASN C 98 16.05 27.91 -20.97
CA ASN C 98 17.41 28.41 -21.12
C ASN C 98 17.50 29.92 -21.37
N CYS C 99 16.75 30.69 -20.57
CA CYS C 99 16.79 32.14 -20.59
C CYS C 99 17.94 32.65 -19.72
N GLY C 100 17.93 33.95 -19.41
CA GLY C 100 19.04 34.53 -18.67
C GLY C 100 19.10 34.13 -17.22
N LYS C 101 18.01 33.59 -16.67
CA LYS C 101 18.00 33.20 -15.26
C LYS C 101 18.79 31.91 -15.06
N PHE C 102 19.05 31.58 -13.80
CA PHE C 102 19.98 30.48 -13.49
C PHE C 102 19.27 29.14 -13.49
N PHE C 103 18.04 29.08 -12.96
CA PHE C 103 17.30 27.82 -12.92
C PHE C 103 16.51 27.73 -14.23
N ASN C 104 17.16 27.16 -15.25
CA ASN C 104 16.75 27.37 -16.63
C ASN C 104 15.93 26.24 -17.24
N ARG C 105 16.05 25.01 -16.78
CA ARG C 105 15.41 23.88 -17.44
C ARG C 105 14.19 23.42 -16.66
N LYS C 106 13.07 23.27 -17.35
CA LYS C 106 11.84 22.75 -16.68
C LYS C 106 11.73 21.27 -17.03
N ILE C 107 12.05 20.37 -16.10
CA ILE C 107 11.96 18.92 -16.42
C ILE C 107 10.50 18.57 -16.67
N ASN C 108 9.61 19.01 -15.77
CA ASN C 108 8.16 18.78 -15.96
C ASN C 108 7.40 19.97 -15.38
N ARG C 109 7.38 20.07 -14.05
CA ARG C 109 6.72 21.19 -13.33
C ARG C 109 7.76 21.92 -12.46
N GLY C 110 9.01 21.45 -12.47
CA GLY C 110 10.03 22.07 -11.65
C GLY C 110 11.18 22.59 -12.48
N TRP C 111 11.82 23.64 -11.97
CA TRP C 111 12.88 24.35 -12.68
C TRP C 111 14.23 24.08 -12.01
N ILE C 112 15.18 23.58 -12.78
CA ILE C 112 16.48 23.13 -12.30
C ILE C 112 17.54 23.70 -13.22
N HIS C 113 18.63 24.23 -12.62
CA HIS C 113 19.79 24.64 -13.40
C HIS C 113 20.45 23.42 -14.05
N VAL C 114 20.35 23.32 -15.37
CA VAL C 114 21.10 22.36 -16.16
C VAL C 114 21.64 23.10 -17.38
N CYS C 115 22.97 23.13 -17.51
CA CYS C 115 23.58 23.78 -18.66
C CYS C 115 23.32 22.96 -19.93
N PRO C 116 23.04 23.61 -21.06
CA PRO C 116 22.53 22.87 -22.23
C PRO C 116 23.59 22.36 -23.18
N ASP C 117 24.88 22.44 -22.85
CA ASP C 117 25.91 22.12 -23.82
C ASP C 117 27.10 21.52 -23.09
N TYR C 118 27.92 20.77 -23.84
CA TYR C 118 29.14 20.19 -23.28
C TYR C 118 30.17 21.26 -22.95
N GLU C 119 30.38 22.20 -23.86
CA GLU C 119 31.40 23.22 -23.67
C GLU C 119 31.01 24.25 -22.62
N THR C 120 29.71 24.38 -22.33
CA THR C 120 29.26 25.26 -21.25
C THR C 120 29.25 24.57 -19.89
N ALA C 121 28.78 23.32 -19.82
CA ALA C 121 28.75 22.60 -18.56
C ALA C 121 30.14 22.18 -18.09
N LEU C 122 31.12 22.13 -19.00
CA LEU C 122 32.50 21.87 -18.62
C LEU C 122 33.11 23.01 -17.81
N ALA C 123 32.58 24.22 -17.92
CA ALA C 123 33.06 25.34 -17.14
C ALA C 123 32.10 25.76 -16.04
N CYS C 124 30.93 25.14 -15.95
CA CYS C 124 30.03 25.39 -14.83
C CYS C 124 30.56 24.69 -13.59
N PRO C 125 30.30 25.21 -12.38
CA PRO C 125 30.68 24.45 -11.18
C PRO C 125 29.69 23.35 -10.85
N VAL C 126 28.41 23.52 -11.18
CA VAL C 126 27.40 22.55 -10.80
C VAL C 126 27.37 21.39 -11.79
N CYS C 127 27.14 21.71 -13.07
CA CYS C 127 26.89 20.66 -14.06
C CYS C 127 28.15 19.91 -14.44
N ARG C 128 29.33 20.44 -14.12
CA ARG C 128 30.55 19.67 -14.29
C ARG C 128 30.63 18.52 -13.28
N LEU C 129 30.21 18.78 -12.05
CA LEU C 129 30.28 17.80 -10.98
C LEU C 129 29.07 16.87 -11.00
N PHE C 130 27.88 17.39 -11.31
CA PHE C 130 26.65 16.63 -11.19
C PHE C 130 26.01 16.21 -12.51
N GLY C 131 26.43 16.77 -13.64
CA GLY C 131 25.96 16.29 -14.92
C GLY C 131 24.92 17.21 -15.53
N ALA C 132 24.79 17.09 -16.85
CA ALA C 132 23.86 17.92 -17.62
C ALA C 132 23.21 17.09 -18.71
N SER C 133 22.00 17.48 -19.10
CA SER C 133 21.31 16.82 -20.20
C SER C 133 21.57 17.53 -21.53
N GLY C 134 20.99 18.70 -21.72
CA GLY C 134 21.15 19.41 -22.97
C GLY C 134 20.46 18.79 -24.17
N LYS C 135 20.39 19.54 -25.26
CA LYS C 135 20.01 19.00 -26.56
C LYS C 135 21.29 18.78 -27.33
N GLU C 136 21.43 17.57 -27.93
CA GLU C 136 22.52 17.19 -28.83
C GLU C 136 23.87 17.03 -28.13
N SER C 137 23.97 17.34 -26.83
CA SER C 137 25.28 17.52 -26.20
C SER C 137 25.62 16.48 -25.13
N ASN C 138 24.83 16.37 -24.05
CA ASN C 138 24.92 15.29 -23.04
C ASN C 138 26.30 15.19 -22.38
N PHE C 139 26.58 16.15 -21.49
CA PHE C 139 27.69 16.06 -20.54
C PHE C 139 27.38 15.02 -19.46
N PRO C 140 28.14 13.93 -19.34
CA PRO C 140 27.86 12.97 -18.27
C PRO C 140 28.52 13.38 -16.96
N SER C 141 27.91 12.98 -15.85
CA SER C 141 28.34 13.41 -14.53
C SER C 141 29.66 12.76 -14.15
N ARG C 142 30.27 13.30 -13.09
CA ARG C 142 31.56 12.82 -12.61
C ARG C 142 31.49 12.08 -11.29
N ILE C 143 30.37 12.15 -10.56
CA ILE C 143 30.28 11.48 -9.28
C ILE C 143 29.28 10.35 -9.35
N ILE C 144 29.47 9.37 -8.49
CA ILE C 144 28.54 8.28 -8.26
C ILE C 144 28.18 8.29 -6.79
N VAL C 145 26.90 8.42 -6.48
CA VAL C 145 26.41 8.38 -5.12
C VAL C 145 25.67 7.06 -4.94
N ARG C 146 26.28 6.13 -4.21
CA ARG C 146 25.67 4.82 -4.01
C ARG C 146 24.51 4.89 -3.03
N ASP C 147 23.74 3.81 -3.01
CA ASP C 147 22.70 3.62 -2.00
C ASP C 147 23.38 3.36 -0.67
N ALA C 148 22.90 4.01 0.39
CA ALA C 148 23.44 3.79 1.72
C ALA C 148 22.57 2.81 2.46
N PHE C 149 23.10 1.63 2.72
CA PHE C 149 22.43 0.58 3.48
C PHE C 149 22.92 0.61 4.92
N LEU C 150 22.23 -0.13 5.79
CA LEU C 150 22.61 -0.16 7.19
C LEU C 150 23.98 -0.81 7.37
N THR C 151 24.68 -0.39 8.41
CA THR C 151 25.94 -1.01 8.77
C THR C 151 25.69 -2.39 9.35
N LYS C 152 26.77 -3.16 9.52
CA LYS C 152 26.63 -4.50 10.07
C LYS C 152 26.27 -4.47 11.55
N GLU C 153 26.63 -3.40 12.26
CA GLU C 153 26.20 -3.24 13.64
C GLU C 153 24.71 -3.01 13.76
N TRP C 154 24.08 -2.40 12.76
CA TRP C 154 22.64 -2.15 12.79
C TRP C 154 21.82 -3.19 12.04
N GLU C 155 22.47 -4.09 11.30
CA GLU C 155 21.78 -5.28 10.85
C GLU C 155 21.66 -6.29 11.99
N GLU C 156 22.65 -6.35 12.87
CA GLU C 156 22.62 -7.25 14.01
C GLU C 156 21.68 -6.77 15.10
N LYS C 157 21.48 -5.45 15.23
CA LYS C 157 20.43 -4.94 16.12
C LYS C 157 19.05 -5.30 15.59
N TRP C 158 18.91 -5.41 14.27
CA TRP C 158 17.63 -5.79 13.69
C TRP C 158 17.36 -7.28 13.84
N ARG C 159 18.40 -8.10 13.75
CA ARG C 159 18.27 -9.53 14.01
C ARG C 159 17.95 -9.82 15.47
N ALA C 160 18.46 -8.98 16.39
CA ALA C 160 18.30 -9.20 17.81
C ALA C 160 17.02 -8.61 18.39
N GLY C 161 16.02 -8.30 17.56
CA GLY C 161 14.71 -7.94 18.05
C GLY C 161 14.45 -6.46 18.24
N GLU C 162 15.42 -5.59 18.02
CA GLU C 162 15.15 -4.17 18.14
C GLU C 162 14.39 -3.66 16.91
N ALA C 163 13.82 -2.48 17.06
CA ALA C 163 13.04 -1.84 16.01
C ALA C 163 13.91 -0.84 15.27
N ILE C 164 13.78 -0.80 13.95
CA ILE C 164 14.59 0.08 13.12
C ILE C 164 13.79 1.27 12.59
N THR C 165 12.46 1.19 12.58
CA THR C 165 11.58 2.29 12.19
C THR C 165 10.49 2.42 13.24
N GLU C 166 10.15 3.66 13.60
CA GLU C 166 9.02 3.89 14.49
C GLU C 166 7.82 4.39 13.69
N ALA C 167 6.77 4.77 14.41
CA ALA C 167 5.60 5.43 13.83
C ALA C 167 5.29 6.66 14.68
N LYS C 168 5.59 7.83 14.14
CA LYS C 168 5.43 9.10 14.85
C LYS C 168 4.12 9.74 14.42
N ILE C 169 3.26 10.05 15.38
CA ILE C 169 1.96 10.66 15.12
C ILE C 169 2.07 12.15 15.33
N GLU C 170 1.86 12.92 14.27
CA GLU C 170 1.66 14.36 14.36
C GLU C 170 0.16 14.65 14.26
N VAL C 171 -0.19 15.91 14.44
CA VAL C 171 -1.59 16.32 14.45
C VAL C 171 -1.67 17.71 13.81
N GLY C 172 -2.88 18.12 13.45
CA GLY C 172 -3.11 19.48 13.01
C GLY C 172 -4.22 20.10 13.85
N ILE C 173 -3.98 21.27 14.43
CA ILE C 173 -4.88 21.83 15.44
C ILE C 173 -5.43 23.16 14.95
N ASP C 174 -6.77 23.29 14.99
CA ASP C 174 -7.46 24.53 14.67
C ASP C 174 -7.03 25.65 15.61
N ARG C 175 -6.86 26.85 15.05
CA ARG C 175 -6.36 27.97 15.83
C ARG C 175 -7.43 28.66 16.66
N VAL C 176 -8.70 28.27 16.52
CA VAL C 176 -9.83 28.91 17.18
C VAL C 176 -10.59 27.93 18.05
N THR C 177 -10.96 26.77 17.49
CA THR C 177 -11.74 25.77 18.19
C THR C 177 -10.88 24.68 18.79
N SER C 178 -9.64 24.51 18.30
CA SER C 178 -8.72 23.44 18.67
C SER C 178 -9.32 22.05 18.42
N GLN C 179 -9.66 21.77 17.17
CA GLN C 179 -9.95 20.42 16.73
C GLN C 179 -8.65 19.75 16.33
N ALA C 180 -8.50 18.47 16.65
CA ALA C 180 -7.28 17.76 16.33
C ALA C 180 -7.46 16.93 15.06
N ASN C 181 -6.44 16.90 14.21
CA ASN C 181 -6.50 16.20 12.93
C ASN C 181 -5.21 15.41 12.74
N PRO C 182 -5.12 14.20 13.28
CA PRO C 182 -3.83 13.50 13.32
C PRO C 182 -3.57 12.58 12.13
N ARG C 183 -2.27 12.49 11.80
CA ARG C 183 -1.76 11.56 10.81
C ARG C 183 -0.54 10.86 11.40
N THR C 184 -0.04 9.84 10.69
CA THR C 184 1.12 9.07 11.13
C THR C 184 2.20 9.08 10.05
N ASN C 185 3.46 9.08 10.51
CA ASN C 185 4.62 9.05 9.61
C ASN C 185 5.60 8.00 10.13
N GLU C 186 5.86 6.97 9.34
CA GLU C 186 6.98 6.08 9.63
C GLU C 186 8.28 6.81 9.36
N ARG C 187 9.22 6.73 10.30
CA ARG C 187 10.54 7.28 10.09
C ARG C 187 11.55 6.40 10.80
N VAL C 188 12.76 6.32 10.23
CA VAL C 188 13.84 5.50 10.76
C VAL C 188 14.20 6.01 12.15
N VAL C 189 14.55 5.08 13.05
CA VAL C 189 14.89 5.42 14.43
C VAL C 189 16.14 6.28 14.47
N ALA C 190 16.05 7.39 15.23
CA ALA C 190 17.18 8.29 15.42
C ALA C 190 18.37 7.58 16.07
N GLY C 191 19.54 7.76 15.49
CA GLY C 191 20.74 7.11 15.96
C GLY C 191 21.31 6.09 15.01
N ALA C 192 20.57 5.72 13.97
CA ALA C 192 20.98 4.68 13.03
C ALA C 192 22.22 5.10 12.25
N GLU C 193 22.92 4.08 11.74
CA GLU C 193 24.15 4.27 10.97
C GLU C 193 23.95 3.67 9.60
N PHE C 194 24.21 4.46 8.56
CA PHE C 194 24.19 3.98 7.19
C PHE C 194 25.61 4.01 6.65
N GLU C 195 25.84 3.31 5.54
CA GLU C 195 27.17 3.21 4.96
C GLU C 195 27.15 3.82 3.56
N PHE C 196 27.68 5.04 3.42
CA PHE C 196 27.63 5.70 2.12
C PHE C 196 28.92 5.47 1.35
N GLU C 197 28.92 5.94 0.10
CA GLU C 197 30.00 5.71 -0.83
C GLU C 197 29.88 6.72 -1.95
N ILE C 198 30.91 7.53 -2.17
CA ILE C 198 30.92 8.47 -3.28
C ILE C 198 32.18 8.26 -4.10
N ILE C 199 32.03 8.05 -5.40
CA ILE C 199 33.11 7.77 -6.32
C ILE C 199 33.18 8.95 -7.30
N TYR C 200 34.22 9.76 -7.17
CA TYR C 200 34.46 10.84 -8.12
C TYR C 200 35.34 10.36 -9.26
N ASN C 201 34.99 10.71 -10.48
CA ASN C 201 35.69 10.26 -11.67
C ASN C 201 36.63 11.38 -12.12
N VAL C 202 37.93 11.18 -11.94
CA VAL C 202 38.93 12.16 -12.33
C VAL C 202 39.08 12.13 -13.85
N GLU C 203 38.45 13.08 -14.53
CA GLU C 203 38.56 13.15 -15.98
C GLU C 203 39.64 14.15 -16.41
N ASN C 204 39.60 15.34 -15.82
CA ASN C 204 40.64 16.33 -16.07
C ASN C 204 41.50 16.48 -14.83
N THR C 205 42.82 16.38 -15.03
CA THR C 205 43.77 16.48 -13.93
C THR C 205 43.93 17.90 -13.40
N THR C 206 43.44 18.91 -14.11
CA THR C 206 43.57 20.29 -13.66
C THR C 206 42.56 20.61 -12.56
N HIS C 207 41.27 20.53 -12.86
CA HIS C 207 40.23 20.84 -11.90
C HIS C 207 39.60 19.55 -11.38
N TRP C 208 40.30 18.94 -10.41
CA TRP C 208 39.70 17.98 -9.50
C TRP C 208 39.71 18.46 -8.06
N ARG C 209 40.62 19.38 -7.70
CA ARG C 209 40.63 19.93 -6.35
C ARG C 209 39.39 20.75 -6.07
N ASP C 210 38.94 21.53 -7.06
CA ASP C 210 37.71 22.29 -6.94
C ASP C 210 36.48 21.40 -6.86
N ASP C 211 36.43 20.34 -7.66
CA ASP C 211 35.30 19.41 -7.63
C ASP C 211 35.20 18.63 -6.33
N ILE C 212 36.33 18.25 -5.72
CA ILE C 212 36.26 17.61 -4.42
C ILE C 212 35.86 18.61 -3.34
N LYS C 213 36.33 19.86 -3.46
CA LYS C 213 35.95 20.89 -2.50
C LYS C 213 34.51 21.37 -2.68
N ASN C 214 34.02 21.44 -3.92
CA ASN C 214 32.62 21.80 -4.13
C ASN C 214 31.68 20.69 -3.67
N LEU C 215 32.12 19.43 -3.77
CA LEU C 215 31.36 18.32 -3.24
C LEU C 215 31.30 18.35 -1.71
N LEU C 216 32.43 18.64 -1.06
CA LEU C 216 32.46 18.69 0.40
C LEU C 216 31.72 19.91 0.95
N THR C 217 31.57 20.96 0.14
CA THR C 217 30.78 22.11 0.55
C THR C 217 29.29 21.75 0.61
N ALA C 218 28.82 20.96 -0.36
CA ALA C 218 27.44 20.49 -0.32
C ALA C 218 27.20 19.49 0.80
N MET C 219 28.24 18.75 1.20
CA MET C 219 28.12 17.91 2.39
C MET C 219 28.04 18.73 3.66
N ALA C 220 28.72 19.89 3.69
CA ALA C 220 28.72 20.71 4.90
C ALA C 220 27.48 21.58 4.97
N LEU C 221 26.87 21.90 3.83
CA LEU C 221 25.55 22.50 3.84
C LEU C 221 24.49 21.52 4.27
N LEU C 222 24.69 20.23 4.00
CA LEU C 222 23.73 19.20 4.35
C LEU C 222 23.70 18.91 5.85
N GLU C 223 24.81 19.06 6.55
CA GLU C 223 24.82 18.82 7.98
C GLU C 223 24.10 19.89 8.78
N ASP C 224 23.92 21.09 8.22
CA ASP C 224 23.09 22.11 8.83
C ASP C 224 21.70 22.19 8.22
N SER C 225 21.49 21.64 7.03
CA SER C 225 20.19 21.40 6.45
C SER C 225 19.73 20.00 6.83
N TYR C 226 18.72 19.49 6.13
CA TYR C 226 18.16 18.18 6.39
C TYR C 226 18.21 17.31 5.14
N LEU C 227 17.89 16.04 5.31
CA LEU C 227 17.90 15.04 4.23
C LEU C 227 16.54 14.39 4.17
N GLY C 228 15.87 14.50 3.03
CA GLY C 228 14.57 13.89 2.82
C GLY C 228 13.50 14.52 3.70
N GLY C 229 12.57 13.68 4.15
CA GLY C 229 11.76 13.89 5.34
C GLY C 229 10.87 15.11 5.29
N SER C 230 10.41 15.49 6.49
CA SER C 230 9.83 16.81 6.68
C SER C 230 10.93 17.83 6.96
N GLY C 231 11.79 17.55 7.93
CA GLY C 231 12.99 18.34 8.14
C GLY C 231 12.78 19.66 8.84
N SER C 232 11.83 20.46 8.35
CA SER C 232 11.43 21.68 9.03
C SER C 232 10.75 21.39 10.36
N ARG C 233 10.24 20.16 10.54
CA ARG C 233 9.77 19.66 11.81
C ARG C 233 10.75 18.68 12.45
N GLY C 234 12.02 18.73 12.03
CA GLY C 234 13.05 17.87 12.58
C GLY C 234 13.01 16.42 12.15
N TYR C 235 13.09 16.16 10.83
CA TYR C 235 13.25 14.79 10.33
C TYR C 235 14.59 14.60 9.61
N GLY C 236 15.50 15.56 9.69
CA GLY C 236 16.78 15.35 9.06
C GLY C 236 17.86 15.16 10.08
N LYS C 237 18.71 16.18 10.22
CA LYS C 237 19.85 16.21 11.14
C LYS C 237 20.76 15.01 10.88
N VAL C 238 21.37 15.08 9.71
CA VAL C 238 22.20 14.01 9.21
C VAL C 238 23.64 14.37 9.55
N LYS C 239 24.51 13.36 9.62
CA LYS C 239 25.89 13.62 10.00
C LYS C 239 26.82 12.68 9.25
N PHE C 240 27.91 13.23 8.71
CA PHE C 240 28.89 12.46 7.95
C PHE C 240 30.07 12.11 8.84
N ILE C 241 30.46 10.84 8.82
CA ILE C 241 31.59 10.33 9.59
C ILE C 241 32.49 9.64 8.58
N PHE C 242 33.63 10.26 8.26
CA PHE C 242 34.47 9.73 7.20
C PHE C 242 35.34 8.59 7.70
N ASP C 243 35.72 7.71 6.77
CA ASP C 243 36.62 6.59 7.06
C ASP C 243 37.93 6.69 6.30
N SER C 244 37.89 6.78 4.97
CA SER C 244 39.10 6.75 4.17
C SER C 244 38.84 7.39 2.81
N PHE C 245 39.89 7.96 2.24
CA PHE C 245 39.87 8.53 0.90
C PHE C 245 40.88 7.81 0.02
N GLU C 246 40.40 6.94 -0.86
CA GLU C 246 41.27 6.25 -1.80
C GLU C 246 41.35 7.04 -3.10
N PHE C 247 42.45 6.88 -3.82
CA PHE C 247 42.64 7.59 -5.08
C PHE C 247 42.40 6.74 -6.32
N ARG C 248 42.77 5.44 -6.29
CA ARG C 248 42.57 4.46 -7.35
C ARG C 248 43.11 4.92 -8.70
N PRO C 249 44.44 4.98 -8.90
CA PRO C 249 44.97 5.58 -10.13
C PRO C 249 44.74 4.76 -11.39
N LEU C 250 45.20 5.28 -12.52
CA LEU C 250 45.07 4.55 -13.79
C LEU C 250 45.96 3.31 -13.82
N ASP C 251 47.09 3.34 -13.11
CA ASP C 251 47.93 2.16 -12.99
C ASP C 251 47.29 1.07 -12.16
N TYR C 252 46.36 1.42 -11.27
CA TYR C 252 45.63 0.42 -10.50
C TYR C 252 44.71 -0.42 -11.38
N TYR C 253 43.99 0.22 -12.30
CA TYR C 253 43.02 -0.53 -13.08
C TYR C 253 43.67 -1.35 -14.18
N ARG C 254 44.90 -1.03 -14.58
CA ARG C 254 45.58 -1.83 -15.58
C ARG C 254 46.06 -3.16 -15.00
N THR C 255 46.82 -3.12 -13.92
CA THR C 255 47.45 -4.33 -13.41
C THR C 255 46.82 -4.89 -12.15
N GLY C 256 46.16 -4.07 -11.34
CA GLY C 256 45.50 -4.56 -10.14
C GLY C 256 46.38 -4.71 -8.93
N LYS C 257 47.68 -4.43 -9.04
CA LYS C 257 48.57 -4.51 -7.89
C LYS C 257 48.23 -3.37 -6.92
N ASP C 258 47.89 -3.75 -5.70
CA ASP C 258 47.22 -2.85 -4.75
C ASP C 258 48.27 -1.93 -4.11
N GLU C 259 48.66 -0.90 -4.85
CA GLU C 259 49.50 0.18 -4.38
C GLU C 259 48.86 1.53 -4.72
N ASP C 260 47.56 1.65 -4.43
CA ASP C 260 46.88 2.92 -4.58
C ASP C 260 47.12 3.79 -3.35
N ILE C 261 46.74 5.07 -3.47
CA ILE C 261 46.96 6.06 -2.42
C ILE C 261 45.75 6.02 -1.49
N VAL C 262 46.01 5.88 -0.20
CA VAL C 262 44.96 5.84 0.82
C VAL C 262 45.17 7.02 1.76
N SER C 263 44.20 7.91 1.82
CA SER C 263 44.19 8.95 2.83
C SER C 263 43.29 8.55 3.99
N ILE C 264 43.86 8.52 5.19
CA ILE C 264 43.18 8.00 6.36
C ILE C 264 42.62 9.18 7.15
N ASP C 265 41.29 9.27 7.20
CA ASP C 265 40.60 10.20 8.09
C ASP C 265 39.52 9.41 8.83
N ALA C 266 39.90 8.79 9.95
CA ALA C 266 38.98 7.90 10.65
C ALA C 266 37.99 8.68 11.50
N ARG C 267 38.45 9.73 12.18
CA ARG C 267 37.56 10.58 12.98
C ARG C 267 37.82 12.03 12.60
N GLU C 268 37.17 12.49 11.54
CA GLU C 268 37.23 13.87 11.10
C GLU C 268 35.87 14.29 10.58
N LYS C 269 35.55 15.57 10.79
CA LYS C 269 34.28 16.13 10.36
C LYS C 269 34.37 16.54 8.89
N SER C 270 33.28 17.05 8.34
CA SER C 270 33.30 17.61 6.99
C SER C 270 33.87 19.01 6.95
N VAL C 271 33.67 19.75 8.05
CA VAL C 271 34.21 21.13 8.20
C VAL C 271 35.73 21.05 8.39
N SER C 272 36.19 20.12 9.22
CA SER C 272 37.64 19.92 9.49
C SER C 272 38.34 19.43 8.22
N ASP C 273 37.69 18.51 7.51
CA ASP C 273 38.25 17.91 6.27
C ASP C 273 38.47 19.02 5.24
N ILE C 274 37.41 19.74 4.90
CA ILE C 274 37.48 20.88 3.93
C ILE C 274 38.21 22.08 4.55
N LEU C 275 37.91 22.40 5.81
CA LEU C 275 38.49 23.59 6.50
C LEU C 275 40.01 23.45 6.62
N SER C 276 40.43 22.34 7.23
CA SER C 276 41.86 22.00 7.45
C SER C 276 42.15 20.72 6.65
N GLY C 277 43.42 20.44 6.39
CA GLY C 277 43.69 19.27 5.55
C GLY C 277 43.49 19.63 4.09
N PHE C 278 43.24 18.60 3.27
CA PHE C 278 43.08 18.63 1.78
C PHE C 278 44.46 18.82 1.14
N ASP C 279 45.08 19.99 1.31
CA ASP C 279 46.48 20.14 0.84
C ASP C 279 47.31 19.22 1.72
N SER C 280 47.05 19.30 3.03
CA SER C 280 47.74 18.47 4.07
C SER C 280 47.36 16.99 3.94
N LEU C 281 46.07 16.71 3.71
CA LEU C 281 45.65 15.27 3.60
C LEU C 281 45.88 14.74 2.19
N PHE C 282 45.55 15.56 1.20
CA PHE C 282 45.62 15.26 -0.23
C PHE C 282 47.00 15.58 -0.82
N SER C 283 48.04 15.55 0.00
CA SER C 283 49.38 15.90 -0.50
C SER C 283 49.95 14.79 -1.37
N GLU C 284 49.71 13.53 -1.01
CA GLU C 284 50.17 12.42 -1.84
C GLU C 284 49.31 12.25 -3.08
N VAL C 285 48.03 12.63 -2.99
CA VAL C 285 47.13 12.56 -4.14
C VAL C 285 47.54 13.57 -5.21
N GLU C 286 47.93 14.78 -4.78
CA GLU C 286 48.41 15.82 -5.69
C GLU C 286 49.76 15.50 -6.32
N GLY C 287 50.50 14.54 -5.79
CA GLY C 287 51.79 14.18 -6.34
C GLY C 287 51.69 13.32 -7.59
N LYS C 288 50.79 12.33 -7.56
CA LYS C 288 50.64 11.45 -8.71
C LYS C 288 49.64 12.03 -9.72
N LEU C 289 48.98 13.13 -9.35
CA LEU C 289 48.04 13.90 -10.17
C LEU C 289 46.86 13.06 -10.67
N MET D 3 10.98 32.10 -7.88
CA MET D 3 11.78 33.22 -8.35
C MET D 3 12.79 33.65 -7.29
N ASP D 4 14.07 33.37 -7.59
CA ASP D 4 15.25 33.94 -6.92
C ASP D 4 15.30 33.59 -5.42
N ARG D 5 15.48 32.30 -5.16
CA ARG D 5 15.85 31.84 -3.82
C ARG D 5 17.36 31.88 -3.67
N ARG D 6 17.85 32.62 -2.68
CA ARG D 6 19.28 32.80 -2.50
C ARG D 6 19.73 32.20 -1.18
N PHE D 7 21.01 32.38 -0.88
CA PHE D 7 21.61 31.88 0.35
C PHE D 7 22.64 32.89 0.82
N TYR D 8 22.65 33.18 2.12
CA TYR D 8 23.66 34.03 2.72
C TYR D 8 24.29 33.43 3.96
N GLY D 9 23.67 32.43 4.56
CA GLY D 9 24.11 31.93 5.84
C GLY D 9 22.97 31.30 6.59
N LYS D 10 23.27 30.80 7.78
CA LYS D 10 22.33 30.02 8.57
C LYS D 10 22.49 30.42 10.04
N ILE D 11 21.63 31.30 10.53
CA ILE D 11 21.67 31.73 11.93
C ILE D 11 21.19 30.56 12.79
N VAL D 12 22.07 30.12 13.69
CA VAL D 12 21.83 28.94 14.51
C VAL D 12 21.53 29.38 15.94
N ILE D 13 20.42 28.90 16.48
CA ILE D 13 19.99 29.24 17.83
C ILE D 13 20.08 27.97 18.65
N LYS D 14 21.04 27.93 19.57
CA LYS D 14 21.20 26.79 20.45
C LYS D 14 20.86 27.20 21.87
N GLY D 15 20.64 26.21 22.73
CA GLY D 15 20.31 26.48 24.11
C GLY D 15 19.66 25.31 24.79
N LYS D 16 18.79 25.59 25.76
CA LYS D 16 18.14 24.55 26.54
C LYS D 16 16.67 24.88 26.72
N ILE D 17 15.85 23.83 26.81
CA ILE D 17 14.44 23.94 27.11
C ILE D 17 14.23 23.44 28.54
N LYS D 18 13.91 24.36 29.44
CA LYS D 18 13.73 24.06 30.86
C LYS D 18 12.27 23.74 31.11
N ALA D 19 11.99 22.52 31.56
CA ALA D 19 10.63 22.16 31.96
C ALA D 19 10.47 22.56 33.42
N VAL D 20 9.94 23.77 33.64
CA VAL D 20 9.80 24.29 34.99
C VAL D 20 8.69 23.56 35.73
N THR D 21 7.68 23.16 34.96
CA THR D 21 6.47 22.42 35.38
C THR D 21 6.44 21.08 34.61
N GLY D 22 5.71 20.07 35.09
CA GLY D 22 5.69 18.76 34.43
C GLY D 22 5.28 18.88 32.97
N LEU D 23 6.00 18.19 32.09
CA LEU D 23 5.77 18.26 30.62
C LEU D 23 5.23 16.93 30.09
N HIS D 24 4.13 16.98 29.33
CA HIS D 24 3.48 15.81 28.75
C HIS D 24 3.24 16.03 27.25
N ILE D 25 4.09 15.46 26.41
CA ILE D 25 3.80 15.37 24.98
C ILE D 25 3.40 13.93 24.71
N GLY D 26 2.13 13.73 24.36
CA GLY D 26 1.56 12.41 24.37
C GLY D 26 1.85 11.60 23.12
N SER D 27 1.53 10.31 23.22
CA SER D 27 1.63 9.34 22.15
C SER D 27 0.45 8.38 22.25
N GLN D 28 0.55 7.27 21.52
CA GLN D 28 -0.44 6.21 21.60
C GLN D 28 0.24 4.87 21.88
N ILE D 31 0.01 -2.71 19.96
CA ILE D 31 1.38 -2.50 19.40
C ILE D 31 2.39 -3.16 20.34
N SER D 32 2.14 -4.42 20.71
CA SER D 32 3.01 -5.22 21.61
C SER D 32 3.19 -4.53 22.98
N GLU D 33 2.12 -3.90 23.49
CA GLU D 33 2.13 -3.24 24.82
C GLU D 33 0.94 -3.81 25.60
N ILE D 34 1.17 -4.24 26.84
CA ILE D 34 0.03 -4.85 27.62
C ILE D 34 -0.23 -4.08 28.91
N GLY D 35 0.75 -4.00 29.81
CA GLY D 35 0.52 -3.34 31.07
C GLY D 35 1.50 -2.22 31.35
N GLY D 36 1.01 -0.98 31.29
CA GLY D 36 1.89 0.17 31.45
C GLY D 36 1.12 1.37 31.95
N ILE D 37 1.85 2.48 32.06
CA ILE D 37 1.22 3.76 32.39
C ILE D 37 0.36 4.21 31.23
N ALA D 38 -0.94 4.36 31.48
CA ALA D 38 -1.85 4.86 30.46
C ALA D 38 -1.55 6.34 30.18
N ASN D 39 -1.90 6.76 28.97
CA ASN D 39 -1.57 8.06 28.37
C ASN D 39 -0.08 8.35 28.46
N PRO D 40 0.77 7.67 27.68
CA PRO D 40 2.21 7.82 27.87
C PRO D 40 2.78 9.05 27.19
N VAL D 41 4.05 9.30 27.48
CA VAL D 41 4.79 10.35 26.81
C VAL D 41 5.66 9.72 25.72
N ILE D 42 5.94 10.53 24.70
CA ILE D 42 6.79 10.15 23.52
C ILE D 42 8.20 9.86 24.02
N LYS D 43 8.81 8.78 23.54
CA LYS D 43 10.19 8.44 23.95
C LYS D 43 10.98 8.00 22.73
N ASP D 44 12.29 8.26 22.75
CA ASP D 44 13.19 7.81 21.71
C ASP D 44 13.20 6.28 21.70
N PRO D 45 12.92 5.63 20.56
CA PRO D 45 12.90 4.15 20.55
C PRO D 45 14.24 3.50 20.82
N HIS D 46 15.36 4.17 20.56
CA HIS D 46 16.65 3.53 20.77
C HIS D 46 17.20 3.79 22.18
N THR D 47 17.04 5.00 22.70
CA THR D 47 17.61 5.31 24.02
C THR D 47 16.60 5.25 25.15
N GLY D 48 15.31 5.22 24.84
CA GLY D 48 14.28 5.05 25.85
C GLY D 48 13.83 6.32 26.55
N LEU D 49 14.63 7.36 26.55
CA LEU D 49 14.32 8.61 27.22
C LEU D 49 13.31 9.42 26.41
N PRO D 50 12.52 10.27 27.05
CA PRO D 50 11.58 11.12 26.31
C PRO D 50 12.29 12.27 25.62
N TYR D 51 11.56 12.97 24.77
CA TYR D 51 12.11 14.10 24.04
C TYR D 51 10.98 15.03 23.63
N ILE D 52 11.36 16.16 23.06
CA ILE D 52 10.43 17.13 22.48
C ILE D 52 10.64 17.11 20.97
N PRO D 53 9.61 16.92 20.16
CA PRO D 53 9.82 16.88 18.71
C PRO D 53 10.04 18.28 18.16
N GLY D 54 10.57 18.33 16.94
CA GLY D 54 10.55 19.58 16.22
C GLY D 54 9.17 19.92 15.72
N SER D 55 8.31 18.91 15.57
CA SER D 55 6.95 19.15 15.13
C SER D 55 6.11 19.81 16.22
N SER D 56 6.30 19.39 17.46
CA SER D 56 5.51 19.92 18.56
C SER D 56 6.01 21.27 19.05
N LEU D 57 7.22 21.68 18.67
CA LEU D 57 7.73 22.98 19.02
C LEU D 57 7.52 24.02 17.93
N LYS D 58 7.74 23.66 16.66
CA LYS D 58 7.53 24.58 15.57
C LYS D 58 6.04 24.86 15.34
N GLY D 59 5.20 23.87 15.57
CA GLY D 59 3.77 24.04 15.40
C GLY D 59 3.16 24.83 16.54
N ARG D 60 3.79 24.75 17.71
CA ARG D 60 3.34 25.54 18.85
C ARG D 60 3.84 26.98 18.75
N LEU D 61 4.98 27.20 18.08
CA LEU D 61 5.42 28.58 17.87
C LEU D 61 4.65 29.23 16.73
N ARG D 62 4.25 28.46 15.72
CA ARG D 62 3.45 29.02 14.64
C ARG D 62 2.05 29.39 15.12
N SER D 63 1.47 28.55 15.98
CA SER D 63 0.10 28.77 16.46
C SER D 63 0.01 30.01 17.33
N LEU D 64 1.01 30.25 18.19
CA LEU D 64 1.03 31.44 19.02
C LEU D 64 1.31 32.69 18.21
N PHE D 65 1.96 32.55 17.06
CA PHE D 65 2.29 33.71 16.24
C PHE D 65 1.19 34.06 15.26
N GLU D 66 0.42 33.08 14.79
CA GLU D 66 -0.73 33.38 13.95
C GLU D 66 -1.82 34.10 14.71
N ILE D 67 -2.05 33.71 15.97
CA ILE D 67 -3.04 34.37 16.82
C ILE D 67 -2.59 35.78 17.18
N LEU D 68 -1.27 36.02 17.27
CA LEU D 68 -0.79 37.38 17.50
C LEU D 68 -0.94 38.25 16.26
N VAL D 69 -0.73 37.69 15.07
CA VAL D 69 -0.92 38.45 13.84
C VAL D 69 -2.41 38.65 13.56
N ASN D 70 -3.26 37.67 13.92
CA ASN D 70 -4.71 37.82 13.77
C ASN D 70 -5.26 38.93 14.64
N SER D 71 -4.66 39.16 15.82
CA SER D 71 -5.13 40.23 16.69
C SER D 71 -4.85 41.61 16.10
N ARG D 72 -3.82 41.73 15.27
CA ARG D 72 -3.41 43.00 14.67
C ARG D 72 -3.26 42.80 13.17
N LEU D 73 -4.36 42.92 12.42
CA LEU D 73 -4.27 42.95 10.96
C LEU D 73 -4.32 44.37 10.41
N GLY D 74 -4.18 45.37 11.27
CA GLY D 74 -4.10 46.75 10.83
C GLY D 74 -2.82 47.40 11.31
N GLU D 75 -2.10 46.71 12.19
CA GLU D 75 -0.84 47.19 12.74
C GLU D 75 0.38 46.48 12.18
N TRP D 76 0.18 45.38 11.45
CA TRP D 76 1.27 44.71 10.76
C TRP D 76 1.20 44.89 9.24
N ARG D 77 0.09 45.43 8.73
CA ARG D 77 -0.11 45.46 7.28
C ARG D 77 0.73 46.52 6.59
N GLU D 78 1.10 47.60 7.27
CA GLU D 78 1.93 48.62 6.64
C GLU D 78 3.36 48.16 6.45
N LYS D 79 3.82 47.23 7.29
CA LYS D 79 5.14 46.64 7.17
C LYS D 79 5.12 45.34 6.37
N TYR D 80 3.99 44.65 6.34
CA TYR D 80 3.86 43.38 5.65
C TYR D 80 2.68 43.46 4.67
N PRO D 81 2.93 43.57 3.37
CA PRO D 81 1.84 43.47 2.39
C PRO D 81 1.22 42.09 2.35
N SER D 82 0.11 41.97 1.63
CA SER D 82 -0.79 40.81 1.49
C SER D 82 -1.51 40.44 2.78
N LEU D 83 -1.31 41.18 3.87
CA LEU D 83 -2.21 41.11 5.01
C LEU D 83 -3.47 41.95 4.81
N ALA D 84 -3.51 42.74 3.73
CA ALA D 84 -4.74 43.42 3.35
C ALA D 84 -5.72 42.49 2.66
N ASN D 85 -5.28 41.27 2.30
CA ASN D 85 -6.19 40.28 1.75
C ASN D 85 -6.97 39.54 2.83
N TYR D 86 -6.76 39.86 4.10
CA TYR D 86 -7.31 39.08 5.19
C TYR D 86 -8.08 39.96 6.16
N SER D 87 -9.26 39.50 6.54
CA SER D 87 -10.10 40.02 7.60
C SER D 87 -9.95 39.13 8.84
N PRO D 88 -9.93 39.73 10.03
CA PRO D 88 -9.70 38.91 11.25
C PRO D 88 -10.88 37.99 11.54
N GLY D 89 -10.57 36.71 11.73
CA GLY D 89 -11.58 35.70 11.90
C GLY D 89 -11.08 34.37 11.38
N SER D 90 -12.03 33.53 10.97
CA SER D 90 -11.73 32.20 10.47
C SER D 90 -12.69 31.86 9.35
N CYS D 91 -12.30 30.86 8.54
CA CYS D 91 -13.11 30.40 7.42
C CYS D 91 -14.07 29.28 7.80
N ARG D 92 -14.31 29.08 9.10
CA ARG D 92 -15.22 28.03 9.57
C ARG D 92 -16.70 28.23 9.24
N PRO D 93 -17.35 29.39 9.49
CA PRO D 93 -18.81 29.43 9.26
C PRO D 93 -19.24 29.40 7.80
N ASP D 94 -18.32 29.57 6.85
CA ASP D 94 -18.62 29.45 5.43
C ASP D 94 -17.51 28.63 4.79
N ASN D 95 -17.79 27.36 4.51
CA ASN D 95 -16.75 26.38 4.21
C ASN D 95 -16.16 26.53 2.81
N GLN D 96 -15.56 27.69 2.53
CA GLN D 96 -14.71 27.89 1.36
C GLN D 96 -13.28 28.01 1.83
N GLU D 97 -12.35 27.46 1.05
CA GLU D 97 -10.94 27.44 1.42
C GLU D 97 -10.35 28.84 1.50
N ASN D 98 -10.26 29.53 0.38
CA ASN D 98 -9.59 30.82 0.29
C ASN D 98 -10.63 31.93 0.13
N CYS D 99 -11.15 32.42 1.24
CA CYS D 99 -11.95 33.63 1.24
C CYS D 99 -11.21 34.65 2.10
N GLY D 100 -11.87 35.77 2.39
CA GLY D 100 -11.18 36.91 2.99
C GLY D 100 -10.83 36.78 4.47
N LYS D 101 -11.01 35.61 5.06
CA LYS D 101 -10.66 35.43 6.46
C LYS D 101 -9.23 34.91 6.59
N PHE D 102 -8.67 35.04 7.80
CA PHE D 102 -7.25 34.85 7.99
C PHE D 102 -6.84 33.38 8.04
N PHE D 103 -7.57 32.54 8.77
CA PHE D 103 -7.26 31.12 8.86
C PHE D 103 -7.93 30.40 7.69
N ASN D 104 -7.16 30.13 6.63
CA ASN D 104 -7.73 29.82 5.34
C ASN D 104 -7.37 28.47 4.71
N ARG D 105 -6.99 27.46 5.49
CA ARG D 105 -6.84 26.11 4.95
C ARG D 105 -7.54 25.09 5.83
N LYS D 106 -8.16 24.11 5.19
CA LYS D 106 -8.78 22.99 5.88
C LYS D 106 -7.80 21.84 5.91
N ILE D 107 -7.31 21.48 7.09
CA ILE D 107 -6.33 20.41 7.23
C ILE D 107 -7.05 19.08 7.08
N ASN D 108 -7.92 18.77 8.03
CA ASN D 108 -9.03 17.84 7.83
C ASN D 108 -10.35 18.51 8.15
N ARG D 109 -10.47 19.10 9.34
CA ARG D 109 -11.67 19.82 9.74
C ARG D 109 -11.36 21.13 10.44
N GLY D 110 -10.09 21.45 10.67
CA GLY D 110 -9.69 22.66 11.38
C GLY D 110 -9.13 23.68 10.39
N TRP D 111 -8.96 24.92 10.86
CA TRP D 111 -8.62 26.02 9.98
C TRP D 111 -7.34 26.72 10.45
N ILE D 112 -6.35 26.79 9.57
CA ILE D 112 -5.00 27.26 9.88
C ILE D 112 -4.57 28.21 8.77
N HIS D 113 -4.02 29.37 9.15
CA HIS D 113 -3.49 30.34 8.19
C HIS D 113 -2.25 29.78 7.52
N VAL D 114 -2.37 29.36 6.27
CA VAL D 114 -1.25 29.02 5.41
C VAL D 114 -1.50 29.68 4.06
N CYS D 115 -0.58 30.59 3.65
CA CYS D 115 -0.76 31.41 2.45
C CYS D 115 -0.74 30.55 1.19
N PRO D 116 -1.53 30.91 0.18
CA PRO D 116 -1.74 30.00 -0.96
C PRO D 116 -0.81 30.16 -2.15
N ASP D 117 0.20 31.02 -2.08
CA ASP D 117 1.02 31.29 -3.25
C ASP D 117 2.44 31.65 -2.82
N TYR D 118 3.34 31.78 -3.79
CA TYR D 118 4.71 32.17 -3.50
C TYR D 118 4.80 33.68 -3.26
N GLU D 119 4.14 34.47 -4.11
CA GLU D 119 4.17 35.92 -3.96
C GLU D 119 3.34 36.40 -2.78
N THR D 120 2.35 35.62 -2.34
CA THR D 120 1.59 35.99 -1.15
C THR D 120 2.36 35.68 0.12
N ALA D 121 2.99 34.51 0.17
CA ALA D 121 3.72 34.09 1.36
C ALA D 121 5.09 34.75 1.47
N LEU D 122 5.52 35.51 0.47
CA LEU D 122 6.79 36.21 0.56
C LEU D 122 6.67 37.50 1.34
N ALA D 123 5.46 38.04 1.48
CA ALA D 123 5.22 39.29 2.20
C ALA D 123 4.43 39.10 3.47
N CYS D 124 4.08 37.86 3.81
CA CYS D 124 3.37 37.55 5.04
C CYS D 124 4.37 37.28 6.16
N PRO D 125 4.19 37.82 7.36
CA PRO D 125 5.15 37.54 8.45
C PRO D 125 5.09 36.12 8.96
N VAL D 126 3.97 35.41 8.79
CA VAL D 126 3.87 34.04 9.26
C VAL D 126 4.52 33.09 8.26
N CYS D 127 4.10 33.14 7.01
CA CYS D 127 4.47 32.12 6.05
C CYS D 127 5.82 32.37 5.38
N ARG D 128 6.45 33.53 5.54
CA ARG D 128 7.82 33.62 5.07
C ARG D 128 8.82 33.11 6.08
N LEU D 129 8.38 32.90 7.32
CA LEU D 129 9.22 32.35 8.37
C LEU D 129 8.96 30.86 8.57
N PHE D 130 7.68 30.46 8.54
CA PHE D 130 7.28 29.08 8.79
C PHE D 130 6.95 28.30 7.53
N GLY D 131 6.86 28.96 6.38
CA GLY D 131 6.60 28.26 5.14
C GLY D 131 5.14 28.13 4.84
N ALA D 132 4.88 27.73 3.60
CA ALA D 132 3.52 27.56 3.13
C ALA D 132 3.46 26.36 2.18
N SER D 133 2.33 26.23 1.52
CA SER D 133 2.10 25.20 0.53
C SER D 133 0.97 25.66 -0.39
N GLY D 134 0.68 24.87 -1.41
CA GLY D 134 -0.47 25.19 -2.22
C GLY D 134 -0.42 24.55 -3.59
N LYS D 135 -1.45 24.86 -4.36
CA LYS D 135 -1.52 24.48 -5.77
C LYS D 135 -0.45 25.27 -6.51
N GLU D 136 0.71 24.65 -6.72
CA GLU D 136 1.85 25.40 -7.33
C GLU D 136 2.50 26.27 -6.24
N SER D 137 3.60 26.97 -6.58
CA SER D 137 4.35 27.91 -5.70
C SER D 137 5.04 27.21 -4.52
N ASN D 138 4.28 26.64 -3.57
CA ASN D 138 4.88 25.89 -2.44
C ASN D 138 5.98 26.70 -1.73
N PHE D 139 5.69 27.90 -1.22
CA PHE D 139 6.80 28.63 -0.56
C PHE D 139 7.28 27.79 0.64
N PRO D 140 8.56 27.37 0.64
CA PRO D 140 9.12 26.53 1.71
C PRO D 140 9.69 27.33 2.88
N SER D 141 9.81 26.70 4.05
CA SER D 141 10.15 27.38 5.30
C SER D 141 11.60 27.84 5.34
N ARG D 142 11.86 28.81 6.22
CA ARG D 142 13.20 29.31 6.45
C ARG D 142 13.79 28.90 7.80
N ILE D 143 12.96 28.48 8.76
CA ILE D 143 13.48 27.92 10.00
C ILE D 143 13.29 26.42 9.93
N ILE D 144 14.19 25.70 10.60
CA ILE D 144 14.04 24.27 10.81
C ILE D 144 14.22 24.01 12.31
N VAL D 145 13.18 23.45 12.93
CA VAL D 145 13.17 23.18 14.36
C VAL D 145 13.40 21.68 14.52
N ARG D 146 14.40 21.31 15.31
CA ARG D 146 14.80 19.92 15.39
C ARG D 146 14.28 19.29 16.69
N ASP D 147 14.26 17.96 16.70
CA ASP D 147 13.82 17.24 17.89
C ASP D 147 14.79 17.45 19.03
N ALA D 148 14.25 17.77 20.20
CA ALA D 148 15.06 18.17 21.35
C ALA D 148 15.13 17.02 22.35
N PHE D 149 16.29 16.41 22.45
CA PHE D 149 16.52 15.32 23.39
C PHE D 149 16.98 15.91 24.71
N LEU D 150 17.24 15.04 25.70
CA LEU D 150 17.74 15.53 26.99
C LEU D 150 19.15 16.09 26.85
N THR D 151 19.52 16.95 27.80
CA THR D 151 20.90 17.36 27.90
C THR D 151 21.75 16.21 28.44
N LYS D 152 23.06 16.37 28.36
CA LYS D 152 23.95 15.27 28.73
C LYS D 152 24.16 15.16 30.24
N GLU D 153 23.57 16.05 31.03
CA GLU D 153 23.57 15.84 32.48
C GLU D 153 22.30 15.16 32.95
N TRP D 154 21.24 15.20 32.14
CA TRP D 154 20.03 14.44 32.43
C TRP D 154 20.02 13.08 31.74
N GLU D 155 20.94 12.86 30.79
CA GLU D 155 21.26 11.51 30.38
C GLU D 155 21.90 10.74 31.54
N GLU D 156 22.67 11.44 32.37
CA GLU D 156 23.48 10.80 33.41
C GLU D 156 22.75 10.69 34.74
N LYS D 157 21.77 11.57 34.99
CA LYS D 157 20.90 11.37 36.14
C LYS D 157 20.02 10.13 35.97
N TRP D 158 19.68 9.80 34.72
CA TRP D 158 19.02 8.53 34.43
C TRP D 158 19.95 7.35 34.71
N ARG D 159 21.24 7.53 34.45
CA ARG D 159 22.22 6.48 34.78
C ARG D 159 22.39 6.38 36.29
N ALA D 160 22.28 7.50 37.00
CA ALA D 160 22.42 7.51 38.45
C ALA D 160 21.21 6.92 39.17
N GLY D 161 20.10 6.70 38.46
CA GLY D 161 18.94 6.06 39.04
C GLY D 161 17.76 6.99 39.31
N GLU D 162 17.90 8.27 39.01
CA GLU D 162 16.79 9.20 39.25
C GLU D 162 15.70 9.00 38.21
N ALA D 163 14.48 9.41 38.57
CA ALA D 163 13.35 9.29 37.67
C ALA D 163 13.32 10.46 36.71
N ILE D 164 13.21 10.17 35.41
CA ILE D 164 13.09 11.24 34.42
C ILE D 164 11.63 11.61 34.18
N THR D 165 10.70 10.71 34.48
CA THR D 165 9.27 10.97 34.39
C THR D 165 8.61 10.64 35.72
N GLU D 166 7.28 10.67 35.73
CA GLU D 166 6.48 10.28 36.88
C GLU D 166 5.10 9.90 36.37
N ALA D 167 4.22 9.55 37.30
CA ALA D 167 2.84 9.21 36.99
C ALA D 167 1.94 10.03 37.90
N LYS D 168 1.11 10.88 37.32
CA LYS D 168 0.19 11.73 38.08
C LYS D 168 -1.23 11.24 37.86
N ILE D 169 -1.92 10.94 38.96
CA ILE D 169 -3.27 10.41 38.93
C ILE D 169 -4.24 11.59 39.08
N GLU D 170 -5.09 11.79 38.09
CA GLU D 170 -6.10 12.83 38.11
C GLU D 170 -7.47 12.21 37.98
N VAL D 171 -8.48 12.85 38.57
CA VAL D 171 -9.81 12.26 38.72
C VAL D 171 -10.85 13.25 38.22
N GLY D 172 -11.64 12.84 37.23
CA GLY D 172 -12.77 13.63 36.78
C GLY D 172 -13.99 13.35 37.64
N ILE D 173 -14.30 14.29 38.52
CA ILE D 173 -15.32 14.10 39.55
C ILE D 173 -16.67 14.55 39.02
N ASP D 174 -17.65 13.66 39.10
CA ASP D 174 -19.04 13.98 38.77
C ASP D 174 -19.56 15.05 39.72
N ARG D 175 -20.26 16.04 39.15
CA ARG D 175 -20.70 17.18 39.95
C ARG D 175 -21.97 16.88 40.74
N VAL D 176 -22.64 15.77 40.43
CA VAL D 176 -23.92 15.48 41.08
C VAL D 176 -23.72 14.49 42.23
N THR D 177 -23.16 13.33 41.95
CA THR D 177 -23.05 12.26 42.94
C THR D 177 -21.68 12.17 43.59
N SER D 178 -20.75 13.05 43.21
CA SER D 178 -19.33 13.03 43.63
C SER D 178 -18.70 11.68 43.35
N GLN D 179 -19.01 11.12 42.19
CA GLN D 179 -18.50 9.82 41.76
C GLN D 179 -17.27 10.04 40.89
N ALA D 180 -16.24 9.24 41.13
CA ALA D 180 -14.92 9.50 40.57
C ALA D 180 -14.77 8.91 39.17
N ASN D 181 -13.65 9.24 38.53
CA ASN D 181 -13.25 8.70 37.23
C ASN D 181 -11.74 8.90 37.10
N PRO D 182 -10.93 8.05 37.73
CA PRO D 182 -9.50 8.30 37.77
C PRO D 182 -8.80 7.89 36.47
N ARG D 183 -7.68 8.56 36.19
CA ARG D 183 -6.78 8.16 35.13
C ARG D 183 -5.39 8.62 35.51
N THR D 184 -4.38 7.94 34.96
CA THR D 184 -2.99 8.25 35.21
C THR D 184 -2.40 8.95 33.99
N ASN D 185 -1.62 9.98 34.22
CA ASN D 185 -0.91 10.69 33.17
C ASN D 185 0.58 10.64 33.45
N GLU D 186 1.34 10.04 32.53
CA GLU D 186 2.78 10.17 32.61
C GLU D 186 3.18 11.60 32.29
N ARG D 187 4.15 12.12 33.01
CA ARG D 187 4.66 13.45 32.68
C ARG D 187 6.13 13.49 33.03
N VAL D 188 6.91 14.04 32.09
CA VAL D 188 8.33 14.31 32.31
C VAL D 188 8.47 15.23 33.51
N VAL D 189 9.41 14.90 34.41
CA VAL D 189 9.44 15.50 35.74
C VAL D 189 9.81 16.98 35.64
N ALA D 190 9.33 17.77 36.61
CA ALA D 190 9.60 19.20 36.61
C ALA D 190 11.05 19.45 36.98
N GLY D 191 11.69 20.34 36.24
CA GLY D 191 13.11 20.56 36.36
C GLY D 191 13.92 19.94 35.25
N ALA D 192 13.35 19.04 34.46
CA ALA D 192 14.06 18.39 33.37
C ALA D 192 14.38 19.39 32.27
N GLU D 193 15.35 19.03 31.43
CA GLU D 193 16.03 20.05 30.65
C GLU D 193 16.41 19.46 29.30
N PHE D 194 15.85 20.03 28.23
CA PHE D 194 15.96 19.49 26.89
C PHE D 194 16.81 20.42 26.04
N GLU D 195 17.64 19.84 25.17
CA GLU D 195 18.59 20.60 24.37
C GLU D 195 18.04 20.75 22.95
N PHE D 196 17.75 21.99 22.56
CA PHE D 196 17.08 22.22 21.29
C PHE D 196 18.04 22.80 20.26
N GLU D 197 17.52 23.04 19.07
CA GLU D 197 18.32 23.43 17.91
C GLU D 197 17.40 24.10 16.91
N ILE D 198 17.54 25.42 16.74
CA ILE D 198 16.72 26.17 15.80
C ILE D 198 17.64 26.89 14.82
N ILE D 199 17.53 26.54 13.55
CA ILE D 199 18.40 27.08 12.50
C ILE D 199 17.54 27.95 11.60
N TYR D 200 17.85 29.24 11.54
CA TYR D 200 17.21 30.16 10.60
C TYR D 200 18.08 30.35 9.37
N ASN D 201 17.50 30.12 8.21
CA ASN D 201 18.22 30.09 6.93
C ASN D 201 18.08 31.46 6.28
N VAL D 202 19.19 32.22 6.26
CA VAL D 202 19.18 33.59 5.77
C VAL D 202 19.12 33.55 4.24
N GLU D 203 17.96 33.88 3.68
CA GLU D 203 17.75 33.87 2.24
C GLU D 203 17.68 35.26 1.64
N ASN D 204 17.39 36.28 2.45
CA ASN D 204 17.32 37.65 2.01
C ASN D 204 17.91 38.54 3.09
N THR D 205 18.96 39.28 2.74
CA THR D 205 19.62 40.17 3.69
C THR D 205 18.82 41.43 4.00
N THR D 206 17.75 41.70 3.26
CA THR D 206 16.89 42.83 3.56
C THR D 206 16.08 42.58 4.83
N HIS D 207 15.28 41.53 4.85
CA HIS D 207 14.48 41.18 6.01
C HIS D 207 14.98 39.89 6.65
N TRP D 208 15.98 40.03 7.52
CA TRP D 208 16.35 39.01 8.49
C TRP D 208 16.22 39.49 9.92
N ARG D 209 16.28 40.81 10.17
CA ARG D 209 15.86 41.37 11.44
C ARG D 209 14.41 41.03 11.75
N ASP D 210 13.56 41.08 10.72
CA ASP D 210 12.13 40.95 10.93
C ASP D 210 11.74 39.50 11.22
N ASP D 211 12.54 38.54 10.74
CA ASP D 211 12.24 37.14 11.02
C ASP D 211 12.83 36.67 12.33
N ILE D 212 14.03 37.13 12.69
CA ILE D 212 14.59 36.79 14.00
C ILE D 212 13.78 37.42 15.14
N LYS D 213 13.35 38.68 14.99
CA LYS D 213 12.52 39.31 16.02
C LYS D 213 11.12 38.71 16.10
N ASN D 214 10.56 38.24 14.98
CA ASN D 214 9.30 37.52 15.05
C ASN D 214 9.45 36.12 15.61
N LEU D 215 10.61 35.50 15.42
CA LEU D 215 10.85 34.20 16.04
C LEU D 215 11.05 34.33 17.55
N LEU D 216 11.71 35.40 17.98
CA LEU D 216 11.86 35.66 19.40
C LEU D 216 10.59 36.20 20.04
N THR D 217 9.70 36.80 19.25
CA THR D 217 8.38 37.15 19.74
C THR D 217 7.55 35.90 20.02
N ALA D 218 7.62 34.92 19.11
CA ALA D 218 6.91 33.66 19.31
C ALA D 218 7.48 32.86 20.48
N MET D 219 8.79 32.95 20.73
CA MET D 219 9.35 32.30 21.91
C MET D 219 8.90 32.98 23.19
N ALA D 220 8.81 34.31 23.17
CA ALA D 220 8.36 35.06 24.34
C ALA D 220 6.89 34.78 24.66
N LEU D 221 6.08 34.55 23.64
CA LEU D 221 4.70 34.14 23.86
C LEU D 221 4.60 32.73 24.42
N LEU D 222 5.56 31.86 24.08
CA LEU D 222 5.54 30.49 24.58
C LEU D 222 5.98 30.40 26.04
N GLU D 223 6.85 31.29 26.50
CA GLU D 223 7.21 31.31 27.91
C GLU D 223 6.10 31.88 28.79
N ASP D 224 5.07 32.48 28.21
CA ASP D 224 3.90 32.88 28.95
C ASP D 224 2.77 31.86 28.81
N SER D 225 2.73 31.16 27.69
CA SER D 225 1.79 30.08 27.41
C SER D 225 2.40 28.75 27.83
N TYR D 226 1.84 27.64 27.38
CA TYR D 226 2.31 26.31 27.73
C TYR D 226 2.78 25.59 26.47
N LEU D 227 3.60 24.55 26.69
CA LEU D 227 4.06 23.66 25.63
C LEU D 227 3.50 22.27 25.87
N GLY D 228 2.95 21.66 24.82
CA GLY D 228 2.39 20.33 24.86
C GLY D 228 1.21 20.25 25.82
N GLY D 229 1.28 19.23 26.68
CA GLY D 229 0.57 19.15 27.95
C GLY D 229 -0.94 19.21 27.87
N SER D 230 -1.52 19.33 29.06
CA SER D 230 -2.83 19.91 29.27
C SER D 230 -2.53 21.13 30.14
N GLY D 231 -2.18 22.24 29.47
CA GLY D 231 -1.51 23.34 30.14
C GLY D 231 -2.40 24.26 30.93
N SER D 232 -3.72 24.21 30.70
CA SER D 232 -4.64 24.98 31.53
C SER D 232 -4.83 24.37 32.91
N ARG D 233 -4.24 23.19 33.09
CA ARG D 233 -4.23 22.45 34.39
C ARG D 233 -2.82 22.53 35.01
N GLY D 234 -1.97 23.42 34.50
CA GLY D 234 -0.60 23.63 35.03
C GLY D 234 0.46 22.69 34.47
N TYR D 235 0.24 22.07 33.31
CA TYR D 235 1.21 21.09 32.73
C TYR D 235 2.27 21.67 31.79
N GLY D 236 2.34 22.99 31.52
CA GLY D 236 3.37 23.42 30.54
C GLY D 236 4.57 24.13 31.15
N LYS D 237 4.48 25.44 31.36
CA LYS D 237 5.57 26.23 32.02
C LYS D 237 6.96 25.98 31.40
N VAL D 238 7.14 26.23 30.10
CA VAL D 238 8.42 26.05 29.44
C VAL D 238 9.28 27.27 29.74
N LYS D 239 10.60 27.17 29.50
CA LYS D 239 11.51 28.29 29.67
C LYS D 239 12.75 28.05 28.82
N PHE D 240 13.17 29.07 28.06
CA PHE D 240 14.31 28.96 27.16
C PHE D 240 15.56 29.50 27.85
N ILE D 241 16.64 28.71 27.82
CA ILE D 241 17.91 29.09 28.39
C ILE D 241 18.93 29.06 27.25
N PHE D 242 19.29 30.24 26.75
CA PHE D 242 20.10 30.32 25.54
C PHE D 242 21.58 30.09 25.84
N ASP D 243 22.22 29.31 24.97
CA ASP D 243 23.66 29.09 25.07
C ASP D 243 24.43 30.02 24.14
N SER D 244 24.08 30.03 22.85
CA SER D 244 24.81 30.83 21.87
C SER D 244 23.96 31.02 20.63
N PHE D 245 23.78 32.28 20.23
CA PHE D 245 23.50 32.58 18.83
C PHE D 245 24.79 32.48 18.02
N GLU D 246 24.71 31.92 16.82
CA GLU D 246 25.84 31.88 15.90
C GLU D 246 25.32 32.18 14.50
N PHE D 247 26.22 32.58 13.62
CA PHE D 247 25.79 33.11 12.33
C PHE D 247 26.02 32.18 11.15
N ARG D 248 27.19 31.49 11.07
CA ARG D 248 27.57 30.59 9.97
C ARG D 248 27.40 31.21 8.59
N PRO D 249 28.28 32.10 8.14
CA PRO D 249 28.12 32.71 6.82
C PRO D 249 28.31 31.71 5.68
N LEU D 250 28.13 32.21 4.46
CA LEU D 250 28.31 31.38 3.27
C LEU D 250 29.76 30.96 3.10
N ASP D 251 30.69 31.79 3.57
CA ASP D 251 32.12 31.51 3.46
C ASP D 251 32.58 30.49 4.50
N TYR D 252 31.73 30.14 5.48
CA TYR D 252 32.07 29.10 6.43
C TYR D 252 32.07 27.73 5.78
N TYR D 253 31.06 27.49 4.93
CA TYR D 253 30.93 26.16 4.28
C TYR D 253 32.07 25.90 3.29
N ARG D 254 32.43 26.89 2.46
CA ARG D 254 33.52 26.64 1.49
C ARG D 254 34.88 26.50 2.21
N THR D 255 35.21 27.45 3.09
CA THR D 255 36.51 27.43 3.82
C THR D 255 36.55 26.31 4.88
N GLY D 256 35.47 26.17 5.66
CA GLY D 256 35.39 25.19 6.76
C GLY D 256 36.01 25.71 8.04
N LYS D 257 36.52 26.95 8.02
CA LYS D 257 37.15 27.63 9.19
C LYS D 257 36.09 28.25 10.11
N ASP D 258 36.49 28.64 11.33
CA ASP D 258 35.57 29.26 12.31
C ASP D 258 35.44 30.77 12.00
N GLU D 259 34.74 31.09 10.90
CA GLU D 259 34.51 32.50 10.47
C GLU D 259 33.12 32.94 10.92
N ASP D 260 32.45 32.09 11.72
CA ASP D 260 31.09 32.35 12.17
C ASP D 260 31.08 33.31 13.35
N ILE D 261 30.22 34.32 13.25
CA ILE D 261 30.08 35.35 14.28
C ILE D 261 29.33 34.73 15.44
N VAL D 262 29.88 34.86 16.65
CA VAL D 262 29.32 34.26 17.85
C VAL D 262 28.75 35.38 18.71
N SER D 263 27.43 35.43 18.83
CA SER D 263 26.79 36.30 19.81
C SER D 263 26.76 35.60 21.16
N ILE D 264 27.15 36.32 22.20
CA ILE D 264 27.31 35.75 23.54
C ILE D 264 26.14 36.24 24.39
N ASP D 265 25.19 35.36 24.67
CA ASP D 265 24.10 35.63 25.61
C ASP D 265 23.81 34.41 26.48
N ALA D 266 24.86 33.79 27.03
CA ALA D 266 24.74 32.58 27.83
C ALA D 266 23.93 32.77 29.11
N ARG D 267 23.78 34.01 29.59
CA ARG D 267 23.01 34.27 30.81
C ARG D 267 21.88 35.27 30.56
N GLU D 268 21.17 35.18 29.44
CA GLU D 268 20.12 36.13 29.12
C GLU D 268 18.79 35.43 28.85
N LYS D 269 17.73 36.23 28.90
CA LYS D 269 16.35 35.77 28.80
C LYS D 269 15.87 35.97 27.37
N SER D 270 14.82 35.21 27.00
CA SER D 270 14.22 35.34 25.68
C SER D 270 13.61 36.72 25.44
N VAL D 271 13.15 37.39 26.51
CA VAL D 271 12.70 38.77 26.36
C VAL D 271 13.81 39.77 26.60
N SER D 272 15.03 39.30 26.81
CA SER D 272 16.19 40.18 26.94
C SER D 272 16.97 40.32 25.64
N ASP D 273 16.92 39.31 24.76
CA ASP D 273 17.49 39.45 23.43
C ASP D 273 16.67 40.41 22.57
N ILE D 274 15.35 40.20 22.59
CA ILE D 274 14.38 41.04 21.83
C ILE D 274 14.25 42.39 22.54
N LEU D 275 14.81 42.49 23.75
CA LEU D 275 14.82 43.71 24.61
C LEU D 275 15.75 44.77 24.01
N SER D 276 15.60 46.02 24.44
CA SER D 276 16.40 47.16 23.90
C SER D 276 17.89 46.80 23.98
N GLY D 277 18.63 47.07 22.90
CA GLY D 277 20.04 46.65 22.79
C GLY D 277 20.18 45.41 21.93
N PHE D 278 19.08 44.97 21.31
CA PHE D 278 19.11 43.81 20.37
C PHE D 278 20.07 44.20 19.26
N ASP D 279 19.94 45.45 18.80
CA ASP D 279 20.86 46.05 17.83
C ASP D 279 22.32 45.93 18.26
N SER D 280 22.59 45.88 19.56
CA SER D 280 23.98 45.76 20.01
C SER D 280 24.48 44.33 19.93
N LEU D 281 23.61 43.34 20.14
CA LEU D 281 24.00 41.94 20.04
C LEU D 281 24.19 41.48 18.60
N PHE D 282 23.31 41.92 17.69
CA PHE D 282 23.33 41.50 16.30
C PHE D 282 23.99 42.54 15.41
N SER D 283 24.90 43.33 15.96
CA SER D 283 25.60 44.35 15.19
C SER D 283 26.67 43.76 14.28
N GLU D 284 27.42 42.76 14.75
CA GLU D 284 28.46 42.12 13.96
C GLU D 284 27.90 41.26 12.84
N VAL D 285 26.62 40.88 12.92
CA VAL D 285 25.98 40.15 11.83
C VAL D 285 25.79 41.06 10.62
N GLU D 286 25.59 42.35 10.87
CA GLU D 286 25.45 43.32 9.78
C GLU D 286 26.78 43.61 9.12
N GLY D 287 27.90 43.40 9.82
CA GLY D 287 29.21 43.54 9.22
C GLY D 287 29.57 42.45 8.24
N LYS D 288 28.80 41.35 8.21
CA LYS D 288 28.99 40.28 7.25
C LYS D 288 27.76 40.09 6.37
N LEU D 289 26.61 40.64 6.80
CA LEU D 289 25.32 40.62 6.10
C LEU D 289 24.83 39.19 5.79
N PRO E 2 32.40 -27.69 -22.21
CA PRO E 2 33.83 -27.43 -22.03
C PRO E 2 34.13 -26.72 -20.72
N LYS E 3 35.29 -26.08 -20.62
CA LYS E 3 35.72 -25.40 -19.41
C LYS E 3 35.74 -23.90 -19.69
N PHE E 4 35.00 -23.14 -18.88
CA PHE E 4 34.88 -21.71 -19.09
C PHE E 4 35.28 -20.96 -17.83
N ILE E 5 35.76 -19.73 -18.03
CA ILE E 5 35.96 -18.78 -16.95
C ILE E 5 34.61 -18.14 -16.67
N ALA E 6 34.15 -18.22 -15.42
CA ALA E 6 32.87 -17.63 -15.03
C ALA E 6 33.14 -16.35 -14.27
N VAL E 7 32.72 -15.23 -14.83
CA VAL E 7 32.97 -13.92 -14.25
C VAL E 7 31.74 -13.52 -13.42
N LYS E 8 31.82 -13.73 -12.11
CA LYS E 8 30.76 -13.32 -11.21
C LYS E 8 30.80 -11.82 -10.95
N LEU E 9 29.62 -11.24 -10.80
CA LEU E 9 29.43 -9.82 -10.53
C LEU E 9 28.59 -9.73 -9.27
N ILE E 10 29.24 -9.49 -8.13
CA ILE E 10 28.54 -9.40 -6.85
C ILE E 10 28.06 -7.96 -6.67
N PRO E 11 26.76 -7.71 -6.70
CA PRO E 11 26.26 -6.34 -6.82
C PRO E 11 26.46 -5.52 -5.56
N LYS E 12 26.48 -4.20 -5.75
CA LYS E 12 26.54 -3.22 -4.67
C LYS E 12 25.32 -2.32 -4.73
N GLY E 13 24.20 -2.84 -5.21
CA GLY E 13 22.99 -2.08 -5.36
C GLY E 13 22.06 -2.73 -6.36
N PRO E 14 21.13 -1.97 -6.91
CA PRO E 14 20.20 -2.51 -7.90
C PRO E 14 20.72 -2.36 -9.31
N PHE E 15 20.38 -3.31 -10.17
CA PHE E 15 20.71 -3.12 -11.58
C PHE E 15 19.52 -2.51 -12.32
N ARG E 16 19.80 -1.98 -13.52
CA ARG E 16 18.77 -1.50 -14.43
C ARG E 16 18.09 -2.62 -15.19
N ASP E 17 18.86 -3.54 -15.76
CA ASP E 17 18.32 -4.72 -16.41
C ASP E 17 19.38 -5.80 -16.28
N ILE E 18 18.97 -7.04 -16.50
CA ILE E 18 19.97 -8.11 -16.60
C ILE E 18 20.77 -7.91 -17.88
N PRO E 19 22.10 -7.82 -17.81
CA PRO E 19 22.87 -7.42 -18.99
C PRO E 19 22.89 -8.49 -20.07
N ARG E 20 22.98 -8.04 -21.31
CA ARG E 20 23.12 -8.93 -22.46
C ARG E 20 24.53 -8.80 -23.00
N ALA E 21 24.84 -9.62 -24.00
CA ALA E 21 26.22 -9.69 -24.47
C ALA E 21 26.61 -8.51 -25.34
N ASP E 22 25.63 -7.77 -25.87
CA ASP E 22 25.96 -6.61 -26.69
C ASP E 22 26.19 -5.36 -25.84
N THR E 23 25.57 -5.29 -24.66
CA THR E 23 25.86 -4.23 -23.71
C THR E 23 26.96 -4.62 -22.73
N LEU E 24 27.35 -5.90 -22.69
CA LEU E 24 28.60 -6.24 -22.02
C LEU E 24 29.80 -5.97 -22.90
N PHE E 25 29.69 -6.20 -24.21
CA PHE E 25 30.80 -5.89 -25.09
C PHE E 25 30.93 -4.39 -25.32
N GLY E 26 29.82 -3.66 -25.28
CA GLY E 26 29.92 -2.21 -25.33
C GLY E 26 30.47 -1.61 -24.06
N ALA E 27 30.24 -2.26 -22.92
CA ALA E 27 30.83 -1.81 -21.67
C ALA E 27 32.31 -2.13 -21.60
N ILE E 28 32.70 -3.31 -22.10
CA ILE E 28 34.11 -3.68 -22.13
C ILE E 28 34.88 -2.81 -23.11
N GLY E 29 34.30 -2.54 -24.28
CA GLY E 29 35.00 -1.72 -25.26
C GLY E 29 35.11 -0.26 -24.85
N ASN E 30 34.20 0.21 -24.01
CA ASN E 30 34.36 1.51 -23.38
C ASN E 30 35.35 1.47 -22.24
N ALA E 31 35.47 0.35 -21.54
CA ALA E 31 36.45 0.21 -20.48
C ALA E 31 37.87 0.12 -21.02
N ILE E 32 38.07 -0.58 -22.14
CA ILE E 32 39.40 -0.71 -22.72
C ILE E 32 39.86 0.61 -23.32
N SER E 33 38.93 1.40 -23.86
CA SER E 33 39.28 2.71 -24.40
C SER E 33 39.65 3.70 -23.30
N ALA E 34 39.16 3.48 -22.09
CA ALA E 34 39.46 4.39 -21.00
C ALA E 34 40.84 4.13 -20.41
N ILE E 35 41.21 2.86 -20.24
CA ILE E 35 42.45 2.53 -19.55
C ILE E 35 43.59 2.16 -20.49
N HIS E 36 43.32 1.87 -21.76
CA HIS E 36 44.39 1.60 -22.72
C HIS E 36 44.43 2.61 -23.86
N GLY E 37 43.33 2.80 -24.58
CA GLY E 37 43.34 3.73 -25.68
C GLY E 37 42.51 3.22 -26.84
N GLN E 38 42.63 3.91 -27.98
CA GLN E 38 41.83 3.57 -29.15
C GLN E 38 42.33 2.31 -29.84
N SER E 39 43.64 2.13 -29.94
CA SER E 39 44.19 1.02 -30.71
C SER E 39 44.10 -0.31 -29.98
N ALA E 40 43.64 -0.33 -28.73
CA ALA E 40 43.40 -1.58 -28.03
C ALA E 40 41.97 -2.05 -28.17
N VAL E 41 41.04 -1.15 -28.48
CA VAL E 41 39.67 -1.58 -28.80
C VAL E 41 39.65 -2.27 -30.15
N GLU E 42 40.41 -1.76 -31.12
CA GLU E 42 40.53 -2.44 -32.41
C GLU E 42 41.29 -3.75 -32.30
N GLU E 43 42.15 -3.88 -31.28
CA GLU E 43 42.77 -5.16 -30.97
C GLU E 43 41.83 -6.05 -30.17
N LEU E 44 40.85 -5.45 -29.48
CA LEU E 44 39.86 -6.22 -28.75
C LEU E 44 38.85 -6.86 -29.70
N VAL E 45 38.39 -6.10 -30.70
CA VAL E 45 37.39 -6.60 -31.64
C VAL E 45 37.96 -7.72 -32.50
N ASP E 46 39.25 -7.63 -32.85
CA ASP E 46 39.91 -8.70 -33.60
C ASP E 46 40.07 -9.97 -32.78
N ALA E 47 40.17 -9.86 -31.46
CA ALA E 47 40.28 -11.04 -30.61
C ALA E 47 38.97 -11.82 -30.54
N PHE E 48 37.87 -11.05 -30.49
CA PHE E 48 36.48 -11.58 -30.46
C PHE E 48 36.07 -12.15 -31.82
N VAL E 49 36.45 -11.47 -32.91
CA VAL E 49 36.09 -11.92 -34.28
C VAL E 49 36.69 -13.30 -34.52
N GLY E 50 37.94 -13.51 -34.08
CA GLY E 50 38.58 -14.83 -34.19
C GLY E 50 38.67 -15.48 -32.82
N GLY E 51 38.21 -16.73 -32.71
CA GLY E 51 38.26 -17.48 -31.45
C GLY E 51 37.27 -17.04 -30.37
N ALA E 52 37.80 -16.69 -29.19
CA ALA E 52 37.04 -16.43 -27.94
C ALA E 52 35.96 -15.36 -28.06
N ARG E 53 34.81 -15.65 -27.44
CA ARG E 53 33.62 -14.75 -27.36
C ARG E 53 32.93 -14.93 -26.00
N ILE E 54 32.45 -13.83 -25.41
CA ILE E 54 31.71 -13.83 -24.12
C ILE E 54 30.24 -14.17 -24.39
N SER E 55 29.50 -14.52 -23.35
CA SER E 55 28.08 -14.79 -23.47
C SER E 55 27.27 -13.71 -22.76
N SER E 56 25.96 -13.93 -22.67
CA SER E 56 25.09 -13.03 -21.94
C SER E 56 25.27 -13.20 -20.44
N ALA E 57 24.65 -12.31 -19.68
CA ALA E 57 24.72 -12.36 -18.23
C ALA E 57 23.48 -13.03 -17.67
N PHE E 58 23.69 -13.94 -16.71
CA PHE E 58 22.63 -14.77 -16.15
C PHE E 58 22.71 -14.72 -14.64
N PRO E 59 21.59 -14.88 -13.93
CA PRO E 59 21.62 -14.78 -12.47
C PRO E 59 22.23 -16.02 -11.83
N TYR E 60 22.68 -15.83 -10.59
CA TYR E 60 23.00 -16.95 -9.70
C TYR E 60 22.35 -16.67 -8.36
N SER E 61 22.16 -17.72 -7.57
CA SER E 61 21.68 -17.52 -6.20
C SER E 61 22.36 -18.56 -5.30
N GLY E 62 23.48 -18.15 -4.70
CA GLY E 62 24.19 -18.98 -3.75
C GLY E 62 24.71 -20.30 -4.30
N ASP E 63 25.71 -20.21 -5.18
CA ASP E 63 26.43 -21.34 -5.78
C ASP E 63 25.55 -22.21 -6.68
N THR E 64 24.38 -21.72 -7.08
CA THR E 64 23.53 -22.37 -8.07
C THR E 64 23.51 -21.43 -9.27
N TYR E 65 24.29 -21.76 -10.29
CA TYR E 65 24.43 -20.89 -11.45
C TYR E 65 23.32 -21.20 -12.44
N TYR E 66 22.52 -20.19 -12.76
CA TYR E 66 21.39 -20.37 -13.67
C TYR E 66 21.81 -20.15 -15.12
N LEU E 67 21.08 -20.79 -16.02
CA LEU E 67 21.35 -20.81 -17.45
C LEU E 67 20.00 -20.83 -18.16
N PRO E 68 19.91 -20.22 -19.35
CA PRO E 68 18.62 -20.15 -20.03
C PRO E 68 18.19 -21.51 -20.57
N LYS E 69 16.89 -21.73 -20.52
CA LYS E 69 16.33 -22.98 -21.02
C LYS E 69 16.48 -23.02 -22.53
N PRO E 70 16.95 -24.14 -23.10
CA PRO E 70 16.99 -24.26 -24.56
C PRO E 70 15.58 -24.29 -25.15
N LEU E 71 15.48 -23.83 -26.39
CA LEU E 71 14.23 -23.86 -27.12
C LEU E 71 13.99 -25.19 -27.81
N SER E 72 14.88 -26.15 -27.61
CA SER E 72 14.76 -27.49 -28.18
C SER E 72 13.75 -28.34 -27.45
N VAL E 73 13.32 -27.93 -26.26
CA VAL E 73 12.50 -28.81 -25.44
C VAL E 73 11.01 -28.69 -25.77
N GLU E 74 10.54 -27.51 -26.22
CA GLU E 74 9.11 -27.32 -26.49
C GLU E 74 8.52 -28.17 -27.63
N PRO E 75 9.22 -28.49 -28.73
CA PRO E 75 8.69 -29.54 -29.62
C PRO E 75 8.76 -30.93 -29.04
N ALA E 76 9.66 -31.19 -28.09
CA ALA E 76 9.83 -32.51 -27.50
C ALA E 76 9.00 -32.74 -26.25
N LEU E 77 8.34 -31.70 -25.73
CA LEU E 77 7.94 -31.68 -24.33
C LEU E 77 6.74 -32.58 -24.04
N GLU E 78 6.10 -33.14 -25.06
CA GLU E 78 5.19 -34.25 -24.87
C GLU E 78 5.93 -35.57 -24.72
N GLY E 79 7.02 -35.76 -25.45
CA GLY E 79 7.82 -36.97 -25.33
C GLY E 79 8.71 -37.01 -24.12
N ILE E 80 9.01 -35.85 -23.53
CA ILE E 80 9.83 -35.82 -22.32
C ILE E 80 9.01 -36.32 -21.13
N LEU E 81 7.71 -36.08 -21.15
CA LEU E 81 6.87 -36.36 -19.99
C LEU E 81 5.88 -37.48 -20.27
N THR E 82 6.35 -38.58 -20.88
CA THR E 82 5.46 -39.70 -21.18
C THR E 82 5.19 -40.54 -19.94
N GLY E 83 6.07 -40.46 -18.95
CA GLY E 83 5.93 -41.28 -17.75
C GLY E 83 5.19 -40.60 -16.62
N LEU E 84 4.12 -39.89 -16.92
CA LEU E 84 3.39 -39.15 -15.91
C LEU E 84 1.88 -39.41 -16.05
N ASP E 85 1.18 -39.25 -14.94
CA ASP E 85 -0.29 -39.26 -14.95
C ASP E 85 -0.79 -38.01 -15.65
N GLU E 86 -1.75 -38.19 -16.56
CA GLU E 86 -2.12 -37.18 -17.55
C GLU E 86 -2.73 -35.91 -16.94
N GLU E 87 -3.30 -35.99 -15.74
CA GLU E 87 -3.92 -34.80 -15.17
C GLU E 87 -2.93 -33.93 -14.41
N GLU E 88 -1.77 -34.48 -14.04
CA GLU E 88 -0.66 -33.67 -13.56
C GLU E 88 0.44 -33.54 -14.59
N ARG E 89 0.30 -34.21 -15.73
CA ARG E 89 1.24 -34.04 -16.85
C ARG E 89 0.95 -32.75 -17.61
N TYR E 90 -0.22 -32.16 -17.40
CA TYR E 90 -0.60 -30.97 -18.16
C TYR E 90 -0.11 -29.70 -17.48
N THR E 91 -0.11 -29.67 -16.15
CA THR E 91 0.39 -28.49 -15.44
C THR E 91 1.88 -28.57 -15.18
N THR E 92 2.46 -29.77 -15.25
CA THR E 92 3.92 -29.87 -15.28
C THR E 92 4.45 -29.38 -16.62
N ALA E 93 3.72 -29.66 -17.69
CA ALA E 93 4.14 -29.26 -19.03
C ALA E 93 4.07 -27.75 -19.23
N LYS E 94 3.01 -27.15 -18.69
CA LYS E 94 2.72 -25.69 -18.84
C LYS E 94 3.82 -24.84 -18.17
N ARG E 95 4.25 -25.21 -16.97
CA ARG E 95 5.29 -24.48 -16.27
C ARG E 95 6.68 -24.82 -16.79
N LEU E 96 6.80 -25.94 -17.51
CA LEU E 96 8.08 -26.32 -18.12
C LEU E 96 8.30 -25.57 -19.44
N ARG E 97 7.24 -25.03 -20.02
CA ARG E 97 7.27 -24.25 -21.24
C ARG E 97 7.41 -22.76 -20.96
N LYS E 98 6.82 -22.30 -19.85
CA LYS E 98 6.89 -20.88 -19.49
C LYS E 98 8.22 -20.52 -18.85
N ALA E 99 8.96 -21.52 -18.36
CA ALA E 99 10.18 -21.28 -17.60
C ALA E 99 11.28 -20.68 -18.47
N LYS E 100 12.03 -19.73 -17.89
CA LYS E 100 13.05 -18.99 -18.61
C LYS E 100 14.45 -19.46 -18.28
N TYR E 101 14.71 -19.86 -17.04
CA TYR E 101 16.03 -20.29 -16.60
C TYR E 101 15.97 -21.71 -16.05
N LEU E 102 17.12 -22.37 -16.07
CA LEU E 102 17.28 -23.69 -15.48
C LEU E 102 18.54 -23.68 -14.62
N ASP E 103 18.64 -24.65 -13.72
CA ASP E 103 19.85 -24.85 -12.94
C ASP E 103 20.99 -25.33 -13.82
N LEU E 104 22.20 -25.36 -13.26
CA LEU E 104 23.34 -25.92 -13.97
C LEU E 104 23.22 -27.43 -14.10
N LYS E 105 22.46 -28.07 -13.21
CA LYS E 105 22.21 -29.50 -13.28
C LYS E 105 21.12 -29.84 -14.29
N ASN E 106 20.08 -29.02 -14.37
CA ASN E 106 18.98 -29.30 -15.29
C ASN E 106 19.23 -28.76 -16.69
N PHE E 107 20.17 -27.84 -16.86
CA PHE E 107 20.57 -27.42 -18.20
C PHE E 107 21.27 -28.54 -18.94
N GLU E 108 22.13 -29.29 -18.24
CA GLU E 108 22.83 -30.41 -18.85
C GLU E 108 21.90 -31.58 -19.16
N LEU E 109 20.76 -31.66 -18.48
CA LEU E 109 19.78 -32.70 -18.80
C LEU E 109 18.88 -32.28 -19.96
N ALA E 110 18.53 -31.00 -20.03
CA ALA E 110 17.69 -30.50 -21.11
C ALA E 110 18.43 -30.45 -22.44
N LEU E 111 19.76 -30.42 -22.43
CA LEU E 111 20.53 -30.54 -23.67
C LEU E 111 20.47 -31.95 -24.24
N ARG E 112 20.17 -32.95 -23.41
CA ARG E 112 20.15 -34.34 -23.83
C ARG E 112 18.74 -34.92 -23.84
N LEU E 113 17.72 -34.06 -23.78
CA LEU E 113 16.29 -34.43 -23.85
C LEU E 113 15.89 -35.37 -22.72
N ARG E 114 16.41 -35.13 -21.53
CA ARG E 114 16.08 -35.86 -20.32
C ARG E 114 14.92 -35.19 -19.61
N PRO E 115 14.24 -35.90 -18.70
CA PRO E 115 13.27 -35.21 -17.83
C PRO E 115 13.99 -34.32 -16.83
N PHE E 116 13.53 -33.07 -16.74
CA PHE E 116 14.21 -32.07 -15.93
C PHE E 116 13.17 -31.25 -15.16
N THR E 117 13.67 -30.42 -14.25
CA THR E 117 12.83 -29.61 -13.37
C THR E 117 13.25 -28.15 -13.45
N ILE E 118 12.34 -27.27 -13.07
CA ILE E 118 12.58 -25.84 -13.15
C ILE E 118 12.88 -25.32 -11.74
N PRO E 119 13.57 -24.20 -11.58
CA PRO E 119 13.69 -23.58 -10.26
C PRO E 119 12.37 -22.93 -9.84
N GLU E 120 12.18 -22.89 -8.53
CA GLU E 120 10.97 -22.31 -7.96
C GLU E 120 11.06 -20.81 -7.77
N GLU E 121 12.20 -20.31 -7.29
CA GLU E 121 12.33 -18.92 -6.89
C GLU E 121 13.38 -18.23 -7.76
N ILE E 122 13.08 -17.00 -8.14
CA ILE E 122 13.95 -16.21 -9.01
C ILE E 122 14.89 -15.38 -8.13
N PRO E 123 16.17 -15.26 -8.47
CA PRO E 123 17.12 -14.55 -7.59
C PRO E 123 16.95 -13.05 -7.52
N TYR E 124 16.03 -12.45 -8.29
CA TYR E 124 15.90 -11.00 -8.33
C TYR E 124 14.43 -10.64 -8.45
N ALA E 125 14.14 -9.35 -8.31
CA ALA E 125 12.79 -8.82 -8.48
C ALA E 125 12.86 -7.54 -9.29
N ARG E 126 11.77 -7.23 -9.98
CA ARG E 126 11.63 -5.99 -10.73
C ARG E 126 10.67 -5.11 -9.94
N VAL E 127 11.21 -4.04 -9.35
CA VAL E 127 10.40 -3.08 -8.63
C VAL E 127 10.30 -1.80 -9.45
N ASP E 128 9.37 -0.93 -9.05
CA ASP E 128 9.22 0.40 -9.64
C ASP E 128 9.43 1.39 -8.50
N VAL E 129 10.64 1.92 -8.38
CA VAL E 129 10.93 2.88 -7.33
C VAL E 129 10.67 4.29 -7.86
N PRO E 130 9.81 5.07 -7.20
CA PRO E 130 9.49 6.41 -7.73
C PRO E 130 10.46 7.47 -7.25
N ARG E 131 11.03 8.18 -8.23
CA ARG E 131 11.84 9.36 -7.98
C ARG E 131 10.97 10.59 -8.22
N VAL E 132 11.52 11.77 -7.98
CA VAL E 132 10.75 13.00 -8.09
C VAL E 132 11.69 14.10 -8.57
N VAL E 133 11.12 15.13 -9.19
CA VAL E 133 11.86 16.32 -9.61
C VAL E 133 11.36 17.48 -8.75
N LEU E 134 12.26 18.16 -8.06
CA LEU E 134 11.89 19.26 -7.19
C LEU E 134 12.43 20.57 -7.72
N ASP E 135 11.54 21.57 -7.81
CA ASP E 135 11.93 22.93 -8.15
C ASP E 135 12.84 23.50 -7.07
N ARG E 136 13.84 24.25 -7.50
CA ARG E 136 14.87 24.69 -6.56
C ARG E 136 14.46 25.89 -5.73
N VAL E 137 13.36 26.55 -6.06
CA VAL E 137 12.86 27.68 -5.30
C VAL E 137 11.58 27.33 -4.55
N THR E 138 10.67 26.63 -5.22
CA THR E 138 9.34 26.38 -4.70
C THR E 138 9.11 24.96 -4.24
N GLN E 139 10.07 24.05 -4.46
CA GLN E 139 9.99 22.63 -4.07
C GLN E 139 8.78 21.93 -4.70
N ASP E 140 8.44 22.30 -5.94
CA ASP E 140 7.30 21.72 -6.61
C ASP E 140 7.65 20.35 -7.18
N SER E 141 6.94 19.33 -6.71
CA SER E 141 7.29 17.95 -6.98
C SER E 141 6.73 17.51 -8.33
N SER E 142 7.50 16.65 -9.01
CA SER E 142 7.11 16.09 -10.29
C SER E 142 7.53 14.62 -10.29
N ILE E 143 6.59 13.75 -9.93
CA ILE E 143 6.89 12.33 -9.82
C ILE E 143 7.01 11.71 -11.21
N TYR E 144 8.08 10.95 -11.41
CA TYR E 144 8.21 9.99 -12.49
C TYR E 144 8.54 8.65 -11.86
N PHE E 145 8.41 7.58 -12.65
CA PHE E 145 8.69 6.24 -12.16
C PHE E 145 9.90 5.66 -12.86
N TRP E 146 10.51 4.69 -12.21
CA TRP E 146 11.79 4.14 -12.63
C TRP E 146 11.89 2.70 -12.12
N GLU E 147 12.35 1.80 -12.99
CA GLU E 147 12.36 0.38 -12.68
C GLU E 147 13.78 -0.15 -12.58
N GLU E 148 13.97 -1.13 -11.70
CA GLU E 148 15.28 -1.62 -11.33
C GLU E 148 15.26 -3.14 -11.24
N ILE E 149 16.42 -3.72 -10.97
CA ILE E 149 16.59 -5.14 -10.67
C ILE E 149 17.22 -5.21 -9.29
N ARG E 150 16.44 -5.64 -8.30
CA ARG E 150 16.95 -5.76 -6.91
C ARG E 150 17.28 -7.24 -6.64
N PHE E 151 18.52 -7.52 -6.26
CA PHE E 151 18.98 -8.87 -6.01
C PHE E 151 18.86 -9.22 -4.53
N ARG E 152 18.92 -10.52 -4.23
CA ARG E 152 18.75 -11.03 -2.87
C ARG E 152 20.07 -10.93 -2.11
N GLU E 153 20.15 -11.61 -0.97
CA GLU E 153 21.28 -11.43 -0.05
C GLU E 153 22.57 -12.01 -0.61
N LYS E 154 22.52 -13.23 -1.14
CA LYS E 154 23.70 -13.85 -1.73
C LYS E 154 23.58 -14.06 -3.23
N SER E 155 22.72 -13.31 -3.91
CA SER E 155 22.53 -13.50 -5.33
C SER E 155 23.30 -12.44 -6.12
N GLY E 156 23.16 -12.50 -7.44
CA GLY E 156 23.90 -11.62 -8.33
C GLY E 156 23.75 -12.01 -9.78
N VAL E 157 24.76 -11.74 -10.59
CA VAL E 157 24.73 -12.05 -12.02
C VAL E 157 26.12 -12.49 -12.43
N TYR E 158 26.20 -13.31 -13.49
CA TYR E 158 27.48 -13.74 -14.02
C TYR E 158 27.36 -13.91 -15.52
N PHE E 159 28.50 -13.82 -16.21
CA PHE E 159 28.58 -14.23 -17.60
C PHE E 159 29.74 -15.21 -17.76
N LEU E 160 29.86 -15.78 -18.95
CA LEU E 160 30.87 -16.78 -19.23
C LEU E 160 31.85 -16.25 -20.26
N TYR E 161 33.09 -16.73 -20.20
CA TYR E 161 34.11 -16.39 -21.17
C TYR E 161 34.73 -17.67 -21.72
N SER E 162 34.88 -17.73 -23.04
CA SER E 162 35.69 -18.74 -23.70
C SER E 162 36.70 -18.03 -24.58
N GLY E 163 37.91 -18.58 -24.66
CA GLY E 163 38.95 -18.02 -25.48
C GLY E 163 40.33 -18.26 -24.91
N PRO E 164 41.34 -17.65 -25.53
CA PRO E 164 42.68 -17.71 -24.96
C PRO E 164 42.78 -16.89 -23.69
N ARG E 165 43.79 -17.23 -22.88
CA ARG E 165 43.88 -16.65 -21.54
C ARG E 165 44.48 -15.25 -21.58
N GLU E 166 45.37 -14.98 -22.54
CA GLU E 166 46.02 -13.67 -22.58
C GLU E 166 45.08 -12.58 -23.10
N VAL E 167 43.99 -12.96 -23.76
CA VAL E 167 42.95 -11.99 -24.09
C VAL E 167 42.09 -11.70 -22.86
N PHE E 168 41.82 -12.72 -22.04
CA PHE E 168 41.09 -12.52 -20.80
C PHE E 168 41.91 -11.72 -19.80
N ASP E 169 43.16 -12.10 -19.60
CA ASP E 169 44.00 -11.52 -18.57
C ASP E 169 44.65 -10.21 -19.02
N GLY E 170 44.34 -9.74 -20.23
CA GLY E 170 44.85 -8.48 -20.70
C GLY E 170 43.76 -7.49 -21.03
N TYR E 171 42.59 -7.98 -21.40
CA TYR E 171 41.47 -7.12 -21.73
C TYR E 171 40.27 -7.29 -20.83
N ILE E 172 39.77 -8.52 -20.65
CA ILE E 172 38.50 -8.71 -19.94
C ILE E 172 38.70 -8.53 -18.44
N ALA E 173 39.78 -9.07 -17.89
CA ALA E 173 40.06 -8.90 -16.47
C ALA E 173 40.43 -7.47 -16.05
N PRO E 174 41.18 -6.66 -16.84
CA PRO E 174 41.28 -5.23 -16.47
C PRO E 174 40.02 -4.44 -16.72
N ALA E 175 39.14 -4.88 -17.63
CA ALA E 175 37.92 -4.12 -17.88
C ALA E 175 36.92 -4.24 -16.76
N MET E 176 36.78 -5.43 -16.17
CA MET E 176 35.75 -5.63 -15.16
C MET E 176 36.14 -5.04 -13.81
N ARG E 177 37.42 -4.72 -13.61
CA ARG E 177 37.85 -3.94 -12.47
C ARG E 177 37.60 -2.46 -12.65
N PHE E 178 37.77 -1.94 -13.88
CA PHE E 178 37.30 -0.61 -14.20
C PHE E 178 35.78 -0.54 -14.16
N LEU E 179 35.10 -1.51 -14.77
CA LEU E 179 33.65 -1.51 -14.83
C LEU E 179 32.98 -1.90 -13.53
N GLY E 180 33.73 -2.23 -12.47
CA GLY E 180 33.12 -2.40 -11.18
C GLY E 180 32.86 -1.11 -10.46
N ASP E 181 33.74 -0.13 -10.63
CA ASP E 181 33.59 1.19 -10.04
C ASP E 181 32.71 2.13 -10.86
N THR E 182 32.76 2.07 -12.19
CA THR E 182 31.72 2.66 -13.02
C THR E 182 30.63 1.62 -13.23
N GLY E 183 29.59 1.97 -13.97
CA GLY E 183 28.40 1.15 -14.02
C GLY E 183 28.29 0.28 -15.26
N ILE E 184 27.39 -0.70 -15.18
CA ILE E 184 26.92 -1.43 -16.35
C ILE E 184 25.47 -1.04 -16.60
N GLY E 185 25.26 -0.11 -17.52
CA GLY E 185 23.93 0.35 -17.85
C GLY E 185 23.22 1.17 -16.79
N GLY E 186 22.12 1.81 -17.17
CA GLY E 186 21.25 2.53 -16.26
C GLY E 186 21.89 3.74 -15.60
N LYS E 187 21.14 4.29 -14.65
CA LYS E 187 21.61 5.46 -13.91
C LYS E 187 22.70 5.05 -12.94
N SER E 188 23.94 4.95 -13.41
CA SER E 188 25.04 4.57 -12.54
C SER E 188 25.48 5.70 -11.64
N THR E 189 25.04 6.93 -11.91
CA THR E 189 25.29 8.03 -11.01
C THR E 189 24.44 7.96 -9.76
N TRP E 190 23.38 7.15 -9.77
CA TRP E 190 22.63 6.78 -8.58
C TRP E 190 23.23 5.54 -7.93
N GLY E 191 24.37 5.07 -8.43
CA GLY E 191 25.02 3.91 -7.87
C GLY E 191 24.44 2.59 -8.30
N ALA E 192 23.89 2.51 -9.50
CA ALA E 192 23.12 1.32 -9.86
C ALA E 192 24.01 0.18 -10.33
N GLY E 193 24.69 0.34 -11.46
CA GLY E 193 25.33 -0.80 -12.09
C GLY E 193 26.69 -1.19 -11.53
N LEU E 194 26.88 -1.02 -10.23
CA LEU E 194 28.17 -1.23 -9.60
C LEU E 194 28.20 -2.61 -8.96
N PHE E 195 29.41 -3.16 -8.84
CA PHE E 195 29.55 -4.52 -8.34
C PHE E 195 30.98 -4.75 -7.86
N GLU E 196 31.20 -5.93 -7.29
CA GLU E 196 32.50 -6.49 -7.03
C GLU E 196 32.66 -7.73 -7.90
N VAL E 197 33.85 -7.96 -8.40
CA VAL E 197 34.07 -8.99 -9.43
C VAL E 197 34.93 -10.11 -8.87
N GLU E 198 34.55 -11.35 -9.18
CA GLU E 198 35.29 -12.55 -8.83
C GLU E 198 35.31 -13.49 -10.03
N PHE E 199 36.44 -14.15 -10.25
CA PHE E 199 36.62 -15.01 -11.40
C PHE E 199 36.65 -16.47 -10.95
N HIS E 200 35.90 -17.32 -11.63
CA HIS E 200 35.72 -18.70 -11.23
C HIS E 200 35.81 -19.58 -12.47
N GLU E 201 35.44 -20.85 -12.32
CA GLU E 201 35.59 -21.85 -13.36
C GLU E 201 34.31 -22.65 -13.48
N MET E 202 33.73 -22.70 -14.68
CA MET E 202 32.54 -23.48 -14.95
C MET E 202 32.83 -24.58 -15.95
N LYS E 203 32.34 -25.79 -15.67
CA LYS E 203 32.42 -26.91 -16.58
C LYS E 203 31.01 -27.31 -16.97
N ILE E 204 30.76 -27.48 -18.27
CA ILE E 204 29.44 -27.81 -18.80
C ILE E 204 29.54 -29.07 -19.64
N ASP E 205 28.76 -30.09 -19.28
CA ASP E 205 28.61 -31.28 -20.12
C ASP E 205 27.71 -30.95 -21.30
N ALA E 206 28.23 -31.09 -22.50
CA ALA E 206 27.45 -30.89 -23.72
C ALA E 206 27.68 -32.07 -24.65
N PRO E 207 26.62 -32.62 -25.24
CA PRO E 207 26.79 -33.72 -26.20
C PRO E 207 27.38 -33.23 -27.50
N GLY E 208 28.23 -34.05 -28.11
CA GLY E 208 28.76 -33.71 -29.42
C GLY E 208 27.71 -33.92 -30.48
N SER E 209 27.35 -32.84 -31.18
CA SER E 209 26.26 -32.89 -32.14
C SER E 209 26.52 -31.86 -33.23
N GLU E 210 25.54 -31.72 -34.14
CA GLU E 210 25.60 -30.74 -35.20
C GLU E 210 24.89 -29.45 -34.84
N TYR E 211 23.92 -29.50 -33.95
CA TYR E 211 23.17 -28.35 -33.52
C TYR E 211 23.73 -27.82 -32.21
N SER E 212 23.42 -26.56 -31.90
CA SER E 212 23.97 -25.93 -30.72
C SER E 212 23.07 -24.78 -30.28
N VAL E 213 23.00 -24.58 -28.97
CA VAL E 213 22.24 -23.46 -28.41
C VAL E 213 23.18 -22.29 -28.20
N THR E 214 22.64 -21.08 -28.39
CA THR E 214 23.40 -19.85 -28.16
C THR E 214 23.14 -19.40 -26.73
N LEU E 215 24.23 -19.05 -26.02
CA LEU E 215 24.12 -18.44 -24.71
C LEU E 215 24.28 -16.93 -24.75
N SER E 216 24.30 -16.34 -25.94
CA SER E 216 24.34 -14.90 -26.11
C SER E 216 23.35 -14.51 -27.19
N ASN E 217 23.21 -13.20 -27.41
CA ASN E 217 22.51 -12.73 -28.60
C ASN E 217 23.30 -13.12 -29.84
N ALA E 218 22.59 -13.33 -30.94
CA ALA E 218 23.17 -14.16 -31.99
C ALA E 218 23.54 -13.40 -33.25
N LEU E 219 22.67 -12.54 -33.78
CA LEU E 219 22.78 -11.94 -35.10
C LEU E 219 23.20 -12.93 -36.20
N PRO E 220 22.31 -13.83 -36.60
CA PRO E 220 22.73 -14.98 -37.39
C PRO E 220 23.02 -14.62 -38.84
N THR E 221 23.96 -15.37 -39.42
CA THR E 221 24.31 -15.19 -40.83
C THR E 221 23.36 -15.98 -41.73
N LYS E 222 22.89 -17.11 -41.24
CA LYS E 222 21.87 -17.90 -41.92
C LYS E 222 20.67 -18.09 -40.99
N THR E 223 19.58 -18.60 -41.55
CA THR E 223 18.36 -18.77 -40.76
C THR E 223 18.51 -19.94 -39.80
N PRO E 224 18.26 -19.75 -38.50
CA PRO E 224 18.47 -20.82 -37.53
C PRO E 224 17.35 -21.86 -37.52
N VAL E 225 17.42 -22.81 -36.59
CA VAL E 225 16.51 -23.94 -36.57
C VAL E 225 15.26 -23.56 -35.78
N LEU E 226 15.43 -23.30 -34.49
CA LEU E 226 14.36 -22.83 -33.62
C LEU E 226 14.88 -21.56 -32.95
N TRP E 227 14.04 -20.54 -32.85
CA TRP E 227 14.54 -19.26 -32.37
C TRP E 227 13.45 -18.49 -31.65
N ARG E 228 13.82 -17.33 -31.11
CA ARG E 228 12.87 -16.43 -30.46
C ARG E 228 13.40 -15.02 -30.70
N LEU E 229 12.56 -14.16 -31.25
CA LEU E 229 13.06 -12.87 -31.71
C LEU E 229 13.25 -11.89 -30.56
N LEU E 230 14.40 -11.23 -30.57
CA LEU E 230 14.75 -10.21 -29.60
C LEU E 230 15.08 -8.95 -30.38
N ARG E 231 14.41 -7.84 -30.05
CA ARG E 231 14.43 -6.64 -30.86
C ARG E 231 14.88 -5.47 -29.98
N LYS E 232 16.19 -5.23 -29.94
CA LYS E 232 16.74 -4.13 -29.16
C LYS E 232 17.73 -3.35 -30.01
N GLY E 233 17.82 -2.05 -29.72
CA GLY E 233 18.86 -1.22 -30.30
C GLY E 233 19.27 -0.16 -29.31
N GLY E 234 20.54 -0.15 -28.92
CA GLY E 234 20.93 0.64 -27.78
C GLY E 234 21.25 2.11 -28.02
N TRP E 235 22.30 2.59 -27.37
CA TRP E 235 22.70 3.99 -27.37
C TRP E 235 24.21 4.04 -27.28
N SER E 236 24.81 5.00 -28.00
CA SER E 236 26.27 5.08 -28.10
C SER E 236 26.69 6.54 -28.14
N PHE E 237 27.21 7.03 -27.01
CA PHE E 237 27.72 8.40 -26.84
C PHE E 237 26.66 9.46 -27.19
N GLY E 238 25.42 9.19 -26.80
CA GLY E 238 24.32 10.08 -27.13
C GLY E 238 23.59 9.73 -28.40
N ARG E 239 24.21 8.98 -29.30
CA ARG E 239 23.60 8.63 -30.58
C ARG E 239 22.75 7.38 -30.42
N ARG E 240 21.52 7.44 -30.89
CA ARG E 240 20.59 6.32 -30.82
C ARG E 240 20.99 5.27 -31.86
N LYS E 241 21.09 4.02 -31.43
CA LYS E 241 21.33 2.94 -32.36
C LYS E 241 20.00 2.50 -32.97
N PRO E 242 20.01 2.09 -34.24
CA PRO E 242 18.81 1.48 -34.82
C PRO E 242 18.58 0.10 -34.21
N ARG E 243 17.31 -0.25 -34.07
CA ARG E 243 16.97 -1.55 -33.53
C ARG E 243 17.35 -2.65 -34.51
N MET E 244 17.83 -3.76 -33.97
CA MET E 244 18.33 -4.88 -34.75
C MET E 244 17.57 -6.12 -34.30
N THR E 245 17.53 -7.13 -35.16
CA THR E 245 16.86 -8.37 -34.80
C THR E 245 17.92 -9.35 -34.34
N PHE E 246 18.08 -9.45 -33.02
CA PHE E 246 18.94 -10.45 -32.43
C PHE E 246 18.17 -11.76 -32.31
N ILE E 247 18.77 -12.72 -31.61
CA ILE E 247 18.04 -13.98 -31.23
C ILE E 247 18.27 -14.22 -29.73
N ALA E 248 17.20 -14.38 -28.95
CA ALA E 248 17.31 -14.57 -27.51
C ALA E 248 18.20 -15.77 -27.20
N GLU E 249 18.64 -15.82 -25.95
CA GLU E 249 19.50 -16.88 -25.47
C GLU E 249 18.73 -18.20 -25.39
N GLY E 250 19.37 -19.28 -25.83
CA GLY E 250 18.75 -20.58 -25.81
C GLY E 250 18.23 -21.07 -27.14
N SER E 251 18.41 -20.31 -28.22
CA SER E 251 17.94 -20.71 -29.53
C SER E 251 18.99 -21.54 -30.26
N ILE E 252 18.51 -22.34 -31.21
CA ILE E 252 19.29 -23.42 -31.80
C ILE E 252 19.76 -23.00 -33.19
N VAL E 253 21.08 -23.03 -33.40
CA VAL E 253 21.70 -22.79 -34.69
C VAL E 253 22.44 -24.05 -35.11
N LYS E 254 22.87 -24.07 -36.37
CA LYS E 254 23.65 -25.18 -36.92
C LYS E 254 24.80 -24.61 -37.75
N ASN E 255 26.02 -24.73 -37.21
CA ASN E 255 27.26 -24.28 -37.85
C ASN E 255 27.19 -22.78 -38.22
N ASP E 256 26.65 -22.00 -37.28
CA ASP E 256 26.43 -20.59 -37.51
C ASP E 256 27.28 -19.79 -36.52
N PRO E 257 28.22 -18.98 -37.01
CA PRO E 257 29.10 -18.26 -36.08
C PRO E 257 28.56 -16.91 -35.64
N GLY E 258 27.51 -16.43 -36.27
CA GLY E 258 27.03 -15.09 -36.04
C GLY E 258 28.00 -14.07 -36.62
N GLY E 259 28.02 -12.87 -36.04
CA GLY E 259 29.01 -11.89 -36.45
C GLY E 259 28.75 -10.51 -35.90
N MET E 260 29.81 -9.82 -35.50
CA MET E 260 29.69 -8.43 -35.09
C MET E 260 29.51 -7.53 -36.31
N GLU E 261 28.60 -6.58 -36.18
CA GLU E 261 28.29 -5.63 -37.24
C GLU E 261 28.74 -4.23 -36.83
N ARG E 262 29.54 -3.60 -37.68
CA ARG E 262 29.99 -2.24 -37.44
C ARG E 262 28.92 -1.24 -37.88
N LEU E 263 28.76 -0.19 -37.10
CA LEU E 263 27.84 0.89 -37.39
C LEU E 263 28.62 2.18 -37.61
N GLU E 264 27.98 3.14 -38.26
CA GLU E 264 28.64 4.41 -38.57
C GLU E 264 28.35 5.47 -37.52
N LEU E 265 27.08 5.92 -37.41
CA LEU E 265 26.53 6.74 -36.32
C LEU E 265 27.12 8.14 -36.22
N GLY E 266 28.08 8.51 -37.07
CA GLY E 266 28.59 9.87 -37.07
C GLY E 266 29.49 10.21 -35.91
N LEU E 267 30.30 9.28 -35.43
CA LEU E 267 31.24 9.54 -34.37
C LEU E 267 32.66 9.59 -34.92
N SER E 268 33.63 9.77 -34.03
CA SER E 268 35.03 9.77 -34.44
C SER E 268 35.52 8.37 -34.78
N HIS E 269 34.83 7.35 -34.28
CA HIS E 269 35.21 5.97 -34.48
C HIS E 269 34.03 5.15 -34.98
N GLU E 270 34.32 3.90 -35.36
CA GLU E 270 33.28 2.96 -35.74
C GLU E 270 32.75 2.24 -34.51
N VAL E 271 31.44 2.01 -34.50
CA VAL E 271 30.76 1.38 -33.37
C VAL E 271 30.43 -0.05 -33.77
N TYR E 272 30.91 -1.00 -32.96
CA TYR E 272 30.60 -2.41 -33.19
C TYR E 272 29.48 -2.87 -32.27
N VAL E 273 28.53 -3.60 -32.83
CA VAL E 273 27.47 -4.24 -32.07
C VAL E 273 27.79 -5.73 -31.99
N TYR E 274 27.80 -6.26 -30.78
CA TYR E 274 28.22 -7.64 -30.57
C TYR E 274 27.16 -8.61 -31.06
N GLY E 275 27.55 -9.47 -31.98
CA GLY E 275 26.66 -10.43 -32.58
C GLY E 275 27.28 -11.79 -32.73
N LEU E 276 28.07 -12.22 -31.77
CA LEU E 276 28.69 -13.54 -31.88
C LEU E 276 27.90 -14.57 -31.10
N THR E 277 28.02 -15.82 -31.52
CA THR E 277 27.31 -16.93 -30.92
C THR E 277 28.14 -17.55 -29.81
N PHE E 278 27.48 -18.23 -28.89
CA PHE E 278 28.16 -18.92 -27.80
C PHE E 278 27.65 -20.35 -27.81
N PRO E 279 28.22 -21.22 -28.65
CA PRO E 279 27.60 -22.52 -28.92
C PRO E 279 27.88 -23.57 -27.84
N LEU E 280 26.82 -24.21 -27.37
CA LEU E 280 26.88 -25.42 -26.56
C LEU E 280 25.99 -26.47 -27.22
N GLY E 281 26.53 -27.67 -27.38
CA GLY E 281 25.87 -28.68 -28.19
C GLY E 281 24.56 -29.18 -27.61
N VAL E 282 23.57 -29.34 -28.47
CA VAL E 282 22.21 -29.68 -28.07
C VAL E 282 21.74 -30.86 -28.91
N GLU E 283 20.72 -31.55 -28.44
CA GLU E 283 20.09 -32.68 -29.12
C GLU E 283 18.68 -32.27 -29.53
N LEU E 284 18.34 -32.52 -30.79
CA LEU E 284 17.04 -32.12 -31.33
C LEU E 284 16.14 -33.33 -31.61
N PRO E 285 14.82 -33.11 -31.59
CA PRO E 285 13.89 -34.08 -32.18
C PRO E 285 13.88 -34.05 -33.69
N GLU E 286 12.90 -34.73 -34.30
CA GLU E 286 12.75 -34.78 -35.75
C GLU E 286 12.12 -33.52 -36.36
N GLY E 287 12.60 -32.34 -35.95
CA GLY E 287 12.08 -31.08 -36.44
C GLY E 287 12.14 -29.97 -35.41
N MET H 1 -4.40 39.18 37.48
CA MET H 1 -3.00 39.30 37.90
C MET H 1 -2.24 38.00 37.62
N THR H 2 -0.99 37.96 38.08
CA THR H 2 -0.20 36.75 38.05
C THR H 2 0.53 36.60 39.37
N GLU H 3 0.85 35.35 39.72
CA GLU H 3 1.56 34.96 40.94
C GLU H 3 0.79 35.43 42.18
N ARG H 4 -0.42 34.91 42.33
CA ARG H 4 -1.26 35.21 43.49
C ARG H 4 -0.98 34.17 44.56
N THR H 5 -0.34 34.59 45.64
CA THR H 5 0.08 33.66 46.67
C THR H 5 -1.11 33.23 47.53
N LEU H 6 -1.03 32.00 48.05
CA LEU H 6 -2.05 31.45 48.91
C LEU H 6 -1.46 31.10 50.27
N LYS H 7 -2.27 31.28 51.30
CA LYS H 7 -1.95 30.76 52.62
C LYS H 7 -3.01 29.72 52.98
N VAL H 8 -2.65 28.81 53.87
CA VAL H 8 -3.49 27.69 54.23
C VAL H 8 -4.01 27.93 55.64
N LEU H 9 -5.31 27.75 55.85
CA LEU H 9 -5.93 28.02 57.14
C LEU H 9 -6.49 26.77 57.81
N SER H 10 -6.02 25.59 57.45
CA SER H 10 -6.57 24.32 57.92
C SER H 10 -5.54 23.24 57.65
N PRO H 11 -5.80 22.00 58.07
CA PRO H 11 -5.11 20.88 57.42
C PRO H 11 -5.56 20.76 55.98
N LEU H 12 -4.63 20.40 55.10
CA LEU H 12 -4.89 20.37 53.67
C LEU H 12 -4.21 19.14 53.09
N HIS H 13 -5.01 18.24 52.50
CA HIS H 13 -4.50 16.99 51.96
C HIS H 13 -4.98 16.82 50.52
N ILE H 14 -4.03 16.79 49.59
CA ILE H 14 -4.27 16.39 48.21
C ILE H 14 -3.70 14.99 48.07
N GLY H 15 -4.58 14.00 47.95
CA GLY H 15 -4.13 12.63 47.95
C GLY H 15 -3.53 12.19 46.63
N THR H 16 -2.99 10.98 46.63
CA THR H 16 -2.53 10.32 45.41
C THR H 16 -2.98 8.88 45.33
N GLY H 17 -3.83 8.43 46.26
CA GLY H 17 -4.28 7.06 46.28
C GLY H 17 -3.20 6.09 46.71
N ASN H 18 -2.51 6.41 47.80
CA ASN H 18 -1.39 5.61 48.26
C ASN H 18 -1.23 5.82 49.76
N GLU H 19 -1.13 4.72 50.50
CA GLU H 19 -1.05 4.75 51.94
C GLU H 19 0.31 4.26 52.42
N LEU H 20 0.77 4.82 53.52
CA LEU H 20 1.99 4.37 54.18
C LEU H 20 1.69 3.13 55.00
N THR H 21 2.10 1.97 54.48
CA THR H 21 2.01 0.72 55.20
C THR H 21 2.95 0.74 56.41
N PRO H 22 2.69 -0.10 57.43
CA PRO H 22 3.60 -0.15 58.60
C PRO H 22 5.00 -0.67 58.29
N VAL H 23 5.24 -1.31 57.14
CA VAL H 23 6.60 -1.68 56.77
C VAL H 23 7.40 -0.48 56.30
N ASP H 24 6.74 0.63 55.98
CA ASP H 24 7.40 1.88 55.60
C ASP H 24 7.59 2.84 56.77
N ILE H 25 7.01 2.54 57.93
CA ILE H 25 6.94 3.47 59.05
C ILE H 25 7.66 2.83 60.24
N TYR H 26 8.48 3.64 60.95
CA TYR H 26 8.86 3.27 62.30
C TYR H 26 8.97 4.53 63.16
N PRO H 27 7.97 4.82 63.99
CA PRO H 27 8.04 6.01 64.86
C PRO H 27 8.98 5.84 66.03
N ARG H 28 10.11 6.55 66.00
CA ARG H 28 11.04 6.51 67.12
C ARG H 28 10.52 7.33 68.30
N GLU H 29 9.82 8.42 68.02
CA GLU H 29 9.40 9.40 69.03
C GLU H 29 7.99 9.83 68.67
N ASN H 30 7.57 10.99 69.21
CA ASN H 30 6.40 11.69 68.68
C ASN H 30 6.55 11.99 67.19
N ILE H 31 7.76 12.27 66.73
CA ILE H 31 8.05 12.32 65.31
C ILE H 31 7.91 10.90 64.73
N ILE H 32 7.37 10.81 63.52
CA ILE H 32 7.31 9.51 62.84
C ILE H 32 8.28 9.59 61.67
N HIS H 33 8.57 8.45 61.05
CA HIS H 33 9.61 8.43 60.04
C HIS H 33 9.18 7.57 58.85
N VAL H 34 9.66 7.97 57.67
CA VAL H 34 9.46 7.21 56.43
C VAL H 34 10.78 6.54 56.13
N LEU H 35 10.79 5.22 56.08
CA LEU H 35 12.04 4.50 55.95
C LEU H 35 12.50 4.47 54.49
N ASP H 36 13.82 4.37 54.31
CA ASP H 36 14.41 4.19 52.99
C ASP H 36 14.41 2.70 52.69
N THR H 37 13.23 2.19 52.33
CA THR H 37 13.01 0.75 52.25
C THR H 37 13.74 0.12 51.06
N GLU H 38 14.10 0.93 50.07
CA GLU H 38 14.97 0.46 49.00
C GLU H 38 16.44 0.49 49.40
N ARG H 39 16.80 1.33 50.39
CA ARG H 39 18.15 1.37 50.93
C ARG H 39 18.30 0.50 52.16
N UNK H 40 17.26 0.41 52.99
CA UNK H 40 17.30 -0.48 54.15
C UNK H 40 17.27 -1.96 53.77
N UNK H 41 16.85 -2.27 52.53
CA UNK H 41 17.07 -3.61 52.00
C UNK H 41 18.43 -3.73 51.34
N UNK H 42 19.01 -2.60 50.91
CA UNK H 42 20.32 -2.60 50.27
C UNK H 42 21.47 -2.40 51.26
N UNK H 43 21.24 -1.66 52.35
CA UNK H 43 22.28 -1.55 53.37
C UNK H 43 22.34 -2.79 54.25
N UNK H 44 21.23 -3.52 54.36
CA UNK H 44 21.22 -4.81 55.03
C UNK H 44 21.78 -5.93 54.15
N UNK H 45 22.00 -5.67 52.86
CA UNK H 45 22.63 -6.65 51.99
C UNK H 45 24.13 -6.79 52.25
N UNK H 46 24.72 -5.85 52.98
CA UNK H 46 26.13 -5.98 53.37
C UNK H 46 26.33 -7.11 54.36
N UNK H 47 25.36 -7.34 55.26
CA UNK H 47 25.44 -8.40 56.25
C UNK H 47 24.42 -9.50 56.02
N UNK H 48 23.58 -9.37 54.99
CA UNK H 48 22.53 -10.32 54.60
C UNK H 48 21.57 -10.66 55.75
N UNK H 49 19.01 -11.28 52.55
CA UNK H 49 18.52 -12.59 52.13
C UNK H 49 17.06 -12.52 51.68
N UNK H 50 16.29 -13.54 52.00
CA UNK H 50 14.88 -13.60 51.65
C UNK H 50 13.96 -13.39 52.84
N UNK H 51 14.51 -13.06 54.01
CA UNK H 51 13.68 -12.83 55.20
C UNK H 51 12.86 -11.55 55.08
N UNK H 52 13.35 -10.56 54.34
CA UNK H 52 12.57 -9.37 54.06
C UNK H 52 11.38 -9.68 53.16
N UNK H 53 11.55 -10.63 52.23
CA UNK H 53 10.45 -11.07 51.39
C UNK H 53 9.53 -12.05 52.12
N UNK H 54 9.92 -12.50 53.31
CA UNK H 54 9.07 -13.36 54.13
C UNK H 54 8.35 -12.58 55.21
N UNK H 55 9.02 -11.59 55.82
CA UNK H 55 8.40 -10.82 56.89
C UNK H 55 7.36 -9.85 56.35
N UNK H 56 7.47 -9.47 55.07
CA UNK H 56 6.49 -8.56 54.50
C UNK H 56 5.17 -9.27 54.21
N UNK H 57 5.22 -10.45 53.59
CA UNK H 57 3.99 -11.19 53.29
C UNK H 57 3.39 -11.82 54.55
N UNK H 58 4.17 -11.98 55.61
CA UNK H 58 3.62 -12.46 56.88
C UNK H 58 2.72 -11.41 57.53
N UNK H 59 3.26 -10.20 57.71
CA UNK H 59 2.58 -9.03 58.28
C UNK H 59 2.03 -9.33 59.69
N UNK H 60 2.90 -9.93 60.48
CA UNK H 60 2.57 -10.25 61.87
C UNK H 60 2.90 -9.04 62.75
N UNK H 61 2.85 -9.24 64.06
CA UNK H 61 3.16 -8.17 65.01
C UNK H 61 4.67 -7.99 65.15
N UNK H 62 5.36 -4.01 60.90
CA UNK H 62 4.46 -3.55 61.94
C UNK H 62 5.23 -3.23 63.23
N UNK H 63 4.86 -3.90 64.31
CA UNK H 63 5.51 -3.65 65.61
C UNK H 63 6.92 -4.24 65.63
N UNK H 64 7.04 -5.54 65.36
CA UNK H 64 8.35 -6.18 65.40
C UNK H 64 9.05 -6.14 64.05
N UNK H 65 8.28 -6.07 62.95
CA UNK H 65 8.88 -6.04 61.62
C UNK H 65 9.53 -4.71 61.29
N UNK H 66 9.30 -3.67 62.09
CA UNK H 66 9.99 -2.39 61.93
C UNK H 66 10.96 -2.08 63.05
N UNK H 67 10.92 -2.83 64.16
CA UNK H 67 11.82 -2.62 65.27
C UNK H 67 12.97 -3.60 65.32
N UNK H 68 12.95 -4.63 64.47
CA UNK H 68 14.05 -5.59 64.42
C UNK H 68 15.26 -5.08 63.65
N UNK H 69 15.14 -3.92 63.00
CA UNK H 69 16.28 -3.32 62.32
C UNK H 69 17.12 -2.44 63.24
N UNK H 70 16.73 -2.32 64.52
CA UNK H 70 17.48 -1.48 65.45
C UNK H 70 18.83 -2.11 65.81
N UNK H 71 18.95 -3.43 65.70
CA UNK H 71 20.24 -4.09 65.91
C UNK H 71 21.11 -3.89 64.68
N UNK H 72 22.31 -3.34 64.88
CA UNK H 72 23.36 -3.16 63.87
C UNK H 72 22.96 -2.24 62.72
N UNK H 73 21.91 -1.44 62.90
CA UNK H 73 21.47 -0.48 61.89
C UNK H 73 20.66 0.61 62.57
N UNK H 74 20.83 1.84 62.10
CA UNK H 74 20.16 3.00 62.66
C UNK H 74 20.19 4.13 61.65
N UNK H 75 19.24 5.06 61.80
CA UNK H 75 19.18 6.37 61.13
C UNK H 75 19.13 6.22 59.60
N UNK H 76 18.02 5.65 59.13
CA UNK H 76 17.73 5.54 57.70
C UNK H 76 16.29 6.04 57.48
N UNK H 77 16.14 7.34 57.29
CA UNK H 77 14.83 7.97 57.15
C UNK H 77 14.78 8.80 55.87
N UNK H 78 13.57 9.06 55.39
CA UNK H 78 13.36 9.81 54.15
C UNK H 78 12.82 11.22 54.40
N UNK H 79 11.71 11.34 55.11
CA UNK H 79 11.00 12.61 55.21
C UNK H 79 10.78 13.09 56.63
N UNK H 80 10.51 12.18 57.56
CA UNK H 80 10.34 12.44 59.01
C UNK H 80 9.21 13.43 59.28
N UNK H 81 8.00 13.01 58.90
CA UNK H 81 6.81 13.80 59.17
C UNK H 81 6.46 13.75 60.66
N UNK H 82 5.66 14.71 61.11
CA UNK H 82 5.29 14.83 62.51
C UNK H 82 3.87 14.33 62.72
N UNK H 83 3.60 13.83 63.93
CA UNK H 83 2.31 13.19 64.21
C UNK H 83 1.29 14.20 64.73
N UNK H 84 1.73 15.19 65.50
CA UNK H 84 0.98 16.40 65.87
C UNK H 84 -0.37 16.12 66.56
N UNK H 85 -0.51 14.95 67.18
CA UNK H 85 -1.80 14.54 67.74
C UNK H 85 -1.57 13.50 68.81
N UNK H 86 -2.67 13.01 69.39
CA UNK H 86 -2.62 12.00 70.44
C UNK H 86 -2.81 10.61 69.83
N UNK H 87 -1.84 10.23 69.01
CA UNK H 87 -1.85 8.93 68.35
C UNK H 87 -0.43 8.55 67.97
N UNK H 88 -0.26 7.26 67.64
CA UNK H 88 1.02 6.65 67.24
C UNK H 88 2.16 6.87 68.23
N ARG H 89 1.09 -2.00 68.00
CA ARG H 89 0.18 -0.87 68.16
C ARG H 89 0.32 0.13 67.02
N LYS H 90 1.09 -0.25 65.99
CA LYS H 90 1.29 0.60 64.81
C LYS H 90 -0.03 0.78 64.06
N SER H 91 -0.53 -0.32 63.49
CA SER H 91 -1.88 -0.54 62.95
C SER H 91 -2.52 0.63 62.20
N MET H 92 -1.80 1.23 61.25
CA MET H 92 -2.31 2.42 60.58
C MET H 92 -1.84 2.47 59.14
N GLN H 93 -2.61 3.19 58.32
CA GLN H 93 -2.31 3.40 56.90
C GLN H 93 -2.34 4.90 56.65
N ILE H 94 -1.18 5.55 56.74
CA ILE H 94 -1.12 6.99 56.55
C ILE H 94 -1.20 7.30 55.05
N LYS H 95 -2.29 7.94 54.63
CA LYS H 95 -2.42 8.39 53.26
C LYS H 95 -1.44 9.51 52.98
N GLU H 96 -0.73 9.43 51.87
CA GLU H 96 0.35 10.38 51.59
C GLU H 96 -0.10 11.51 50.67
N PHE H 97 0.57 12.65 50.82
CA PHE H 97 0.35 13.85 50.06
C PHE H 97 1.12 13.77 48.74
N ILE H 98 0.62 14.48 47.73
CA ILE H 98 1.23 14.39 46.40
C ILE H 98 2.52 15.20 46.36
N LYS H 99 3.59 14.57 45.89
CA LYS H 99 4.93 15.15 45.92
C LYS H 99 5.60 14.92 44.58
N LEU H 100 6.47 15.85 44.19
CA LEU H 100 7.19 15.70 42.92
C LEU H 100 8.55 15.04 43.12
N ASN H 101 9.31 15.45 44.13
CA ASN H 101 10.59 14.82 44.45
C ASN H 101 10.72 14.74 45.97
N GLY H 102 9.62 14.35 46.62
CA GLY H 102 9.56 14.42 48.06
C GLY H 102 9.13 15.76 48.61
N ARG H 103 9.02 16.78 47.75
CA ARG H 103 8.58 18.11 48.16
C ARG H 103 7.08 18.22 47.93
N PRO H 104 6.30 18.61 48.95
CA PRO H 104 4.86 18.75 48.77
C PRO H 104 4.54 19.98 47.92
N TYR H 105 3.72 19.79 46.88
CA TYR H 105 3.22 20.89 46.09
C TYR H 105 1.72 20.71 45.89
N ILE H 106 1.04 21.81 45.60
CA ILE H 106 -0.38 21.80 45.30
C ILE H 106 -0.54 21.71 43.79
N PRO H 107 -1.15 20.64 43.26
CA PRO H 107 -1.31 20.55 41.80
C PRO H 107 -2.33 21.53 41.28
N GLY H 108 -2.10 22.01 40.06
CA GLY H 108 -3.00 22.98 39.46
C GLY H 108 -4.35 22.42 39.06
N SER H 109 -4.40 21.14 38.68
CA SER H 109 -5.68 20.53 38.32
C SER H 109 -6.58 20.33 39.52
N SER H 110 -6.00 20.26 40.73
CA SER H 110 -6.79 20.26 41.95
C SER H 110 -7.41 21.62 42.24
N LEU H 111 -6.78 22.69 41.76
CA LEU H 111 -7.24 24.04 42.01
C LEU H 111 -8.23 24.52 40.96
N LYS H 112 -8.12 24.04 39.72
CA LYS H 112 -9.07 24.41 38.68
C LYS H 112 -10.41 23.74 38.90
N GLY H 113 -10.41 22.54 39.48
CA GLY H 113 -11.64 21.87 39.81
C GLY H 113 -12.38 22.43 41.00
N ALA H 114 -11.67 23.11 41.90
CA ALA H 114 -12.34 23.81 43.00
C ALA H 114 -13.03 25.08 42.53
N ILE H 115 -12.45 25.77 41.54
CA ILE H 115 -13.08 26.96 41.00
C ILE H 115 -14.25 26.58 40.09
N ARG H 116 -14.10 25.50 39.32
CA ARG H 116 -15.13 25.08 38.35
C ARG H 116 -16.43 24.69 39.04
N THR H 117 -16.36 24.19 40.28
CA THR H 117 -17.59 23.97 41.05
C THR H 117 -18.21 25.30 41.47
N ALA H 118 -17.37 26.28 41.85
CA ALA H 118 -17.88 27.57 42.29
C ALA H 118 -18.46 28.37 41.13
N VAL H 119 -17.87 28.25 39.95
CA VAL H 119 -18.39 28.95 38.78
C VAL H 119 -19.69 28.29 38.29
N LEU H 120 -19.78 26.96 38.40
CA LEU H 120 -21.00 26.26 38.03
C LEU H 120 -22.17 26.61 38.95
N TYR H 121 -21.89 26.93 40.22
CA TYR H 121 -22.96 27.29 41.13
C TYR H 121 -23.48 28.69 40.87
N LYS H 122 -22.58 29.63 40.54
CA LYS H 122 -23.01 30.98 40.18
C LYS H 122 -23.69 31.00 38.82
N ALA H 123 -23.39 30.03 37.95
CA ALA H 123 -24.10 29.91 36.68
C ALA H 123 -25.45 29.21 36.84
N LEU H 124 -25.73 28.69 38.03
CA LEU H 124 -27.06 28.18 38.35
C LEU H 124 -27.83 29.10 39.29
N LYS H 125 -27.18 30.15 39.81
CA LYS H 125 -27.90 31.17 40.56
C LYS H 125 -28.46 32.23 39.63
N GLU H 126 -27.69 32.60 38.60
CA GLU H 126 -28.10 33.69 37.72
C GLU H 126 -29.13 33.23 36.70
N CYS H 127 -29.01 32.00 36.22
CA CYS H 127 -29.95 31.48 35.22
C CYS H 127 -30.35 30.05 35.55
N UNK H 128 -35.68 29.73 34.73
CA UNK H 128 -35.86 28.78 33.63
C UNK H 128 -36.15 29.52 32.33
N UNK H 129 -36.22 30.85 32.40
CA UNK H 129 -36.47 31.66 31.21
C UNK H 129 -35.24 31.76 30.33
N UNK H 130 -34.05 31.91 30.93
CA UNK H 130 -32.81 31.97 30.17
C UNK H 130 -32.13 30.62 30.02
N UNK H 131 -32.51 29.63 30.83
CA UNK H 131 -31.99 28.28 30.68
C UNK H 131 -32.48 27.62 29.41
N UNK H 132 -33.68 27.97 28.93
CA UNK H 132 -34.17 27.45 27.67
C UNK H 132 -33.71 28.29 26.48
N UNK H 133 -33.12 29.46 26.75
CA UNK H 133 -32.67 30.34 25.67
C UNK H 133 -31.46 29.77 24.93
N UNK H 134 -30.52 29.15 25.65
CA UNK H 134 -29.43 28.46 24.99
C UNK H 134 -29.91 27.15 24.38
N UNK H 135 -30.80 26.45 25.07
CA UNK H 135 -31.34 25.18 24.61
C UNK H 135 -32.42 25.33 23.54
N UNK H 136 -32.68 26.55 23.06
CA UNK H 136 -33.57 26.73 21.92
C UNK H 136 -32.83 26.60 20.59
N UNK H 137 -38.28 23.10 25.68
CA UNK H 137 -39.60 22.93 26.27
C UNK H 137 -39.54 22.17 27.58
N UNK H 138 -38.79 21.06 27.61
CA UNK H 138 -38.74 20.20 28.80
C UNK H 138 -37.98 20.85 29.95
N UNK H 139 -37.07 21.78 29.65
CA UNK H 139 -36.39 22.53 30.69
C UNK H 139 -37.16 23.76 31.13
N UNK H 140 -38.30 24.05 30.50
CA UNK H 140 -39.15 25.18 30.88
C UNK H 140 -40.50 24.74 31.40
N UNK H 141 -41.01 23.60 30.95
CA UNK H 141 -42.34 23.13 31.35
C UNK H 141 -42.40 22.71 32.82
N UNK H 142 -41.30 22.20 33.38
CA UNK H 142 -41.23 21.92 34.80
C UNK H 142 -40.57 23.04 35.59
N UNK H 143 -39.73 23.84 34.92
CA UNK H 143 -39.03 25.02 35.47
C UNK H 143 -38.22 24.72 36.72
N UNK H 144 -33.14 28.26 35.76
CA UNK H 144 -33.61 27.37 36.82
C UNK H 144 -34.07 26.04 36.24
N UNK H 145 -33.13 25.24 35.76
CA UNK H 145 -33.42 23.93 35.20
C UNK H 145 -33.19 22.79 36.18
N UNK H 146 -32.84 23.10 37.43
CA UNK H 146 -32.60 22.06 38.42
C UNK H 146 -33.90 21.42 38.90
N UNK H 147 -35.00 22.19 38.92
CA UNK H 147 -36.29 21.61 39.28
C UNK H 147 -36.82 20.67 38.21
N UNK H 148 -36.44 20.89 36.95
CA UNK H 148 -36.75 19.92 35.91
C UNK H 148 -35.75 18.76 35.92
N UNK H 149 -34.56 19.00 36.47
CA UNK H 149 -33.54 17.96 36.55
C UNK H 149 -33.87 16.91 37.59
N UNK H 150 -34.68 17.24 38.59
CA UNK H 150 -35.07 16.26 39.60
C UNK H 150 -36.05 15.25 39.03
N UNK H 151 -36.74 15.60 37.95
CA UNK H 151 -37.55 14.66 37.19
C UNK H 151 -36.79 14.02 36.04
N UNK H 152 -35.68 14.63 35.60
CA UNK H 152 -34.88 14.04 34.54
C UNK H 152 -34.03 12.88 35.06
N UNK H 153 -33.43 13.06 36.24
CA UNK H 153 -32.57 12.01 36.79
C UNK H 153 -33.38 10.92 37.49
N UNK H 154 -34.40 11.30 38.25
CA UNK H 154 -35.22 10.33 38.97
C UNK H 154 -36.44 9.94 38.15
N UNK H 155 -17.93 6.41 35.64
CA UNK H 155 -19.04 5.55 36.02
C UNK H 155 -20.37 6.31 35.99
N UNK H 156 -20.71 6.94 37.12
CA UNK H 156 -21.95 7.71 37.21
C UNK H 156 -21.79 9.02 36.44
N UNK H 157 -22.58 9.17 35.38
CA UNK H 157 -22.56 10.35 34.52
C UNK H 157 -23.76 11.26 34.77
N UNK H 158 -24.12 11.45 36.05
CA UNK H 158 -25.32 12.22 36.39
C UNK H 158 -25.13 13.71 36.11
N UNK H 159 -23.88 14.17 36.04
CA UNK H 159 -23.59 15.55 35.68
C UNK H 159 -23.21 15.71 34.21
N UNK H 160 -23.72 14.84 33.33
CA UNK H 160 -23.41 14.95 31.91
C UNK H 160 -24.13 16.13 31.28
N UNK H 161 -25.47 16.13 31.31
CA UNK H 161 -26.23 17.19 30.67
C UNK H 161 -26.23 18.48 31.50
N UNK H 162 -25.87 18.39 32.78
CA UNK H 162 -25.77 19.58 33.61
C UNK H 162 -24.58 20.43 33.22
N UNK H 163 -23.45 19.80 32.89
CA UNK H 163 -22.31 20.52 32.36
C UNK H 163 -22.43 20.75 30.86
N UNK H 164 -23.32 20.00 30.20
CA UNK H 164 -23.58 20.22 28.77
C UNK H 164 -24.61 21.30 28.52
N UNK H 165 -25.28 21.81 29.55
CA UNK H 165 -26.15 22.95 29.41
C UNK H 165 -25.49 24.24 29.87
N UNK H 166 -24.70 24.18 30.93
CA UNK H 166 -24.03 25.36 31.44
C UNK H 166 -22.80 25.73 30.63
N UNK H 167 -22.19 24.79 29.91
CA UNK H 167 -20.93 25.08 29.25
C UNK H 167 -20.93 24.79 27.75
N UNK H 168 -21.53 23.70 27.30
CA UNK H 168 -21.18 23.16 25.98
C UNK H 168 -22.39 22.50 25.33
N UNK H 169 -23.04 23.22 24.41
CA UNK H 169 -24.17 22.68 23.68
C UNK H 169 -23.70 22.09 22.35
N UNK H 170 -23.66 20.77 22.27
CA UNK H 170 -23.25 20.07 21.06
C UNK H 170 -24.43 19.90 20.11
N UNK H 171 -24.20 19.14 19.04
CA UNK H 171 -25.25 18.92 18.05
C UNK H 171 -26.27 17.89 18.53
N ILE H 172 -28.63 16.41 24.55
CA ILE H 172 -27.41 17.17 24.33
C ILE H 172 -26.26 16.48 25.05
N ARG H 173 -25.06 16.65 24.51
CA ARG H 173 -23.85 16.10 25.11
C ARG H 173 -22.83 17.22 25.25
N TYR H 174 -21.77 16.94 26.00
CA TYR H 174 -20.73 17.91 26.29
C TYR H 174 -19.71 17.94 25.16
N GLU H 175 -19.15 19.12 24.90
CA GLU H 175 -17.98 19.27 24.04
C GLU H 175 -16.87 19.98 24.80
N PRO H 176 -15.66 19.43 24.84
CA PRO H 176 -14.52 20.17 25.40
C PRO H 176 -14.16 21.44 24.64
N LYS H 177 -14.52 21.54 23.37
CA LYS H 177 -14.09 22.65 22.53
C LYS H 177 -14.95 23.90 22.71
N ARG H 178 -16.14 23.78 23.30
CA ARG H 178 -17.03 24.92 23.53
C ARG H 178 -17.08 25.11 25.04
N ASP H 179 -16.10 25.84 25.58
CA ASP H 179 -16.04 25.99 27.02
C ASP H 179 -15.26 27.26 27.36
N PRO H 180 -15.83 28.18 28.14
CA PRO H 180 -15.02 29.32 28.62
C PRO H 180 -13.94 28.92 29.62
N MET H 181 -13.98 27.71 30.15
CA MET H 181 -12.97 27.23 31.08
C MET H 181 -11.71 26.74 30.39
N LYS H 182 -11.67 26.71 29.05
CA LYS H 182 -10.46 26.32 28.35
C LYS H 182 -9.43 27.45 28.28
N ALA H 183 -9.80 28.66 28.70
CA ALA H 183 -8.89 29.78 28.72
C ALA H 183 -8.56 30.25 30.12
N LEU H 184 -9.11 29.60 31.15
CA LEU H 184 -8.65 29.81 32.51
C LEU H 184 -7.46 28.87 32.72
N ILE H 185 -6.31 29.43 33.05
CA ILE H 185 -5.06 28.69 33.09
C ILE H 185 -4.50 28.78 34.51
N VAL H 186 -4.47 27.64 35.18
CA VAL H 186 -3.81 27.52 36.47
C VAL H 186 -2.60 26.62 36.29
N ARG H 187 -1.67 26.70 37.23
CA ARG H 187 -0.40 26.00 37.15
C ARG H 187 -0.04 25.43 38.52
N ASP H 188 0.84 24.44 38.51
CA ASP H 188 1.23 23.79 39.74
C ASP H 188 2.07 24.74 40.59
N SER H 189 1.72 24.84 41.87
CA SER H 189 2.33 25.82 42.75
C SER H 189 3.78 25.43 43.09
N LYS H 190 4.49 26.37 43.68
CA LYS H 190 5.84 26.12 44.16
C LYS H 190 5.80 25.14 45.33
N PRO H 191 6.85 24.35 45.52
CA PRO H 191 6.85 23.36 46.62
C PRO H 191 6.79 24.00 48.00
N VAL H 192 6.11 23.31 48.91
CA VAL H 192 5.82 23.87 50.23
C VAL H 192 7.03 23.77 51.15
N GLY H 193 7.49 22.56 51.38
CA GLY H 193 8.60 22.31 52.29
C GLY H 193 8.25 21.22 53.28
N ARG H 194 9.29 20.58 53.82
CA ARG H 194 9.09 19.48 54.75
C ARG H 194 8.67 19.98 56.13
N LYS H 195 8.90 21.26 56.42
CA LYS H 195 8.60 21.81 57.73
C LYS H 195 7.11 21.91 58.01
N HIS H 196 6.28 21.96 56.96
CA HIS H 196 4.84 22.11 57.11
C HIS H 196 4.08 20.83 56.79
N LEU H 197 4.79 19.72 56.57
CA LEU H 197 4.19 18.44 56.22
C LEU H 197 4.14 17.58 57.48
N ALA H 198 2.93 17.21 57.90
CA ALA H 198 2.76 16.51 59.16
C ALA H 198 1.55 15.58 59.07
N VAL H 199 1.68 14.43 59.72
CA VAL H 199 0.60 13.46 59.78
C VAL H 199 -0.50 13.98 60.71
N TYR H 200 -1.75 13.77 60.32
CA TYR H 200 -2.89 14.15 61.15
C TYR H 200 -3.70 12.92 61.53
N HIS H 201 -4.56 13.11 62.54
CA HIS H 201 -5.38 12.05 63.13
C HIS H 201 -6.84 12.46 62.95
N VAL H 202 -7.40 12.13 61.79
CA VAL H 202 -8.75 12.54 61.44
C VAL H 202 -9.76 11.72 62.23
N GLU H 203 -10.55 12.38 63.07
CA GLU H 203 -11.66 11.77 63.76
C GLU H 203 -12.92 11.99 62.95
N VAL H 204 -13.60 10.88 62.61
CA VAL H 204 -14.81 10.93 61.79
C VAL H 204 -16.02 10.95 62.70
N ILE H 205 -16.77 12.04 62.67
CA ILE H 205 -17.93 12.26 63.54
C ILE H 205 -19.19 12.11 62.70
N GLY H 206 -20.18 11.41 63.25
CA GLY H 206 -21.45 11.16 62.59
C GLY H 206 -21.98 9.80 62.97
N ASN H 207 -21.10 8.93 63.43
CA ASN H 207 -21.44 7.67 64.07
C ASN H 207 -21.18 7.77 65.57
N PRO H 208 -21.85 6.96 66.40
CA PRO H 208 -21.61 7.07 67.85
C PRO H 208 -20.24 6.57 68.28
N GLN H 209 -19.58 5.74 67.48
CA GLN H 209 -18.19 5.36 67.73
C GLN H 209 -17.32 5.96 66.64
N PRO H 210 -16.61 7.06 66.91
CA PRO H 210 -15.85 7.73 65.85
C PRO H 210 -14.61 6.94 65.44
N ILE H 211 -14.42 6.83 64.13
CA ILE H 211 -13.33 6.02 63.58
C ILE H 211 -12.13 6.91 63.23
N PRO H 212 -10.91 6.43 63.44
CA PRO H 212 -9.73 7.22 63.08
C PRO H 212 -9.21 6.92 61.68
N ILE H 213 -8.74 7.95 60.99
CA ILE H 213 -7.99 7.80 59.75
C ILE H 213 -6.72 8.63 59.87
N TRP H 214 -5.57 8.00 59.61
CA TRP H 214 -4.30 8.70 59.64
C TRP H 214 -3.94 9.18 58.24
N VAL H 215 -3.51 10.43 58.15
CA VAL H 215 -3.25 11.08 56.86
C VAL H 215 -2.25 12.20 57.10
N GLU H 216 -1.38 12.45 56.11
CA GLU H 216 -0.45 13.57 56.20
C GLU H 216 -0.98 14.74 55.39
N ALA H 217 -0.77 15.94 55.91
CA ALA H 217 -1.41 17.13 55.39
C ALA H 217 -0.55 18.34 55.69
N ILE H 218 -0.91 19.47 55.08
CA ILE H 218 -0.18 20.70 55.29
C ILE H 218 -0.79 21.46 56.46
N GLU H 219 0.05 21.83 57.43
CA GLU H 219 -0.38 22.61 58.58
C GLU H 219 -0.79 24.01 58.15
N PRO H 220 -1.68 24.66 58.89
CA PRO H 220 -1.95 26.08 58.62
C PRO H 220 -0.74 26.93 58.98
N GLY H 221 -0.60 28.04 58.25
CA GLY H 221 0.57 28.90 58.37
C GLY H 221 1.55 28.79 57.23
N ALA H 222 1.43 27.76 56.38
CA ALA H 222 2.27 27.63 55.21
C ALA H 222 1.77 28.53 54.10
N ALA H 223 2.69 28.95 53.22
CA ALA H 223 2.36 29.90 52.18
C ALA H 223 3.21 29.63 50.95
N THR H 224 2.56 29.34 49.82
CA THR H 224 3.19 29.23 48.52
C THR H 224 2.48 30.17 47.54
N ASP H 225 2.88 30.09 46.27
CA ASP H 225 2.40 31.00 45.26
C ASP H 225 2.03 30.27 43.97
N VAL H 226 0.78 30.46 43.55
CA VAL H 226 0.25 29.94 42.30
C VAL H 226 -0.03 31.11 41.38
N GLU H 227 0.25 30.95 40.09
CA GLU H 227 -0.08 31.99 39.12
C GLU H 227 -1.29 31.52 38.31
N ILE H 228 -2.31 32.38 38.25
CA ILE H 228 -3.57 32.10 37.57
C ILE H 228 -3.86 33.30 36.68
N HIS H 229 -4.10 33.04 35.40
CA HIS H 229 -4.46 34.13 34.51
C HIS H 229 -5.40 33.62 33.43
N VAL H 230 -6.27 34.53 32.97
CA VAL H 230 -7.22 34.24 31.89
C VAL H 230 -6.52 34.50 30.57
N ASP H 231 -6.65 33.56 29.63
CA ASP H 231 -6.16 33.77 28.27
C ASP H 231 -7.21 34.62 27.56
N THR H 232 -7.01 35.94 27.57
CA THR H 232 -8.04 36.87 27.14
C THR H 232 -8.27 36.85 25.63
N GLU H 233 -7.39 36.23 24.85
CA GLU H 233 -7.56 36.21 23.41
C GLU H 233 -8.42 35.02 22.96
N ALA H 234 -8.40 33.93 23.73
CA ALA H 234 -9.23 32.77 23.40
C ALA H 234 -10.72 33.04 23.53
N LEU H 235 -11.13 33.95 24.42
CA LEU H 235 -12.53 34.35 24.45
C LEU H 235 -12.87 35.30 23.32
N ARG H 236 -11.89 36.06 22.83
CA ARG H 236 -12.10 36.92 21.67
C ARG H 236 -12.28 36.11 20.40
N LEU H 237 -11.45 35.09 20.20
CA LEU H 237 -11.56 34.23 19.03
C LEU H 237 -12.82 33.36 19.07
N ASN H 238 -13.33 33.04 20.25
CA ASN H 238 -14.49 32.20 20.41
C ASN H 238 -15.72 32.98 20.87
N ALA H 239 -15.87 34.22 20.40
CA ALA H 239 -17.03 35.02 20.77
C ALA H 239 -18.32 34.47 20.16
N ASP H 240 -18.22 33.78 19.02
CA ASP H 240 -19.36 33.10 18.41
C ASP H 240 -19.44 31.63 18.78
N TYR H 241 -18.31 30.98 19.09
CA TYR H 241 -18.25 29.53 19.18
C TYR H 241 -18.61 28.98 20.55
N PHE H 242 -18.50 29.78 21.62
CA PHE H 242 -18.91 29.34 22.94
C PHE H 242 -20.43 29.27 23.04
N ASN H 243 -20.95 28.08 23.36
CA ASN H 243 -22.39 27.78 23.27
C ASN H 243 -22.84 27.18 24.59
N GLY H 244 -23.28 28.02 25.51
CA GLY H 244 -23.77 27.52 26.80
C GLY H 244 -24.38 28.63 27.61
N LEU H 245 -24.74 28.28 28.86
CA LEU H 245 -25.36 29.24 29.76
C LEU H 245 -24.35 30.14 30.47
N LEU H 246 -23.11 29.66 30.65
CA LEU H 246 -22.08 30.49 31.28
C LEU H 246 -21.68 31.63 30.34
N TRP H 247 -21.67 31.36 29.04
CA TRP H 247 -21.39 32.40 28.06
C TRP H 247 -22.54 33.39 27.96
N GLU H 248 -23.78 32.95 28.21
CA GLU H 248 -24.95 33.81 28.23
C GLU H 248 -25.10 34.55 29.56
N CYS H 249 -24.18 34.38 30.49
CA CYS H 249 -24.11 35.20 31.70
C CYS H 249 -22.99 36.22 31.65
N LEU H 250 -21.91 35.96 30.91
CA LEU H 250 -20.82 36.91 30.73
C LEU H 250 -21.19 38.09 29.84
N LYS H 251 -22.26 37.97 29.05
CA LYS H 251 -22.65 38.99 28.10
C LYS H 251 -23.41 40.15 28.73
N GLU H 252 -23.67 40.13 30.04
CA GLU H 252 -24.47 41.15 30.68
C GLU H 252 -23.73 41.95 31.73
N ARG H 253 -22.54 41.52 32.14
CA ARG H 253 -21.66 42.32 32.97
C ARG H 253 -20.77 43.25 32.15
N GLY H 254 -20.80 43.12 30.82
CA GLY H 254 -19.96 43.89 29.94
C GLY H 254 -19.64 43.10 28.68
N GLU H 255 -18.46 43.31 28.12
CA GLU H 255 -17.97 42.47 27.03
C GLU H 255 -17.74 41.06 27.56
N PRO H 256 -18.22 40.02 26.88
CA PRO H 256 -18.11 38.65 27.44
C PRO H 256 -16.70 38.07 27.41
N GLY H 257 -15.69 38.79 26.94
CA GLY H 257 -14.33 38.32 26.97
C GLY H 257 -13.41 39.23 27.76
N GLU H 258 -14.00 40.07 28.62
CA GLU H 258 -13.23 41.03 29.37
C GLU H 258 -13.62 40.97 30.85
N VAL H 259 -14.82 40.47 31.11
CA VAL H 259 -15.34 40.33 32.47
C VAL H 259 -15.42 38.86 32.89
N PHE H 260 -14.54 38.02 32.34
CA PHE H 260 -14.50 36.62 32.76
C PHE H 260 -13.79 36.47 34.10
N GLU H 261 -12.79 37.31 34.37
CA GLU H 261 -12.02 37.21 35.60
C GLU H 261 -12.75 37.84 36.79
N ASP H 262 -13.59 38.86 36.55
CA ASP H 262 -14.36 39.43 37.65
C ASP H 262 -15.59 38.59 37.95
N PHE H 263 -16.12 37.89 36.95
CA PHE H 263 -17.16 36.90 37.18
C PHE H 263 -16.59 35.65 37.85
N LEU H 264 -15.28 35.46 37.74
CA LEU H 264 -14.64 34.26 38.26
C LEU H 264 -14.59 34.27 39.78
N TRP H 265 -14.16 35.37 40.38
CA TRP H 265 -13.91 35.42 41.81
C TRP H 265 -15.11 35.86 42.63
N GLU H 266 -16.15 36.40 41.99
CA GLU H 266 -17.43 36.51 42.67
C GLU H 266 -18.08 35.15 42.83
N ALA H 267 -17.85 34.24 41.89
CA ALA H 267 -18.35 32.88 41.99
C ALA H 267 -17.66 32.10 43.11
N VAL H 268 -16.39 32.41 43.38
CA VAL H 268 -15.64 31.71 44.42
C VAL H 268 -16.13 32.14 45.80
N ASP H 269 -16.27 33.45 46.01
CA ASP H 269 -16.65 34.00 47.30
C ASP H 269 -18.11 33.80 47.66
N GLU H 270 -18.94 33.29 46.75
CA GLU H 270 -20.34 33.07 47.05
C GLU H 270 -20.77 31.61 46.99
N PHE H 271 -19.89 30.70 46.59
CA PHE H 271 -20.14 29.28 46.81
C PHE H 271 -19.52 28.80 48.10
N TYR H 272 -18.38 29.39 48.49
CA TYR H 272 -17.65 28.91 49.65
C TYR H 272 -17.89 29.77 50.90
N THR H 273 -18.73 30.80 50.79
CA THR H 273 -19.28 31.41 51.99
C THR H 273 -20.73 30.99 52.18
N ALA H 274 -21.36 30.45 51.14
CA ALA H 274 -22.67 29.84 51.29
C ALA H 274 -22.59 28.48 51.96
N VAL H 275 -21.43 27.83 51.91
CA VAL H 275 -21.24 26.59 52.65
C VAL H 275 -20.51 26.86 53.97
N MET H 276 -19.83 28.00 54.09
CA MET H 276 -19.19 28.37 55.34
C MET H 276 -20.22 28.69 56.42
N LYS H 277 -21.20 29.54 56.09
CA LYS H 277 -22.25 29.88 57.04
C LYS H 277 -23.23 28.73 57.26
N TYR H 278 -23.37 27.86 56.25
CA TYR H 278 -24.33 26.75 56.34
C TYR H 278 -23.92 25.73 57.41
N GLU H 279 -22.63 25.43 57.51
CA GLU H 279 -22.16 24.44 58.48
C GLU H 279 -22.21 24.93 59.92
N THR H 280 -22.42 26.23 60.15
CA THR H 280 -22.62 26.74 61.50
C THR H 280 -24.01 26.43 62.04
N ILE H 281 -24.96 26.07 61.18
CA ILE H 281 -26.28 25.61 61.65
C ILE H 281 -26.14 24.26 62.33
N GLU H 282 -25.38 23.35 61.72
CA GLU H 282 -25.08 22.07 62.36
C GLU H 282 -24.09 22.30 63.50
N VAL H 283 -24.23 21.52 64.57
CA VAL H 283 -23.35 21.60 65.73
C VAL H 283 -22.95 20.22 66.23
N GLN H 284 -23.05 19.19 65.38
CA GLN H 284 -22.69 17.83 65.78
C GLN H 284 -21.18 17.63 65.84
N LYS H 285 -20.40 18.51 65.22
CA LYS H 285 -18.96 18.40 65.29
C LYS H 285 -18.45 18.82 66.67
N PHE H 286 -17.43 18.10 67.14
CA PHE H 286 -16.80 18.25 68.46
C PHE H 286 -17.80 18.17 69.61
N SER H 291 -18.96 25.31 69.92
CA SER H 291 -17.69 24.80 70.42
C SER H 291 -16.51 25.42 69.68
N GLN H 292 -15.47 24.62 69.44
CA GLN H 292 -14.29 25.08 68.74
C GLN H 292 -14.52 25.25 67.24
N VAL H 293 -15.44 24.47 66.66
CA VAL H 293 -15.72 24.58 65.23
C VAL H 293 -16.43 25.89 64.91
N ARG H 294 -17.37 26.29 65.77
CA ARG H 294 -18.06 27.57 65.58
C ARG H 294 -17.13 28.75 65.80
N SER H 295 -16.17 28.62 66.72
CA SER H 295 -15.17 29.66 66.92
C SER H 295 -14.14 29.70 65.80
N PHE H 296 -14.06 28.65 64.98
CA PHE H 296 -13.18 28.66 63.82
C PHE H 296 -13.85 29.31 62.61
N TYR H 297 -15.14 28.99 62.39
CA TYR H 297 -15.87 29.57 61.26
C TYR H 297 -16.16 31.05 61.48
N ALA H 298 -16.27 31.49 62.74
CA ALA H 298 -16.41 32.91 63.02
C ALA H 298 -15.11 33.68 62.74
N SER H 299 -13.97 33.01 62.83
CA SER H 299 -12.69 33.63 62.53
C SER H 299 -12.34 33.60 61.05
N LEU H 300 -13.09 32.85 60.23
CA LEU H 300 -12.86 32.88 58.79
C LEU H 300 -13.39 34.17 58.16
N GLU H 301 -14.25 34.90 58.85
CA GLU H 301 -14.65 36.22 58.39
C GLU H 301 -13.70 37.26 58.98
N ASP H 302 -13.86 38.51 58.50
CA ASP H 302 -12.87 39.59 58.67
C ASP H 302 -11.49 39.11 58.21
N HIS H 303 -11.47 38.42 57.07
CA HIS H 303 -10.27 37.83 56.51
C HIS H 303 -10.28 38.12 55.02
N SER H 304 -9.51 39.14 54.61
CA SER H 304 -9.53 39.58 53.22
C SER H 304 -8.87 38.57 52.31
N GLY H 305 -9.48 38.34 51.16
CA GLY H 305 -9.04 37.36 50.21
C GLY H 305 -10.16 36.42 49.80
N HIS H 306 -9.87 35.61 48.78
CA HIS H 306 -10.85 34.72 48.18
C HIS H 306 -10.69 33.33 48.80
N VAL H 307 -11.78 32.81 49.36
CA VAL H 307 -11.76 31.59 50.16
C VAL H 307 -12.38 30.47 49.35
N LEU H 308 -11.73 29.30 49.34
CA LEU H 308 -12.26 28.14 48.64
C LEU H 308 -11.79 26.86 49.35
N ARG H 309 -12.46 25.75 49.03
CA ARG H 309 -12.12 24.45 49.59
C ARG H 309 -11.24 23.66 48.63
N LEU H 310 -10.38 22.82 49.20
CA LEU H 310 -9.53 21.93 48.42
C LEU H 310 -9.43 20.57 49.10
N GLY H 311 -9.25 19.53 48.29
CA GLY H 311 -8.70 18.29 48.79
C GLY H 311 -9.68 17.33 49.43
N TRP H 312 -9.13 16.54 50.36
CA TRP H 312 -9.77 15.35 50.91
C TRP H 312 -10.74 15.66 52.05
N GLY H 313 -10.70 16.86 52.62
CA GLY H 313 -11.60 17.17 53.72
C GLY H 313 -12.91 17.80 53.33
N SER H 314 -12.98 18.43 52.16
CA SER H 314 -14.20 19.10 51.72
C SER H 314 -15.23 18.05 51.31
N GLY H 315 -16.23 17.84 52.16
CA GLY H 315 -17.21 16.80 51.95
C GLY H 315 -18.18 17.08 50.81
N TRP H 316 -19.34 16.41 50.88
CA TRP H 316 -20.33 16.49 49.81
C TRP H 316 -20.95 17.89 49.69
N LEU H 317 -20.88 18.69 50.75
CA LEU H 317 -21.43 20.04 50.67
C LEU H 317 -20.51 21.00 49.94
N ALA H 318 -19.28 20.61 49.63
CA ALA H 318 -18.31 21.49 48.99
C ALA H 318 -17.69 20.90 47.72
N MET H 319 -18.26 19.80 47.20
CA MET H 319 -17.81 19.21 45.95
C MET H 319 -18.92 19.20 44.91
N THR H 320 -20.09 19.72 45.25
CA THR H 320 -21.33 19.34 44.59
C THR H 320 -22.23 20.58 44.50
N ILE H 321 -23.07 20.62 43.46
CA ILE H 321 -24.13 21.61 43.34
C ILE H 321 -25.14 21.50 44.50
N GLY H 322 -25.23 20.31 45.12
CA GLY H 322 -26.24 19.88 46.08
C GLY H 322 -26.45 20.77 47.29
N LEU H 323 -25.62 21.79 47.52
CA LEU H 323 -25.99 22.85 48.45
C LEU H 323 -27.22 23.60 47.95
N LEU H 324 -27.37 23.69 46.62
CA LEU H 324 -28.59 24.21 46.02
C LEU H 324 -29.74 23.20 46.11
N LEU H 325 -29.43 21.91 46.33
CA LEU H 325 -30.43 20.86 46.30
C LEU H 325 -30.93 20.48 47.69
N VAL H 326 -30.70 21.31 48.70
CA VAL H 326 -31.24 21.06 50.03
C VAL H 326 -32.63 21.66 50.17
N GLU H 327 -32.88 22.81 49.54
CA GLU H 327 -34.13 23.55 49.69
C GLU H 327 -35.31 22.88 48.98
N LYS H 328 -35.07 21.86 48.16
CA LYS H 328 -36.18 21.17 47.51
C LYS H 328 -36.96 20.32 48.51
N GLY H 329 -36.27 19.73 49.49
CA GLY H 329 -36.94 18.94 50.51
C GLY H 329 -37.14 17.50 50.10
N TYR H 330 -38.37 17.16 49.72
CA TYR H 330 -38.66 15.80 49.30
C TYR H 330 -38.30 15.53 47.85
N LYS H 331 -38.11 16.58 47.04
CA LYS H 331 -37.76 16.39 45.64
C LYS H 331 -36.33 15.91 45.46
N TRP H 332 -35.46 16.10 46.46
CA TRP H 332 -34.12 15.58 46.43
C TRP H 332 -33.91 14.41 47.39
N GLU H 333 -34.73 14.29 48.43
CA GLU H 333 -34.62 13.16 49.34
C GLU H 333 -35.19 11.89 48.71
N ASN H 334 -36.09 12.03 47.75
CA ASN H 334 -36.54 10.88 46.98
C ASN H 334 -35.53 10.52 45.89
N VAL H 335 -34.63 11.45 45.55
CA VAL H 335 -33.61 11.18 44.54
C VAL H 335 -32.29 10.75 45.17
N ARG H 336 -32.00 11.20 46.40
CA ARG H 336 -30.78 10.78 47.07
C ARG H 336 -30.83 9.31 47.46
N LYS H 337 -32.02 8.80 47.80
CA LYS H 337 -32.19 7.37 48.01
C LYS H 337 -32.23 6.59 46.69
N LYS H 338 -32.51 7.26 45.58
CA LYS H 338 -32.49 6.61 44.28
C LYS H 338 -31.10 6.62 43.67
N LEU H 339 -30.34 7.69 43.87
CA LEU H 339 -28.96 7.73 43.39
C LEU H 339 -28.07 6.85 44.27
N GLY H 340 -28.08 7.09 45.58
CA GLY H 340 -27.39 6.23 46.52
C GLY H 340 -26.55 6.97 47.53
N LEU H 341 -26.84 6.75 48.81
CA LEU H 341 -26.08 7.31 49.92
C LEU H 341 -26.36 6.47 51.16
N GLY H 342 -25.30 5.91 51.73
CA GLY H 342 -25.45 5.09 52.91
C GLY H 342 -25.71 3.63 52.60
N LYS H 343 -24.84 2.75 53.11
CA LYS H 343 -24.95 1.32 52.87
C LYS H 343 -24.20 0.59 53.97
N LYS H 344 -24.03 -0.72 53.78
CA LYS H 344 -23.35 -1.65 54.69
C LYS H 344 -23.93 -1.63 56.11
N ARG H 352 -30.24 11.93 57.62
CA ARG H 352 -29.05 12.69 57.27
C ARG H 352 -28.29 12.00 56.14
N GLU H 353 -29.02 11.68 55.06
CA GLU H 353 -28.56 10.88 53.93
C GLU H 353 -27.26 11.36 53.30
N PHE H 354 -27.18 12.63 52.97
CA PHE H 354 -25.90 13.25 52.57
C PHE H 354 -25.00 13.71 53.73
N PRO H 355 -25.43 14.61 54.69
CA PRO H 355 -24.43 15.35 55.48
C PRO H 355 -23.93 14.67 56.74
N LYS H 356 -24.09 13.36 56.86
CA LYS H 356 -23.85 12.68 58.14
C LYS H 356 -22.37 12.67 58.52
N THR H 357 -21.48 12.42 57.56
CA THR H 357 -20.05 12.31 57.84
C THR H 357 -19.43 13.70 58.00
N ARG H 358 -18.62 13.87 59.05
CA ARG H 358 -17.85 15.09 59.27
C ARG H 358 -16.42 14.72 59.59
N ARG H 359 -15.53 14.87 58.61
CA ARG H 359 -14.12 14.54 58.75
C ARG H 359 -13.34 15.81 59.07
N LEU H 360 -12.80 15.89 60.29
CA LEU H 360 -12.00 17.03 60.72
C LEU H 360 -10.83 16.55 61.57
N ALA H 361 -9.66 17.13 61.31
CA ALA H 361 -8.42 16.72 61.96
C ALA H 361 -8.05 17.71 63.05
N ASP H 362 -7.81 17.18 64.26
CA ASP H 362 -7.40 17.93 65.45
C ASP H 362 -8.40 19.04 65.81
N GLY H 363 -9.68 18.75 65.64
CA GLY H 363 -10.72 19.69 66.01
C GLY H 363 -10.83 20.91 65.13
N MET H 364 -10.30 20.84 63.90
CA MET H 364 -10.41 21.92 62.94
C MET H 364 -10.92 21.34 61.61
N PRO H 365 -11.92 21.97 60.99
CA PRO H 365 -12.36 21.52 59.65
C PRO H 365 -11.27 21.69 58.61
N MET H 366 -10.92 20.61 57.93
CA MET H 366 -9.74 20.60 57.09
C MET H 366 -10.08 20.94 55.64
N GLY H 367 -9.21 21.71 55.01
CA GLY H 367 -9.34 22.04 53.60
C GLY H 367 -9.73 23.47 53.30
N TRP H 368 -9.25 24.43 54.08
CA TRP H 368 -9.57 25.85 53.87
C TRP H 368 -8.33 26.59 53.40
N VAL H 369 -8.34 27.02 52.14
CA VAL H 369 -7.23 27.74 51.52
C VAL H 369 -7.78 29.08 51.01
N VAL H 370 -7.06 30.16 51.32
CA VAL H 370 -7.50 31.52 50.98
C VAL H 370 -6.54 32.09 49.94
N LEU H 371 -7.07 32.39 48.76
CA LEU H 371 -6.34 33.07 47.69
C LEU H 371 -6.58 34.57 47.75
N GLU H 372 -5.72 35.32 47.07
CA GLU H 372 -5.92 36.76 46.87
C GLU H 372 -5.23 37.24 45.61
#